data_8TUP
#
_entry.id   8TUP
#
_cell.length_a   1.00
_cell.length_b   1.00
_cell.length_c   1.00
_cell.angle_alpha   90.00
_cell.angle_beta   90.00
_cell.angle_gamma   90.00
#
_symmetry.space_group_name_H-M   'P 1'
#
loop_
_entity.id
_entity.type
_entity.pdbx_description
1 polymer 'Magnesium transporter MRS2 homolog, mitochondrial'
2 non-polymer 'MAGNESIUM ION'
3 water water
#
_entity_poly.entity_id   1
_entity_poly.type   'polypeptide(L)'
_entity_poly.pdbx_seq_one_letter_code
;MECLRSLPCLLPRAMRLPRRTLCALALDVTSVGPPVAACGRRANLIGRSRAAQLCGPDRLRVAGEVHRFRTSDVSQATLA
SVAPVFTVTKFDKQGNVTSFERKKTELYQELGLQARDLRFQHVMSITVRNNRIIMRMEYLKAVITPECLLILDYRNLNLE
QWLFRELPSQLSGEGQLVTYPLPFEFRAIEALLQYWINTLQGKLSILQPLILETLDALVDPKHSSVDRSKLHILLQNGKS
LSELETDIKIFKESILEILDEEELLEELCVSKWSDPQVFEKSSAGIDHAEEMELLLENYYRLADDLSNAARELRVLIDDS
QSIIFINLDSHRNVMMRLNLQLTMGTFSLSLFGLMGVAFGMNLESSLEEDHRIFWLITGIMFMGSGLIWRRLLSFLGRQL
EAPLPPMMASLPKKTLLADRSMELKNSLRLDGLGSGRSILTNRDYKDDDDK
;
_entity_poly.pdbx_strand_id   A,B,C,D,E
#
loop_
_chem_comp.id
_chem_comp.type
_chem_comp.name
_chem_comp.formula
MG non-polymer 'MAGNESIUM ION' 'Mg 2'
#
# COMPACT_ATOMS: atom_id res chain seq x y z
N ALA A 83 19.37 -45.89 -8.04
CA ALA A 83 19.39 -45.25 -9.35
C ALA A 83 18.07 -44.53 -9.62
N PRO A 84 18.10 -43.20 -9.63
CA PRO A 84 16.88 -42.44 -9.93
C PRO A 84 16.40 -42.72 -11.35
N VAL A 85 15.07 -42.68 -11.51
CA VAL A 85 14.45 -43.07 -12.77
C VAL A 85 13.41 -42.03 -13.16
N PHE A 86 13.05 -42.03 -14.44
CA PHE A 86 12.05 -41.13 -14.99
C PHE A 86 10.94 -41.93 -15.67
N THR A 87 9.71 -41.45 -15.54
CA THR A 87 8.57 -42.00 -16.25
C THR A 87 8.29 -41.09 -17.44
N VAL A 88 8.49 -41.62 -18.65
CA VAL A 88 8.49 -40.82 -19.88
C VAL A 88 7.31 -41.23 -20.73
N THR A 89 6.56 -40.24 -21.21
CA THR A 89 5.50 -40.43 -22.19
C THR A 89 5.91 -39.74 -23.48
N LYS A 90 6.15 -40.53 -24.52
CA LYS A 90 6.71 -40.04 -25.77
C LYS A 90 5.61 -39.88 -26.82
N PHE A 91 5.52 -38.69 -27.40
CA PHE A 91 4.59 -38.40 -28.48
C PHE A 91 5.38 -38.17 -29.76
N ASP A 92 5.07 -38.94 -30.79
CA ASP A 92 5.75 -38.80 -32.07
C ASP A 92 5.08 -37.72 -32.92
N LYS A 93 5.63 -37.48 -34.11
CA LYS A 93 5.07 -36.49 -35.01
C LYS A 93 3.70 -36.88 -35.54
N GLN A 94 3.37 -38.18 -35.51
CA GLN A 94 2.09 -38.67 -36.00
C GLN A 94 1.04 -38.79 -34.91
N GLY A 95 1.35 -38.35 -33.69
CA GLY A 95 0.43 -38.43 -32.58
C GLY A 95 0.45 -39.74 -31.83
N ASN A 96 1.34 -40.67 -32.18
CA ASN A 96 1.43 -41.93 -31.48
C ASN A 96 1.92 -41.72 -30.05
N VAL A 97 1.32 -42.46 -29.12
CA VAL A 97 1.64 -42.34 -27.70
C VAL A 97 2.30 -43.64 -27.26
N THR A 98 3.54 -43.53 -26.79
CA THR A 98 4.29 -44.67 -26.28
C THR A 98 4.80 -44.33 -24.88
N SER A 99 4.48 -45.17 -23.91
CA SER A 99 4.92 -44.99 -22.53
C SER A 99 5.88 -46.11 -22.17
N PHE A 100 7.08 -45.75 -21.71
CA PHE A 100 8.09 -46.71 -21.32
C PHE A 100 8.70 -46.27 -20.00
N GLU A 101 9.78 -46.94 -19.60
CA GLU A 101 10.36 -46.77 -18.27
C GLU A 101 11.88 -46.79 -18.42
N ARG A 102 12.50 -45.61 -18.36
CA ARG A 102 13.91 -45.47 -18.64
C ARG A 102 14.61 -44.72 -17.50
N LYS A 103 15.84 -45.12 -17.22
CA LYS A 103 16.62 -44.51 -16.16
C LYS A 103 17.09 -43.11 -16.55
N LYS A 104 17.39 -42.30 -15.54
CA LYS A 104 17.84 -40.93 -15.79
C LYS A 104 19.18 -40.90 -16.51
N THR A 105 20.12 -41.75 -16.09
CA THR A 105 21.44 -41.75 -16.73
C THR A 105 21.36 -42.14 -18.19
N GLU A 106 20.54 -43.16 -18.51
CA GLU A 106 20.36 -43.54 -19.91
C GLU A 106 19.58 -42.48 -20.68
N LEU A 107 18.63 -41.82 -20.02
CA LEU A 107 17.88 -40.75 -20.67
C LEU A 107 18.77 -39.57 -21.04
N TYR A 108 19.76 -39.26 -20.20
CA TYR A 108 20.69 -38.18 -20.53
C TYR A 108 21.46 -38.50 -21.81
N GLN A 109 21.95 -39.73 -21.94
CA GLN A 109 22.66 -40.12 -23.16
C GLN A 109 21.72 -40.13 -24.36
N GLU A 110 20.49 -40.62 -24.18
CA GLU A 110 19.55 -40.68 -25.30
C GLU A 110 19.20 -39.28 -25.79
N LEU A 111 18.97 -38.35 -24.86
CA LEU A 111 18.58 -36.99 -25.23
C LEU A 111 19.77 -36.09 -25.53
N GLY A 112 21.00 -36.55 -25.28
CA GLY A 112 22.16 -35.71 -25.45
C GLY A 112 22.22 -34.55 -24.48
N LEU A 113 21.90 -34.79 -23.21
CA LEU A 113 21.89 -33.77 -22.17
C LEU A 113 22.73 -34.25 -21.00
N GLN A 114 22.75 -33.43 -19.95
CA GLN A 114 23.44 -33.75 -18.71
C GLN A 114 22.46 -33.64 -17.55
N ALA A 115 22.88 -34.15 -16.39
CA ALA A 115 22.00 -34.19 -15.23
C ALA A 115 21.62 -32.78 -14.78
N ARG A 116 22.48 -31.80 -15.00
CA ARG A 116 22.18 -30.44 -14.56
C ARG A 116 21.06 -29.81 -15.36
N ASP A 117 20.86 -30.25 -16.61
CA ASP A 117 19.78 -29.70 -17.43
C ASP A 117 18.41 -30.18 -16.95
N LEU A 118 18.29 -31.48 -16.69
CA LEU A 118 17.02 -32.08 -16.26
C LEU A 118 16.91 -32.15 -14.75
N ARG A 119 17.09 -31.02 -14.08
CA ARG A 119 16.94 -30.97 -12.63
C ARG A 119 15.53 -30.59 -12.22
N PHE A 120 14.88 -29.70 -12.97
CA PHE A 120 13.50 -29.29 -12.72
C PHE A 120 13.33 -28.75 -11.30
N GLN A 121 14.18 -27.80 -10.94
CA GLN A 121 14.12 -27.17 -9.63
C GLN A 121 13.34 -25.86 -9.63
N HIS A 122 12.83 -25.43 -10.77
CA HIS A 122 12.08 -24.19 -10.88
C HIS A 122 10.64 -24.49 -11.26
N VAL A 123 9.70 -23.83 -10.58
CA VAL A 123 8.29 -24.08 -10.83
C VAL A 123 7.89 -23.62 -12.23
N MET A 124 8.47 -22.52 -12.69
CA MET A 124 8.20 -21.98 -14.03
C MET A 124 9.53 -21.69 -14.71
N SER A 125 9.85 -22.48 -15.73
CA SER A 125 11.10 -22.29 -16.47
C SER A 125 10.94 -22.85 -17.87
N ILE A 126 11.42 -22.11 -18.86
CA ILE A 126 11.43 -22.53 -20.25
C ILE A 126 12.84 -22.28 -20.78
N THR A 127 13.60 -23.36 -20.97
CA THR A 127 14.99 -23.25 -21.40
C THR A 127 15.24 -24.17 -22.58
N VAL A 128 16.24 -23.82 -23.39
CA VAL A 128 16.65 -24.60 -24.55
C VAL A 128 18.10 -24.98 -24.33
N ARG A 129 18.34 -26.24 -24.00
CA ARG A 129 19.69 -26.75 -23.74
C ARG A 129 20.01 -27.84 -24.75
N ASN A 130 21.14 -27.66 -25.45
CA ASN A 130 21.62 -28.64 -26.44
C ASN A 130 20.53 -28.98 -27.46
N ASN A 131 19.90 -27.94 -28.00
CA ASN A 131 18.87 -28.07 -29.03
C ASN A 131 17.68 -28.89 -28.54
N ARG A 132 17.42 -28.85 -27.23
CA ARG A 132 16.27 -29.51 -26.63
C ARG A 132 15.54 -28.50 -25.76
N ILE A 133 14.24 -28.34 -25.97
CA ILE A 133 13.44 -27.38 -25.23
C ILE A 133 12.99 -28.04 -23.94
N ILE A 134 13.62 -27.66 -22.83
CA ILE A 134 13.29 -28.17 -21.51
C ILE A 134 12.45 -27.12 -20.80
N MET A 135 11.19 -27.43 -20.56
CA MET A 135 10.26 -26.48 -19.97
C MET A 135 9.41 -27.18 -18.91
N ARG A 136 9.15 -26.48 -17.82
CA ARG A 136 8.45 -27.05 -16.66
C ARG A 136 7.41 -26.07 -16.16
N MET A 137 6.24 -26.59 -15.81
CA MET A 137 5.15 -25.80 -15.23
C MET A 137 4.63 -26.56 -14.01
N GLU A 138 5.18 -26.22 -12.84
CA GLU A 138 4.79 -26.85 -11.58
C GLU A 138 4.93 -28.37 -11.66
N TYR A 139 3.82 -29.07 -11.86
CA TYR A 139 3.82 -30.52 -11.95
C TYR A 139 3.98 -31.03 -13.37
N LEU A 140 4.04 -30.14 -14.36
CA LEU A 140 4.13 -30.52 -15.77
C LEU A 140 5.57 -30.32 -16.21
N LYS A 141 6.32 -31.43 -16.32
CA LYS A 141 7.70 -31.42 -16.78
C LYS A 141 7.75 -32.08 -18.15
N ALA A 142 8.26 -31.35 -19.14
CA ALA A 142 8.29 -31.85 -20.51
C ALA A 142 9.57 -31.41 -21.19
N VAL A 143 10.04 -32.24 -22.12
CA VAL A 143 11.20 -31.96 -22.95
C VAL A 143 10.79 -32.15 -24.40
N ILE A 144 11.04 -31.13 -25.22
CA ILE A 144 10.63 -31.14 -26.62
C ILE A 144 11.84 -31.40 -27.50
N THR A 145 11.74 -32.43 -28.35
CA THR A 145 12.78 -32.81 -29.28
C THR A 145 12.30 -32.58 -30.70
N PRO A 146 13.22 -32.50 -31.67
CA PRO A 146 12.81 -32.23 -33.06
C PRO A 146 11.77 -33.18 -33.60
N GLU A 147 11.84 -34.45 -33.19
CA GLU A 147 10.97 -35.48 -33.72
C GLU A 147 10.00 -36.07 -32.70
N CYS A 148 10.07 -35.67 -31.44
CA CYS A 148 9.20 -36.24 -30.42
C CYS A 148 9.05 -35.28 -29.25
N LEU A 149 8.03 -35.52 -28.44
CA LEU A 149 7.77 -34.77 -27.22
C LEU A 149 7.67 -35.75 -26.06
N LEU A 150 8.40 -35.46 -24.97
CA LEU A 150 8.46 -36.34 -23.81
C LEU A 150 7.83 -35.65 -22.61
N ILE A 151 7.00 -36.38 -21.87
CA ILE A 151 6.40 -35.90 -20.63
C ILE A 151 7.01 -36.71 -19.49
N LEU A 152 7.61 -36.02 -18.53
CA LEU A 152 8.33 -36.67 -17.44
C LEU A 152 7.59 -36.49 -16.12
N ASP A 153 7.50 -37.57 -15.35
CA ASP A 153 6.86 -37.57 -14.04
C ASP A 153 5.40 -37.12 -14.15
N TYR A 154 4.61 -37.91 -14.88
CA TYR A 154 3.21 -37.60 -15.14
C TYR A 154 2.25 -38.45 -14.33
N ARG A 155 2.71 -39.50 -13.66
CA ARG A 155 1.81 -40.41 -12.98
C ARG A 155 1.22 -39.79 -11.73
N ASN A 156 -0.03 -40.13 -11.44
CA ASN A 156 -0.73 -39.70 -10.24
C ASN A 156 -0.77 -38.18 -10.11
N LEU A 157 -1.03 -37.50 -11.25
CA LEU A 157 -1.14 -36.05 -11.25
C LEU A 157 -2.31 -35.57 -12.10
N ASN A 158 -3.32 -36.43 -12.28
CA ASN A 158 -4.53 -36.10 -13.03
C ASN A 158 -4.21 -35.66 -14.46
N LEU A 159 -3.20 -36.30 -15.06
CA LEU A 159 -2.82 -36.05 -16.44
C LEU A 159 -3.15 -37.23 -17.36
N GLU A 160 -3.99 -38.15 -16.90
CA GLU A 160 -4.32 -39.35 -17.65
C GLU A 160 -5.41 -39.13 -18.68
N GLN A 161 -6.07 -37.97 -18.67
CA GLN A 161 -7.11 -37.64 -19.64
C GLN A 161 -6.61 -36.78 -20.78
N TRP A 162 -5.93 -35.67 -20.47
CA TRP A 162 -5.42 -34.80 -21.52
C TRP A 162 -4.35 -35.49 -22.35
N LEU A 163 -3.43 -36.22 -21.70
CA LEU A 163 -2.27 -36.78 -22.40
C LEU A 163 -2.68 -37.79 -23.46
N PHE A 164 -3.72 -38.58 -23.23
CA PHE A 164 -4.09 -39.66 -24.13
C PHE A 164 -5.38 -39.39 -24.90
N ARG A 165 -6.00 -38.22 -24.72
CA ARG A 165 -7.23 -37.91 -25.44
C ARG A 165 -7.29 -36.51 -26.03
N GLU A 166 -6.41 -35.60 -25.64
CA GLU A 166 -6.39 -34.25 -26.20
C GLU A 166 -5.07 -33.89 -26.84
N LEU A 167 -3.95 -34.20 -26.20
CA LEU A 167 -2.64 -33.89 -26.78
C LEU A 167 -2.38 -34.57 -28.11
N PRO A 168 -2.68 -35.86 -28.31
CA PRO A 168 -2.45 -36.45 -29.63
C PRO A 168 -3.22 -35.78 -30.75
N SER A 169 -4.44 -35.33 -30.48
CA SER A 169 -5.23 -34.65 -31.51
C SER A 169 -4.58 -33.34 -31.92
N GLN A 170 -4.07 -32.57 -30.95
CA GLN A 170 -3.44 -31.30 -31.26
C GLN A 170 -2.09 -31.52 -31.95
N LEU A 171 -1.35 -32.54 -31.53
CA LEU A 171 -0.03 -32.80 -32.10
C LEU A 171 -0.09 -33.47 -33.47
N SER A 172 -1.21 -34.09 -33.82
CA SER A 172 -1.32 -34.76 -35.10
C SER A 172 -1.51 -33.79 -36.26
N GLY A 173 -1.91 -32.54 -35.98
CA GLY A 173 -2.10 -31.57 -37.04
C GLY A 173 -3.35 -31.75 -37.86
N GLU A 174 -4.30 -32.54 -37.38
CA GLU A 174 -5.55 -32.74 -38.12
C GLU A 174 -6.35 -31.46 -38.16
N GLY A 175 -7.02 -31.22 -39.29
CA GLY A 175 -7.80 -30.01 -39.45
C GLY A 175 -6.91 -28.78 -39.52
N GLN A 176 -7.46 -27.66 -39.03
CA GLN A 176 -6.76 -26.38 -38.99
C GLN A 176 -6.33 -25.93 -40.38
N LEU A 177 -5.41 -24.97 -40.44
CA LEU A 177 -4.91 -24.45 -41.71
C LEU A 177 -3.77 -25.33 -42.19
N VAL A 178 -3.96 -25.98 -43.35
CA VAL A 178 -2.94 -26.85 -43.92
C VAL A 178 -2.01 -26.10 -44.88
N THR A 179 -2.24 -24.81 -45.11
CA THR A 179 -1.41 -24.04 -46.03
C THR A 179 -0.07 -23.64 -45.42
N TYR A 180 0.11 -23.77 -44.12
CA TYR A 180 1.35 -23.40 -43.45
C TYR A 180 1.54 -24.26 -42.22
N PRO A 181 2.02 -25.51 -42.40
CA PRO A 181 2.25 -26.40 -41.26
C PRO A 181 3.60 -26.09 -40.61
N LEU A 182 3.56 -25.67 -39.35
CA LEU A 182 4.76 -25.34 -38.61
C LEU A 182 5.41 -26.61 -38.07
N PRO A 183 6.70 -26.56 -37.73
CA PRO A 183 7.38 -27.75 -37.22
C PRO A 183 6.78 -28.25 -35.92
N PHE A 184 7.26 -29.42 -35.50
CA PHE A 184 6.69 -30.10 -34.35
C PHE A 184 6.90 -29.32 -33.06
N GLU A 185 8.07 -28.66 -32.93
CA GLU A 185 8.34 -27.93 -31.70
C GLU A 185 7.36 -26.79 -31.48
N PHE A 186 6.95 -26.11 -32.55
CA PHE A 186 5.96 -25.05 -32.42
C PHE A 186 4.63 -25.59 -31.88
N ARG A 187 4.15 -26.70 -32.44
CA ARG A 187 2.91 -27.29 -31.96
C ARG A 187 3.02 -27.78 -30.53
N ALA A 188 4.16 -28.37 -30.15
CA ALA A 188 4.34 -28.83 -28.78
C ALA A 188 4.34 -27.67 -27.79
N ILE A 189 5.07 -26.59 -28.12
CA ILE A 189 5.09 -25.42 -27.24
C ILE A 189 3.69 -24.82 -27.13
N GLU A 190 2.98 -24.71 -28.26
CA GLU A 190 1.64 -24.15 -28.23
C GLU A 190 0.71 -25.00 -27.38
N ALA A 191 0.79 -26.33 -27.52
CA ALA A 191 -0.08 -27.22 -26.74
C ALA A 191 0.21 -27.11 -25.25
N LEU A 192 1.49 -27.11 -24.86
CA LEU A 192 1.82 -27.02 -23.44
C LEU A 192 1.41 -25.67 -22.86
N LEU A 193 1.67 -24.58 -23.59
CA LEU A 193 1.29 -23.26 -23.12
C LEU A 193 -0.23 -23.14 -22.99
N GLN A 194 -0.97 -23.68 -23.97
CA GLN A 194 -2.43 -23.66 -23.89
C GLN A 194 -2.94 -24.49 -22.73
N TYR A 195 -2.33 -25.64 -22.47
CA TYR A 195 -2.75 -26.44 -21.32
C TYR A 195 -2.53 -25.69 -20.02
N TRP A 196 -1.38 -25.03 -19.87
CA TRP A 196 -1.15 -24.29 -18.63
C TRP A 196 -2.09 -23.09 -18.51
N ILE A 197 -2.34 -22.38 -19.61
CA ILE A 197 -3.27 -21.26 -19.55
C ILE A 197 -4.68 -21.73 -19.25
N ASN A 198 -5.08 -22.91 -19.74
CA ASN A 198 -6.38 -23.48 -19.41
C ASN A 198 -6.48 -23.87 -17.95
N THR A 199 -5.42 -24.45 -17.39
CA THR A 199 -5.44 -24.78 -15.96
C THR A 199 -5.51 -23.51 -15.11
N LEU A 200 -4.78 -22.47 -15.49
CA LEU A 200 -4.86 -21.21 -14.75
C LEU A 200 -6.25 -20.60 -14.86
N GLN A 201 -6.85 -20.64 -16.06
CA GLN A 201 -8.19 -20.13 -16.23
C GLN A 201 -9.20 -20.92 -15.40
N GLY A 202 -9.04 -22.25 -15.33
CA GLY A 202 -9.92 -23.04 -14.49
C GLY A 202 -9.77 -22.72 -13.02
N LYS A 203 -8.53 -22.53 -12.56
CA LYS A 203 -8.31 -22.13 -11.17
C LYS A 203 -8.98 -20.80 -10.88
N LEU A 204 -8.84 -19.82 -11.77
CA LEU A 204 -9.48 -18.53 -11.57
C LEU A 204 -11.00 -18.62 -11.60
N SER A 205 -11.56 -19.38 -12.54
CA SER A 205 -13.01 -19.51 -12.66
C SER A 205 -13.61 -20.39 -11.58
N ILE A 206 -12.79 -21.13 -10.84
CA ILE A 206 -13.25 -21.81 -9.63
C ILE A 206 -13.15 -20.89 -8.41
N LEU A 207 -12.09 -20.10 -8.32
CA LEU A 207 -11.91 -19.21 -7.17
C LEU A 207 -12.91 -18.06 -7.17
N GLN A 208 -13.21 -17.51 -8.35
CA GLN A 208 -14.02 -16.30 -8.41
C GLN A 208 -15.44 -16.49 -7.86
N PRO A 209 -16.21 -17.50 -8.27
CA PRO A 209 -17.56 -17.64 -7.69
C PRO A 209 -17.58 -17.85 -6.20
N LEU A 210 -16.64 -18.64 -5.67
CA LEU A 210 -16.60 -18.86 -4.22
C LEU A 210 -16.31 -17.57 -3.47
N ILE A 211 -15.34 -16.78 -3.95
CA ILE A 211 -15.01 -15.52 -3.30
C ILE A 211 -16.19 -14.56 -3.38
N LEU A 212 -16.85 -14.49 -4.54
CA LEU A 212 -17.99 -13.60 -4.69
C LEU A 212 -19.13 -14.00 -3.76
N GLU A 213 -19.44 -15.29 -3.67
CA GLU A 213 -20.54 -15.74 -2.82
C GLU A 213 -20.19 -15.60 -1.34
N THR A 214 -18.91 -15.68 -0.99
CA THR A 214 -18.52 -15.47 0.40
C THR A 214 -18.60 -13.99 0.78
N LEU A 215 -18.17 -13.11 -0.13
CA LEU A 215 -18.19 -11.68 0.16
C LEU A 215 -19.60 -11.08 0.05
N ASP A 216 -20.50 -11.72 -0.69
CA ASP A 216 -21.86 -11.22 -0.81
C ASP A 216 -22.72 -11.50 0.43
N ALA A 217 -22.26 -12.37 1.32
CA ALA A 217 -23.00 -12.68 2.54
C ALA A 217 -22.53 -11.87 3.74
N LEU A 218 -21.22 -11.69 3.90
CA LEU A 218 -20.71 -10.90 5.02
C LEU A 218 -21.01 -9.41 4.84
N VAL A 219 -21.02 -8.94 3.59
CA VAL A 219 -21.27 -7.52 3.33
C VAL A 219 -22.70 -7.15 3.68
N ASP A 220 -23.65 -8.05 3.46
CA ASP A 220 -25.06 -7.76 3.66
C ASP A 220 -25.33 -7.29 5.09
N PRO A 221 -25.97 -6.13 5.30
CA PRO A 221 -26.22 -5.61 6.65
C PRO A 221 -27.54 -6.07 7.25
N LYS A 222 -27.73 -7.39 7.30
CA LYS A 222 -28.92 -7.97 7.90
C LYS A 222 -28.63 -8.72 9.19
N HIS A 223 -27.37 -8.75 9.62
CA HIS A 223 -26.98 -9.42 10.85
C HIS A 223 -26.04 -8.53 11.65
N SER A 224 -26.12 -8.64 12.97
CA SER A 224 -25.24 -7.86 13.83
C SER A 224 -23.78 -8.27 13.64
N SER A 225 -23.53 -9.57 13.53
CA SER A 225 -22.19 -10.11 13.33
C SER A 225 -22.13 -10.82 11.99
N VAL A 226 -20.94 -11.31 11.65
CA VAL A 226 -20.72 -12.06 10.42
C VAL A 226 -20.51 -13.53 10.78
N ASP A 227 -20.84 -14.40 9.83
CA ASP A 227 -20.68 -15.83 10.02
C ASP A 227 -19.20 -16.18 10.19
N ARG A 228 -18.83 -16.64 11.39
CA ARG A 228 -17.42 -16.92 11.67
C ARG A 228 -16.92 -18.12 10.89
N SER A 229 -17.83 -19.00 10.44
CA SER A 229 -17.42 -20.16 9.65
C SER A 229 -16.91 -19.75 8.28
N LYS A 230 -17.52 -18.73 7.68
CA LYS A 230 -17.14 -18.27 6.36
C LYS A 230 -15.85 -17.45 6.36
N LEU A 231 -15.40 -16.97 7.52
CA LEU A 231 -14.14 -16.25 7.57
C LEU A 231 -12.96 -17.14 7.20
N HIS A 232 -12.96 -18.39 7.66
CA HIS A 232 -11.91 -19.33 7.28
C HIS A 232 -11.95 -19.63 5.79
N ILE A 233 -13.15 -19.76 5.22
CA ILE A 233 -13.27 -19.96 3.78
C ILE A 233 -12.70 -18.77 3.02
N LEU A 234 -13.00 -17.55 3.49
CA LEU A 234 -12.44 -16.36 2.86
C LEU A 234 -10.92 -16.32 2.97
N LEU A 235 -10.38 -16.71 4.12
CA LEU A 235 -8.91 -16.71 4.28
C LEU A 235 -8.26 -17.73 3.35
N GLN A 236 -8.83 -18.94 3.26
CA GLN A 236 -8.27 -19.94 2.36
C GLN A 236 -8.38 -19.51 0.90
N ASN A 237 -9.50 -18.88 0.53
CA ASN A 237 -9.66 -18.40 -0.83
C ASN A 237 -8.67 -17.28 -1.14
N GLY A 238 -8.41 -16.40 -0.17
CA GLY A 238 -7.40 -15.38 -0.36
C GLY A 238 -6.01 -15.94 -0.52
N LYS A 239 -5.66 -16.96 0.27
CA LYS A 239 -4.37 -17.61 0.10
C LYS A 239 -4.24 -18.27 -1.27
N SER A 240 -5.31 -18.95 -1.71
CA SER A 240 -5.29 -19.57 -3.03
C SER A 240 -5.19 -18.52 -4.13
N LEU A 241 -5.85 -17.37 -3.95
CA LEU A 241 -5.75 -16.30 -4.93
C LEU A 241 -4.34 -15.72 -4.99
N SER A 242 -3.68 -15.58 -3.83
CA SER A 242 -2.31 -15.12 -3.83
C SER A 242 -1.39 -16.10 -4.55
N GLU A 243 -1.57 -17.40 -4.30
CA GLU A 243 -0.77 -18.40 -5.00
C GLU A 243 -1.03 -18.38 -6.51
N LEU A 244 -2.29 -18.23 -6.91
CA LEU A 244 -2.61 -18.14 -8.33
C LEU A 244 -2.01 -16.91 -8.97
N GLU A 245 -2.04 -15.77 -8.26
CA GLU A 245 -1.41 -14.56 -8.76
C GLU A 245 0.09 -14.75 -8.95
N THR A 246 0.74 -15.42 -7.99
CA THR A 246 2.17 -15.70 -8.15
C THR A 246 2.43 -16.61 -9.35
N ASP A 247 1.58 -17.63 -9.54
CA ASP A 247 1.75 -18.52 -10.67
C ASP A 247 1.61 -17.78 -12.00
N ILE A 248 0.60 -16.93 -12.11
CA ILE A 248 0.41 -16.18 -13.35
C ILE A 248 1.54 -15.18 -13.56
N LYS A 249 2.04 -14.57 -12.48
CA LYS A 249 3.15 -13.64 -12.59
C LYS A 249 4.40 -14.33 -13.09
N ILE A 250 4.74 -15.50 -12.55
CA ILE A 250 5.93 -16.20 -13.01
C ILE A 250 5.75 -16.76 -14.41
N PHE A 251 4.53 -17.16 -14.80
CA PHE A 251 4.28 -17.56 -16.19
C PHE A 251 4.51 -16.38 -17.14
N LYS A 252 3.99 -15.21 -16.79
CA LYS A 252 4.23 -14.02 -17.60
C LYS A 252 5.69 -13.68 -17.69
N GLU A 253 6.41 -13.77 -16.57
CA GLU A 253 7.85 -13.49 -16.59
C GLU A 253 8.61 -14.47 -17.48
N SER A 254 8.24 -15.76 -17.40
CA SER A 254 8.92 -16.76 -18.22
C SER A 254 8.67 -16.52 -19.71
N ILE A 255 7.45 -16.14 -20.08
CA ILE A 255 7.18 -15.86 -21.48
C ILE A 255 7.89 -14.58 -21.93
N LEU A 256 7.87 -13.56 -21.08
CA LEU A 256 8.46 -12.27 -21.45
C LEU A 256 9.97 -12.35 -21.56
N GLU A 257 10.61 -13.23 -20.78
CA GLU A 257 12.06 -13.41 -20.91
C GLU A 257 12.42 -13.91 -22.31
N ILE A 258 11.64 -14.85 -22.84
CA ILE A 258 11.88 -15.33 -24.19
C ILE A 258 11.52 -14.26 -25.22
N LEU A 259 10.43 -13.53 -24.98
CA LEU A 259 9.98 -12.53 -25.94
C LEU A 259 10.98 -11.39 -26.09
N ASP A 260 11.55 -10.91 -24.98
CA ASP A 260 12.39 -9.73 -25.03
C ASP A 260 13.71 -10.00 -25.74
N GLU A 261 14.39 -11.09 -25.39
CA GLU A 261 15.66 -11.43 -25.99
C GLU A 261 15.43 -12.18 -27.30
N GLU A 262 15.99 -11.65 -28.40
CA GLU A 262 15.84 -12.31 -29.69
C GLU A 262 16.64 -13.60 -29.77
N GLU A 263 17.77 -13.69 -29.04
CA GLU A 263 18.55 -14.91 -29.03
C GLU A 263 17.77 -16.07 -28.41
N LEU A 264 17.09 -15.80 -27.29
CA LEU A 264 16.29 -16.83 -26.65
C LEU A 264 15.16 -17.32 -27.55
N LEU A 265 14.51 -16.39 -28.24
CA LEU A 265 13.43 -16.77 -29.16
C LEU A 265 13.95 -17.55 -30.34
N GLU A 266 15.12 -17.16 -30.87
CA GLU A 266 15.72 -17.90 -31.97
C GLU A 266 16.18 -19.29 -31.54
N GLU A 267 16.56 -19.46 -30.27
CA GLU A 267 16.93 -20.78 -29.77
C GLU A 267 15.77 -21.76 -29.81
N LEU A 268 14.52 -21.27 -29.80
CA LEU A 268 13.37 -22.15 -29.87
C LEU A 268 13.25 -22.85 -31.22
N CYS A 269 13.89 -22.32 -32.26
CA CYS A 269 13.86 -22.95 -33.57
C CYS A 269 14.77 -24.18 -33.57
N VAL A 270 14.33 -25.25 -32.91
CA VAL A 270 15.16 -26.43 -32.76
C VAL A 270 15.44 -27.09 -34.11
N SER A 271 14.41 -27.19 -34.96
CA SER A 271 14.58 -27.81 -36.26
C SER A 271 15.52 -27.03 -37.16
N LYS A 272 15.64 -25.72 -36.96
CA LYS A 272 16.55 -24.93 -37.78
C LYS A 272 18.00 -25.30 -37.50
N TRP A 273 18.38 -25.39 -36.22
CA TRP A 273 19.76 -25.71 -35.88
C TRP A 273 20.05 -27.20 -36.06
N SER A 274 19.07 -28.06 -35.78
CA SER A 274 19.27 -29.49 -35.98
C SER A 274 19.43 -29.84 -37.46
N ASP A 275 18.63 -29.20 -38.32
CA ASP A 275 18.66 -29.45 -39.76
C ASP A 275 18.81 -28.11 -40.47
N PRO A 276 20.04 -27.60 -40.60
CA PRO A 276 20.26 -26.31 -41.24
C PRO A 276 20.14 -26.36 -42.76
N GLN A 277 19.83 -27.51 -43.36
CA GLN A 277 19.69 -27.62 -44.80
C GLN A 277 18.25 -27.70 -45.27
N VAL A 278 17.30 -27.99 -44.39
CA VAL A 278 15.90 -28.06 -44.75
C VAL A 278 15.23 -26.73 -44.45
N PHE A 279 15.79 -25.99 -43.49
CA PHE A 279 15.20 -24.71 -43.11
C PHE A 279 15.24 -23.71 -44.26
N GLU A 280 16.36 -23.64 -44.98
CA GLU A 280 16.47 -22.71 -46.10
C GLU A 280 15.52 -23.10 -47.23
N LYS A 281 15.42 -24.40 -47.53
CA LYS A 281 14.52 -24.84 -48.59
C LYS A 281 13.06 -24.63 -48.22
N SER A 282 12.71 -24.86 -46.96
CA SER A 282 11.33 -24.74 -46.49
C SER A 282 11.10 -23.42 -45.75
N SER A 283 11.76 -22.35 -46.18
CA SER A 283 11.62 -21.04 -45.56
C SER A 283 10.48 -20.22 -46.15
N ALA A 284 9.52 -20.87 -46.80
CA ALA A 284 8.38 -20.17 -47.40
C ALA A 284 7.24 -20.03 -46.41
N GLY A 285 7.55 -19.38 -45.28
CA GLY A 285 6.58 -19.14 -44.24
C GLY A 285 6.30 -20.30 -43.32
N ILE A 286 7.01 -21.43 -43.48
CA ILE A 286 6.76 -22.59 -42.64
C ILE A 286 7.23 -22.33 -41.22
N ASP A 287 8.41 -21.75 -41.06
CA ASP A 287 8.98 -21.49 -39.74
C ASP A 287 9.80 -20.22 -39.81
N HIS A 288 9.41 -19.24 -39.00
CA HIS A 288 10.14 -17.98 -38.91
C HIS A 288 9.82 -17.33 -37.56
N ALA A 289 10.58 -16.28 -37.25
CA ALA A 289 10.43 -15.62 -35.96
C ALA A 289 9.07 -14.97 -35.77
N GLU A 290 8.39 -14.61 -36.86
CA GLU A 290 7.10 -13.93 -36.73
C GLU A 290 6.06 -14.81 -36.06
N GLU A 291 5.98 -16.08 -36.45
CA GLU A 291 4.97 -16.98 -35.89
C GLU A 291 5.20 -17.23 -34.41
N MET A 292 6.46 -17.47 -34.01
CA MET A 292 6.74 -17.65 -32.60
C MET A 292 6.51 -16.37 -31.80
N GLU A 293 6.85 -15.22 -32.37
CA GLU A 293 6.56 -13.96 -31.70
C GLU A 293 5.06 -13.80 -31.46
N LEU A 294 4.24 -14.07 -32.49
CA LEU A 294 2.80 -13.98 -32.33
C LEU A 294 2.25 -14.97 -31.32
N LEU A 295 2.76 -16.21 -31.33
CA LEU A 295 2.27 -17.22 -30.39
C LEU A 295 2.59 -16.84 -28.96
N LEU A 296 3.85 -16.48 -28.68
CA LEU A 296 4.22 -16.09 -27.33
C LEU A 296 3.51 -14.81 -26.90
N GLU A 297 3.30 -13.87 -27.82
CA GLU A 297 2.54 -12.66 -27.48
C GLU A 297 1.09 -12.99 -27.15
N ASN A 298 0.47 -13.91 -27.89
CA ASN A 298 -0.89 -14.32 -27.59
C ASN A 298 -0.99 -14.93 -26.20
N TYR A 299 -0.07 -15.83 -25.86
CA TYR A 299 -0.14 -16.43 -24.54
C TYR A 299 0.23 -15.46 -23.42
N TYR A 300 1.17 -14.54 -23.66
CA TYR A 300 1.47 -13.52 -22.68
C TYR A 300 0.27 -12.60 -22.47
N ARG A 301 -0.47 -12.28 -23.53
CA ARG A 301 -1.66 -11.45 -23.37
C ARG A 301 -2.77 -12.19 -22.65
N LEU A 302 -2.92 -13.49 -22.88
CA LEU A 302 -3.89 -14.27 -22.11
C LEU A 302 -3.52 -14.28 -20.63
N ALA A 303 -2.23 -14.48 -20.32
CA ALA A 303 -1.79 -14.44 -18.93
C ALA A 303 -1.96 -13.04 -18.33
N ASP A 304 -1.79 -11.99 -19.13
CA ASP A 304 -2.03 -10.64 -18.65
C ASP A 304 -3.50 -10.39 -18.35
N ASP A 305 -4.41 -10.91 -19.19
CA ASP A 305 -5.82 -10.84 -18.89
C ASP A 305 -6.14 -11.56 -17.57
N LEU A 306 -5.56 -12.73 -17.37
CA LEU A 306 -5.77 -13.44 -16.11
C LEU A 306 -5.22 -12.65 -14.92
N SER A 307 -4.05 -12.01 -15.10
CA SER A 307 -3.49 -11.18 -14.03
C SER A 307 -4.42 -10.02 -13.70
N ASN A 308 -4.98 -9.37 -14.72
CA ASN A 308 -5.91 -8.27 -14.48
C ASN A 308 -7.14 -8.75 -13.73
N ALA A 309 -7.69 -9.90 -14.12
CA ALA A 309 -8.86 -10.43 -13.42
C ALA A 309 -8.54 -10.76 -11.97
N ALA A 310 -7.39 -11.38 -11.72
CA ALA A 310 -7.01 -11.73 -10.35
C ALA A 310 -6.79 -10.48 -9.50
N ARG A 311 -6.15 -9.45 -10.08
CA ARG A 311 -5.93 -8.21 -9.35
C ARG A 311 -7.27 -7.53 -9.03
N GLU A 312 -8.20 -7.54 -9.98
CA GLU A 312 -9.52 -7.01 -9.70
C GLU A 312 -10.21 -7.77 -8.57
N LEU A 313 -10.08 -9.10 -8.57
CA LEU A 313 -10.68 -9.89 -7.50
C LEU A 313 -10.06 -9.57 -6.15
N ARG A 314 -8.74 -9.41 -6.11
CA ARG A 314 -8.08 -9.06 -4.84
C ARG A 314 -8.50 -7.68 -4.35
N VAL A 315 -8.59 -6.70 -5.27
CA VAL A 315 -9.06 -5.37 -4.90
C VAL A 315 -10.49 -5.43 -4.39
N LEU A 316 -11.32 -6.27 -5.02
CA LEU A 316 -12.69 -6.45 -4.54
C LEU A 316 -12.71 -7.05 -3.14
N ILE A 317 -11.82 -8.01 -2.86
CA ILE A 317 -11.73 -8.60 -1.53
C ILE A 317 -11.39 -7.53 -0.50
N ASP A 318 -10.39 -6.69 -0.81
CA ASP A 318 -9.99 -5.64 0.12
C ASP A 318 -11.12 -4.63 0.34
N ASP A 319 -11.80 -4.23 -0.73
CA ASP A 319 -12.90 -3.28 -0.60
C ASP A 319 -14.04 -3.87 0.21
N SER A 320 -14.38 -5.14 -0.02
CA SER A 320 -15.42 -5.78 0.75
C SER A 320 -15.05 -5.90 2.22
N GLN A 321 -13.78 -6.20 2.53
CA GLN A 321 -13.36 -6.22 3.92
C GLN A 321 -13.47 -4.84 4.56
N SER A 322 -13.10 -3.79 3.83
CA SER A 322 -13.28 -2.44 4.34
C SER A 322 -14.74 -2.10 4.56
N ILE A 323 -15.64 -2.60 3.72
CA ILE A 323 -17.08 -2.37 3.92
C ILE A 323 -17.58 -3.14 5.15
N ILE A 324 -17.11 -4.37 5.34
CA ILE A 324 -17.48 -5.14 6.52
C ILE A 324 -17.03 -4.42 7.79
N PHE A 325 -15.85 -3.81 7.74
CA PHE A 325 -15.37 -3.06 8.89
C PHE A 325 -16.31 -1.92 9.26
N ILE A 326 -16.97 -1.31 8.28
CA ILE A 326 -17.97 -0.29 8.58
C ILE A 326 -19.28 -0.94 9.01
N ASN A 327 -19.57 -2.15 8.52
CA ASN A 327 -20.81 -2.82 8.89
C ASN A 327 -20.82 -3.23 10.35
N LEU A 328 -19.68 -3.71 10.87
CA LEU A 328 -19.59 -4.14 12.26
C LEU A 328 -19.38 -2.99 13.23
N ASP A 329 -19.11 -1.78 12.73
CA ASP A 329 -18.94 -0.60 13.56
C ASP A 329 -20.18 0.28 13.59
N SER A 330 -20.89 0.39 12.46
CA SER A 330 -22.11 1.17 12.44
C SER A 330 -23.25 0.44 13.14
N HIS A 331 -23.27 -0.89 13.06
CA HIS A 331 -24.29 -1.66 13.77
C HIS A 331 -24.04 -1.67 15.28
N ARG A 332 -22.78 -1.61 15.69
CA ARG A 332 -22.48 -1.53 17.11
C ARG A 332 -23.01 -0.23 17.72
N ASN A 333 -22.95 0.87 16.95
CA ASN A 333 -23.44 2.15 17.46
C ASN A 333 -24.95 2.14 17.68
N VAL A 334 -25.69 1.34 16.91
CA VAL A 334 -27.13 1.24 17.13
C VAL A 334 -27.42 0.64 18.50
N MET A 335 -26.75 -0.47 18.83
CA MET A 335 -26.90 -1.05 20.15
C MET A 335 -26.36 -0.12 21.23
N MET A 336 -25.32 0.66 20.92
CA MET A 336 -24.84 1.67 21.86
C MET A 336 -25.96 2.65 22.21
N ARG A 337 -26.64 3.16 21.19
CA ARG A 337 -27.71 4.13 21.40
C ARG A 337 -28.88 3.50 22.17
N LEU A 338 -29.26 2.28 21.82
CA LEU A 338 -30.35 1.62 22.54
C LEU A 338 -29.99 1.38 24.00
N ASN A 339 -28.76 0.91 24.25
CA ASN A 339 -28.32 0.68 25.62
C ASN A 339 -28.25 1.98 26.40
N LEU A 340 -27.81 3.06 25.76
CA LEU A 340 -27.78 4.36 26.43
C LEU A 340 -29.18 4.84 26.78
N GLN A 341 -30.13 4.68 25.85
CA GLN A 341 -31.51 5.08 26.14
C GLN A 341 -32.09 4.29 27.29
N LEU A 342 -31.88 2.97 27.30
CA LEU A 342 -32.37 2.15 28.40
C LEU A 342 -31.68 2.50 29.71
N THR A 343 -30.38 2.85 29.65
CA THR A 343 -29.67 3.26 30.85
C THR A 343 -30.25 4.54 31.42
N MET A 344 -30.55 5.51 30.56
CA MET A 344 -31.24 6.72 31.03
C MET A 344 -32.59 6.38 31.65
N GLY A 345 -33.36 5.49 31.01
CA GLY A 345 -34.65 5.13 31.56
C GLY A 345 -34.54 4.51 32.94
N THR A 346 -33.65 3.52 33.09
CA THR A 346 -33.50 2.87 34.39
C THR A 346 -32.87 3.77 35.43
N PHE A 347 -32.00 4.71 35.03
CA PHE A 347 -31.45 5.67 35.98
C PHE A 347 -32.54 6.60 36.49
N SER A 348 -33.42 7.08 35.61
CA SER A 348 -34.55 7.90 36.06
C SER A 348 -35.46 7.10 36.99
N LEU A 349 -35.73 5.84 36.64
CA LEU A 349 -36.57 4.99 37.48
C LEU A 349 -35.97 4.80 38.86
N SER A 350 -34.66 4.52 38.95
CA SER A 350 -34.01 4.38 40.23
C SER A 350 -33.98 5.70 41.01
N LEU A 351 -33.73 6.82 40.33
CA LEU A 351 -33.67 8.11 40.99
C LEU A 351 -35.01 8.45 41.63
N PHE A 352 -36.12 8.16 40.95
CA PHE A 352 -37.41 8.48 41.53
C PHE A 352 -37.93 7.39 42.46
N GLY A 353 -37.44 6.15 42.34
CA GLY A 353 -37.75 5.14 43.33
C GLY A 353 -36.94 5.28 44.60
N LEU A 354 -35.87 6.10 44.57
CA LEU A 354 -35.14 6.39 45.79
C LEU A 354 -36.03 7.04 46.84
N MET A 355 -36.89 7.98 46.43
CA MET A 355 -37.79 8.60 47.40
C MET A 355 -38.83 7.61 47.91
N GLY A 356 -39.25 6.67 47.06
CA GLY A 356 -40.16 5.65 47.53
C GLY A 356 -39.53 4.73 48.55
N VAL A 357 -38.25 4.38 48.33
CA VAL A 357 -37.52 3.60 49.32
C VAL A 357 -37.34 4.39 50.60
N ALA A 358 -37.08 5.70 50.49
CA ALA A 358 -36.91 6.54 51.66
C ALA A 358 -38.20 6.59 52.48
N PHE A 359 -39.34 6.72 51.82
CA PHE A 359 -40.62 6.69 52.51
C PHE A 359 -41.07 5.28 52.88
N GLY A 360 -40.39 4.25 52.39
CA GLY A 360 -40.73 2.88 52.71
C GLY A 360 -40.08 2.33 53.97
N MET A 361 -39.23 3.10 54.63
CA MET A 361 -38.58 2.63 55.84
C MET A 361 -39.59 2.47 56.98
N ASN A 362 -39.28 1.55 57.89
CA ASN A 362 -40.14 1.30 59.03
C ASN A 362 -39.85 2.30 60.15
N LEU A 363 -39.94 3.59 59.84
CA LEU A 363 -39.68 4.66 60.79
C LEU A 363 -40.90 5.59 60.84
N GLU A 364 -40.77 6.67 61.60
CA GLU A 364 -41.84 7.65 61.75
C GLU A 364 -41.61 8.78 60.75
N SER A 365 -42.45 8.84 59.71
CA SER A 365 -42.36 9.88 58.70
C SER A 365 -43.25 11.08 59.00
N SER A 366 -44.04 11.02 60.07
CA SER A 366 -44.94 12.09 60.49
C SER A 366 -45.95 12.46 59.41
N LEU A 367 -46.20 11.56 58.46
CA LEU A 367 -47.15 11.82 57.39
C LEU A 367 -48.07 10.63 57.12
N GLU A 368 -48.04 9.60 57.96
CA GLU A 368 -48.88 8.41 57.73
C GLU A 368 -50.35 8.70 57.94
N GLU A 369 -50.69 9.76 58.68
CA GLU A 369 -52.10 10.05 58.94
C GLU A 369 -52.78 10.65 57.72
N ASP A 370 -52.04 11.36 56.87
CA ASP A 370 -52.63 11.97 55.68
C ASP A 370 -53.05 10.90 54.69
N HIS A 371 -54.22 11.10 54.07
CA HIS A 371 -54.78 10.16 53.12
C HIS A 371 -54.49 10.52 51.67
N ARG A 372 -53.72 11.59 51.43
CA ARG A 372 -53.40 12.02 50.08
C ARG A 372 -51.92 12.08 49.79
N ILE A 373 -51.06 11.93 50.80
CA ILE A 373 -49.62 12.04 50.58
C ILE A 373 -49.11 10.85 49.76
N PHE A 374 -49.65 9.66 49.99
CA PHE A 374 -49.19 8.47 49.28
C PHE A 374 -49.45 8.57 47.78
N TRP A 375 -50.69 8.93 47.41
CA TRP A 375 -51.03 9.05 46.00
C TRP A 375 -50.26 10.19 45.34
N LEU A 376 -50.09 11.31 46.05
CA LEU A 376 -49.31 12.40 45.50
C LEU A 376 -47.87 11.99 45.24
N ILE A 377 -47.26 11.27 46.18
CA ILE A 377 -45.88 10.82 46.00
C ILE A 377 -45.79 9.83 44.84
N THR A 378 -46.74 8.91 44.74
CA THR A 378 -46.72 7.94 43.64
C THR A 378 -46.86 8.63 42.29
N GLY A 379 -47.79 9.59 42.18
CA GLY A 379 -47.95 10.31 40.94
C GLY A 379 -46.73 11.14 40.58
N ILE A 380 -46.13 11.80 41.57
CA ILE A 380 -44.92 12.57 41.33
C ILE A 380 -43.81 11.64 40.85
N MET A 381 -43.66 10.48 41.48
CA MET A 381 -42.64 9.52 41.06
C MET A 381 -42.85 9.09 39.61
N PHE A 382 -44.07 8.65 39.27
CA PHE A 382 -44.33 8.14 37.93
C PHE A 382 -44.17 9.23 36.87
N MET A 383 -44.62 10.45 37.16
CA MET A 383 -44.49 11.52 36.18
C MET A 383 -43.05 11.98 36.02
N GLY A 384 -42.34 12.16 37.15
CA GLY A 384 -40.97 12.63 37.08
C GLY A 384 -40.03 11.61 36.46
N SER A 385 -40.33 10.32 36.59
CA SER A 385 -39.54 9.32 35.89
C SER A 385 -39.55 9.58 34.39
N GLY A 386 -40.73 9.74 33.81
CA GLY A 386 -40.83 10.03 32.38
C GLY A 386 -40.24 11.39 32.02
N LEU A 387 -40.43 12.39 32.88
CA LEU A 387 -39.87 13.71 32.60
C LEU A 387 -38.36 13.67 32.54
N ILE A 388 -37.72 13.02 33.53
CA ILE A 388 -36.26 12.92 33.53
C ILE A 388 -35.78 12.05 32.39
N TRP A 389 -36.54 11.00 32.04
CA TRP A 389 -36.17 10.18 30.91
C TRP A 389 -36.17 10.99 29.61
N ARG A 390 -37.19 11.83 29.42
CA ARG A 390 -37.23 12.67 28.22
C ARG A 390 -36.11 13.70 28.23
N ARG A 391 -35.84 14.30 29.39
CA ARG A 391 -34.77 15.29 29.48
C ARG A 391 -33.42 14.66 29.16
N LEU A 392 -33.18 13.44 29.63
CA LEU A 392 -31.94 12.74 29.31
C LEU A 392 -31.92 12.29 27.85
N LEU A 393 -33.07 11.90 27.30
CA LEU A 393 -33.14 11.55 25.88
C LEU A 393 -32.79 12.73 24.99
N SER A 394 -33.15 13.95 25.41
CA SER A 394 -32.71 15.15 24.71
C SER A 394 -31.20 15.35 24.77
N PHE A 395 -30.53 14.79 25.79
CA PHE A 395 -29.09 14.99 25.94
C PHE A 395 -28.32 14.33 24.81
N LEU A 396 -28.65 13.07 24.47
CA LEU A 396 -27.96 12.39 23.39
C LEU A 396 -28.32 12.98 22.03
N GLY A 397 -29.51 13.56 21.90
CA GLY A 397 -29.87 14.27 20.68
C GLY A 397 -29.17 15.61 20.53
N ARG A 398 -28.76 16.22 21.65
CA ARG A 398 -28.01 17.47 21.59
C ARG A 398 -26.51 17.22 21.43
N GLN A 399 -25.95 16.32 22.23
CA GLN A 399 -24.52 15.99 22.15
C GLN A 399 -24.36 14.78 21.24
N LEU A 400 -23.71 14.98 20.11
CA LEU A 400 -23.48 13.90 19.15
C LEU A 400 -22.08 13.30 19.32
N ALA B 83 47.76 -3.94 15.81
CA ALA B 83 47.78 -4.45 14.45
C ALA B 83 46.62 -5.40 14.21
N PRO B 84 45.65 -4.97 13.39
CA PRO B 84 44.51 -5.83 13.08
C PRO B 84 44.97 -7.08 12.34
N VAL B 85 44.26 -8.18 12.59
CA VAL B 85 44.64 -9.49 12.08
C VAL B 85 43.42 -10.17 11.48
N PHE B 86 43.69 -11.17 10.63
CA PHE B 86 42.67 -11.97 9.98
C PHE B 86 42.87 -13.45 10.29
N THR B 87 41.78 -14.17 10.47
CA THR B 87 41.80 -15.62 10.61
C THR B 87 41.41 -16.21 9.26
N VAL B 88 42.36 -16.90 8.62
CA VAL B 88 42.22 -17.34 7.24
C VAL B 88 42.16 -18.86 7.20
N THR B 89 41.18 -19.39 6.48
CA THR B 89 41.08 -20.82 6.18
C THR B 89 41.28 -21.00 4.69
N LYS B 90 42.38 -21.66 4.32
CA LYS B 90 42.79 -21.77 2.92
C LYS B 90 42.44 -23.15 2.38
N PHE B 91 41.73 -23.18 1.25
CA PHE B 91 41.38 -24.41 0.57
C PHE B 91 42.13 -24.45 -0.77
N ASP B 92 42.90 -25.51 -0.98
CA ASP B 92 43.66 -25.65 -2.21
C ASP B 92 42.79 -26.31 -3.28
N LYS B 93 43.37 -26.47 -4.48
CA LYS B 93 42.65 -27.10 -5.58
C LYS B 93 42.37 -28.57 -5.32
N GLN B 94 43.12 -29.22 -4.43
CA GLN B 94 42.94 -30.62 -4.11
C GLN B 94 42.02 -30.85 -2.92
N GLY B 95 41.43 -29.79 -2.37
CA GLY B 95 40.56 -29.91 -1.21
C GLY B 95 41.26 -29.88 0.12
N ASN B 96 42.57 -29.69 0.14
CA ASN B 96 43.30 -29.62 1.41
C ASN B 96 42.89 -28.37 2.18
N VAL B 97 42.75 -28.54 3.50
CA VAL B 97 42.33 -27.45 4.38
C VAL B 97 43.50 -27.11 5.29
N THR B 98 43.95 -25.86 5.20
CA THR B 98 45.02 -25.35 6.05
C THR B 98 44.55 -24.07 6.72
N SER B 99 44.62 -24.03 8.05
CA SER B 99 44.24 -22.87 8.83
C SER B 99 45.48 -22.28 9.49
N PHE B 100 45.71 -20.99 9.25
CA PHE B 100 46.86 -20.29 9.81
C PHE B 100 46.39 -18.94 10.35
N GLU B 101 47.35 -18.10 10.73
CA GLU B 101 47.07 -16.86 11.44
C GLU B 101 47.99 -15.79 10.89
N ARG B 102 47.46 -14.91 10.03
CA ARG B 102 48.26 -13.93 9.32
C ARG B 102 47.68 -12.54 9.51
N LYS B 103 48.57 -11.55 9.59
CA LYS B 103 48.17 -10.17 9.78
C LYS B 103 47.56 -9.60 8.50
N LYS B 104 46.76 -8.54 8.68
CA LYS B 104 46.10 -7.90 7.55
C LYS B 104 47.10 -7.28 6.58
N THR B 105 48.11 -6.59 7.11
CA THR B 105 49.09 -5.92 6.25
C THR B 105 49.87 -6.93 5.44
N GLU B 106 50.27 -8.05 6.05
CA GLU B 106 50.97 -9.09 5.30
C GLU B 106 50.03 -9.80 4.33
N LEU B 107 48.75 -9.95 4.70
CA LEU B 107 47.78 -10.56 3.80
C LEU B 107 47.55 -9.72 2.55
N TYR B 108 47.58 -8.40 2.69
CA TYR B 108 47.43 -7.53 1.52
C TYR B 108 48.56 -7.75 0.53
N GLN B 109 49.80 -7.84 1.03
CA GLN B 109 50.94 -8.09 0.16
C GLN B 109 50.87 -9.49 -0.46
N GLU B 110 50.46 -10.48 0.34
CA GLU B 110 50.38 -11.85 -0.17
C GLU B 110 49.33 -11.96 -1.27
N LEU B 111 48.17 -11.33 -1.08
CA LEU B 111 47.09 -11.41 -2.06
C LEU B 111 47.21 -10.38 -3.17
N GLY B 112 48.15 -9.45 -3.07
CA GLY B 112 48.26 -8.39 -4.06
C GLY B 112 47.08 -7.44 -4.05
N LEU B 113 46.61 -7.05 -2.87
CA LEU B 113 45.47 -6.15 -2.71
C LEU B 113 45.86 -5.00 -1.80
N GLN B 114 44.90 -4.13 -1.52
CA GLN B 114 45.07 -3.02 -0.61
C GLN B 114 44.00 -3.08 0.47
N ALA B 115 44.19 -2.28 1.52
CA ALA B 115 43.29 -2.30 2.65
C ALA B 115 41.86 -1.91 2.27
N ARG B 116 41.71 -1.06 1.25
CA ARG B 116 40.38 -0.62 0.85
C ARG B 116 39.57 -1.75 0.22
N ASP B 117 40.25 -2.73 -0.38
CA ASP B 117 39.53 -3.84 -1.00
C ASP B 117 38.93 -4.77 0.06
N LEU B 118 39.72 -5.13 1.07
CA LEU B 118 39.28 -6.05 2.12
C LEU B 118 38.72 -5.31 3.32
N ARG B 119 37.74 -4.45 3.08
CA ARG B 119 37.09 -3.73 4.17
C ARG B 119 35.85 -4.47 4.68
N PHE B 120 35.11 -5.11 3.78
CA PHE B 120 33.93 -5.90 4.12
C PHE B 120 32.91 -5.07 4.90
N GLN B 121 32.55 -3.92 4.35
CA GLN B 121 31.58 -3.03 4.96
C GLN B 121 30.17 -3.22 4.41
N HIS B 122 29.98 -4.12 3.45
CA HIS B 122 28.69 -4.37 2.85
C HIS B 122 28.23 -5.78 3.19
N VAL B 123 26.97 -5.92 3.57
CA VAL B 123 26.45 -7.23 3.96
C VAL B 123 26.39 -8.16 2.76
N MET B 124 26.07 -7.63 1.58
CA MET B 124 26.02 -8.42 0.35
C MET B 124 26.82 -7.70 -0.72
N SER B 125 27.95 -8.27 -1.11
CA SER B 125 28.79 -7.66 -2.14
C SER B 125 29.62 -8.75 -2.80
N ILE B 126 29.71 -8.71 -4.12
CA ILE B 126 30.55 -9.61 -4.90
C ILE B 126 31.35 -8.75 -5.86
N THR B 127 32.65 -8.61 -5.60
CA THR B 127 33.52 -7.75 -6.38
C THR B 127 34.77 -8.51 -6.79
N VAL B 128 35.38 -8.07 -7.89
CA VAL B 128 36.61 -8.66 -8.41
C VAL B 128 37.64 -7.53 -8.45
N ARG B 129 38.59 -7.55 -7.52
CA ARG B 129 39.62 -6.53 -7.42
C ARG B 129 40.99 -7.19 -7.62
N ASN B 130 41.74 -6.68 -8.58
CA ASN B 130 43.10 -7.16 -8.87
C ASN B 130 43.12 -8.67 -9.10
N ASN B 131 42.19 -9.14 -9.94
CA ASN B 131 42.09 -10.55 -10.31
C ASN B 131 41.83 -11.44 -9.10
N ARG B 132 41.17 -10.89 -8.07
CA ARG B 132 40.78 -11.64 -6.89
C ARG B 132 39.30 -11.40 -6.63
N ILE B 133 38.53 -12.47 -6.50
CA ILE B 133 37.09 -12.38 -6.29
C ILE B 133 36.85 -12.19 -4.80
N ILE B 134 36.51 -10.97 -4.39
CA ILE B 134 36.22 -10.63 -3.01
C ILE B 134 34.70 -10.55 -2.86
N MET B 135 34.13 -11.49 -2.12
CA MET B 135 32.69 -11.57 -1.97
C MET B 135 32.34 -11.85 -0.52
N ARG B 136 31.27 -11.22 -0.04
CA ARG B 136 30.87 -11.29 1.35
C ARG B 136 29.37 -11.51 1.46
N MET B 137 28.95 -12.37 2.38
CA MET B 137 27.54 -12.63 2.66
C MET B 137 27.36 -12.58 4.17
N GLU B 138 26.99 -11.39 4.68
CA GLU B 138 26.77 -11.19 6.11
C GLU B 138 28.00 -11.59 6.92
N TYR B 139 27.96 -12.78 7.52
CA TYR B 139 29.06 -13.28 8.32
C TYR B 139 30.05 -14.11 7.52
N LEU B 140 29.79 -14.35 6.25
CA LEU B 140 30.64 -15.17 5.40
C LEU B 140 31.49 -14.26 4.52
N LYS B 141 32.76 -14.09 4.88
CA LYS B 141 33.70 -13.30 4.12
C LYS B 141 34.72 -14.22 3.49
N ALA B 142 34.84 -14.17 2.16
CA ALA B 142 35.73 -15.07 1.44
C ALA B 142 36.38 -14.32 0.29
N VAL B 143 37.60 -14.74 -0.04
CA VAL B 143 38.35 -14.23 -1.18
C VAL B 143 38.80 -15.42 -2.01
N ILE B 144 38.50 -15.38 -3.32
CA ILE B 144 38.78 -16.48 -4.23
C ILE B 144 39.99 -16.12 -5.07
N THR B 145 40.99 -16.98 -5.06
CA THR B 145 42.21 -16.83 -5.83
C THR B 145 42.29 -17.92 -6.89
N PRO B 146 43.11 -17.74 -7.93
CA PRO B 146 43.19 -18.74 -9.00
C PRO B 146 43.50 -20.15 -8.51
N GLU B 147 44.32 -20.26 -7.46
CA GLU B 147 44.77 -21.55 -6.98
C GLU B 147 44.29 -21.90 -5.58
N CYS B 148 43.56 -21.00 -4.91
CA CYS B 148 43.12 -21.28 -3.55
C CYS B 148 41.90 -20.44 -3.22
N LEU B 149 41.19 -20.85 -2.16
CA LEU B 149 40.04 -20.12 -1.63
C LEU B 149 40.29 -19.85 -0.15
N LEU B 150 40.09 -18.61 0.27
CA LEU B 150 40.34 -18.19 1.63
C LEU B 150 39.03 -17.77 2.29
N ILE B 151 38.82 -18.23 3.53
CA ILE B 151 37.68 -17.84 4.35
C ILE B 151 38.21 -16.99 5.50
N LEU B 152 37.69 -15.77 5.62
CA LEU B 152 38.17 -14.81 6.59
C LEU B 152 37.13 -14.58 7.68
N ASP B 153 37.60 -14.54 8.93
CA ASP B 153 36.75 -14.32 10.11
C ASP B 153 35.62 -15.36 10.18
N TYR B 154 36.03 -16.61 10.35
CA TYR B 154 35.11 -17.74 10.39
C TYR B 154 34.88 -18.29 11.78
N ARG B 155 35.68 -17.89 12.77
CA ARG B 155 35.60 -18.48 14.10
C ARG B 155 34.34 -18.02 14.83
N ASN B 156 33.77 -18.94 15.62
CA ASN B 156 32.61 -18.67 16.47
C ASN B 156 31.42 -18.16 15.64
N LEU B 157 31.19 -18.78 14.48
CA LEU B 157 30.06 -18.42 13.64
C LEU B 157 29.37 -19.64 13.08
N ASN B 158 29.49 -20.78 13.76
CA ASN B 158 28.84 -22.03 13.36
C ASN B 158 29.22 -22.45 11.94
N LEU B 159 30.48 -22.21 11.58
CA LEU B 159 31.02 -22.62 10.29
C LEU B 159 32.04 -23.74 10.42
N GLU B 160 32.07 -24.42 11.57
CA GLU B 160 33.04 -25.47 11.83
C GLU B 160 32.63 -26.82 11.25
N GLN B 161 31.40 -26.95 10.76
CA GLN B 161 30.93 -28.19 10.17
C GLN B 161 31.00 -28.17 8.64
N TRP B 162 30.46 -27.14 8.01
CA TRP B 162 30.50 -27.06 6.56
C TRP B 162 31.92 -26.92 6.03
N LEU B 163 32.73 -26.08 6.68
CA LEU B 163 34.05 -25.76 6.15
C LEU B 163 34.97 -26.99 6.08
N PHE B 164 34.87 -27.89 7.05
CA PHE B 164 35.79 -29.02 7.13
C PHE B 164 35.14 -30.35 6.78
N ARG B 165 33.86 -30.37 6.40
CA ARG B 165 33.19 -31.63 6.06
C ARG B 165 32.35 -31.56 4.79
N GLU B 166 32.03 -30.39 4.27
CA GLU B 166 31.25 -30.26 3.04
C GLU B 166 31.98 -29.51 1.95
N LEU B 167 32.62 -28.38 2.28
CA LEU B 167 33.33 -27.60 1.27
C LEU B 167 34.46 -28.36 0.61
N PRO B 168 35.33 -29.10 1.33
CA PRO B 168 36.39 -29.85 0.64
C PRO B 168 35.86 -30.86 -0.36
N SER B 169 34.73 -31.51 -0.07
CA SER B 169 34.17 -32.47 -1.00
C SER B 169 33.71 -31.79 -2.30
N GLN B 170 33.08 -30.63 -2.18
CA GLN B 170 32.62 -29.91 -3.37
C GLN B 170 33.80 -29.33 -4.15
N LEU B 171 34.82 -28.85 -3.45
CA LEU B 171 35.97 -28.24 -4.11
C LEU B 171 36.93 -29.26 -4.70
N SER B 172 36.88 -30.52 -4.26
CA SER B 172 37.79 -31.53 -4.78
C SER B 172 37.39 -32.02 -6.16
N GLY B 173 36.15 -31.78 -6.57
CA GLY B 173 35.71 -32.21 -7.89
C GLY B 173 35.43 -33.68 -8.02
N GLU B 174 35.29 -34.40 -6.91
CA GLU B 174 35.01 -35.83 -6.96
C GLU B 174 33.62 -36.07 -7.52
N GLY B 175 33.48 -37.14 -8.30
CA GLY B 175 32.21 -37.45 -8.91
C GLY B 175 31.82 -36.43 -9.97
N GLN B 176 30.51 -36.23 -10.11
CA GLN B 176 29.95 -35.27 -11.06
C GLN B 176 30.39 -35.57 -12.49
N LEU B 177 30.22 -34.60 -13.39
CA LEU B 177 30.59 -34.78 -14.78
C LEU B 177 32.06 -34.45 -14.97
N VAL B 178 32.85 -35.45 -15.38
CA VAL B 178 34.28 -35.25 -15.59
C VAL B 178 34.62 -34.84 -17.02
N THR B 179 33.61 -34.75 -17.89
CA THR B 179 33.85 -34.39 -19.29
C THR B 179 34.10 -32.90 -19.49
N TYR B 180 33.81 -32.06 -18.48
CA TYR B 180 34.00 -30.62 -18.59
C TYR B 180 34.29 -30.05 -17.21
N PRO B 181 35.54 -30.18 -16.74
CA PRO B 181 35.92 -29.63 -15.43
C PRO B 181 36.21 -28.14 -15.53
N LEU B 182 35.42 -27.33 -14.84
CA LEU B 182 35.59 -25.89 -14.84
C LEU B 182 36.70 -25.49 -13.88
N PRO B 183 37.26 -24.29 -14.04
CA PRO B 183 38.34 -23.85 -13.15
C PRO B 183 37.90 -23.74 -11.71
N PHE B 184 38.87 -23.50 -10.83
CA PHE B 184 38.62 -23.51 -9.39
C PHE B 184 37.69 -22.37 -8.98
N GLU B 185 37.81 -21.21 -9.62
CA GLU B 185 36.99 -20.07 -9.24
C GLU B 185 35.51 -20.35 -9.47
N PHE B 186 35.16 -21.05 -10.54
CA PHE B 186 33.77 -21.42 -10.78
C PHE B 186 33.22 -22.29 -9.66
N ARG B 187 33.97 -23.31 -9.27
CA ARG B 187 33.52 -24.19 -8.19
C ARG B 187 33.42 -23.45 -6.86
N ALA B 188 34.37 -22.55 -6.58
CA ALA B 188 34.30 -21.79 -5.33
C ALA B 188 33.08 -20.87 -5.31
N ILE B 189 32.82 -20.17 -6.40
CA ILE B 189 31.65 -19.30 -6.46
C ILE B 189 30.38 -20.12 -6.32
N GLU B 190 30.30 -21.26 -7.01
CA GLU B 190 29.12 -22.10 -6.93
C GLU B 190 28.91 -22.60 -5.51
N ALA B 191 29.98 -23.03 -4.84
CA ALA B 191 29.85 -23.53 -3.47
C ALA B 191 29.39 -22.44 -2.51
N LEU B 192 29.98 -21.24 -2.61
CA LEU B 192 29.57 -20.16 -1.72
C LEU B 192 28.13 -19.74 -1.97
N LEU B 193 27.74 -19.60 -3.24
CA LEU B 193 26.38 -19.22 -3.57
C LEU B 193 25.39 -20.28 -3.09
N GLN B 194 25.73 -21.56 -3.27
CA GLN B 194 24.86 -22.64 -2.80
C GLN B 194 24.75 -22.64 -1.28
N TYR B 195 25.85 -22.38 -0.57
CA TYR B 195 25.78 -22.31 0.88
C TYR B 195 24.86 -21.18 1.34
N TRP B 196 24.98 -20.01 0.71
CA TRP B 196 24.11 -18.90 1.11
C TRP B 196 22.65 -19.18 0.76
N ILE B 197 22.39 -19.78 -0.40
CA ILE B 197 21.01 -20.11 -0.76
C ILE B 197 20.44 -21.16 0.17
N ASN B 198 21.27 -22.11 0.63
CA ASN B 198 20.83 -23.10 1.61
C ASN B 198 20.53 -22.48 2.95
N THR B 199 21.35 -21.53 3.40
CA THR B 199 21.06 -20.84 4.66
C THR B 199 19.77 -20.04 4.56
N LEU B 200 19.56 -19.36 3.43
CA LEU B 200 18.31 -18.61 3.24
C LEU B 200 17.11 -19.55 3.21
N GLN B 201 17.25 -20.69 2.53
CA GLN B 201 16.17 -21.67 2.50
C GLN B 201 15.87 -22.22 3.89
N GLY B 202 16.91 -22.47 4.69
CA GLY B 202 16.70 -22.91 6.06
C GLY B 202 16.00 -21.88 6.91
N LYS B 203 16.40 -20.61 6.76
CA LYS B 203 15.71 -19.54 7.48
C LYS B 203 14.24 -19.49 7.10
N LEU B 204 13.93 -19.57 5.81
CA LEU B 204 12.54 -19.54 5.37
C LEU B 204 11.75 -20.75 5.85
N SER B 205 12.35 -21.95 5.80
CA SER B 205 11.67 -23.17 6.21
C SER B 205 11.57 -23.29 7.72
N ILE B 206 12.31 -22.48 8.48
CA ILE B 206 12.11 -22.36 9.91
C ILE B 206 11.04 -21.33 10.24
N LEU B 207 11.02 -20.21 9.51
CA LEU B 207 10.05 -19.15 9.78
C LEU B 207 8.64 -19.57 9.38
N GLN B 208 8.49 -20.29 8.27
CA GLN B 208 7.15 -20.57 7.74
C GLN B 208 6.30 -21.40 8.69
N PRO B 209 6.74 -22.54 9.22
CA PRO B 209 5.87 -23.30 10.13
C PRO B 209 5.47 -22.54 11.38
N LEU B 210 6.39 -21.76 11.97
CA LEU B 210 6.05 -20.99 13.15
C LEU B 210 4.98 -19.95 12.85
N ILE B 211 5.13 -19.23 11.74
CA ILE B 211 4.14 -18.21 11.36
C ILE B 211 2.79 -18.87 11.08
N LEU B 212 2.80 -20.00 10.36
CA LEU B 212 1.55 -20.69 10.06
C LEU B 212 0.85 -21.16 11.33
N GLU B 213 1.61 -21.75 12.27
CA GLU B 213 1.00 -22.25 13.50
C GLU B 213 0.54 -21.12 14.40
N THR B 214 1.20 -19.96 14.32
CA THR B 214 0.75 -18.82 15.12
C THR B 214 -0.52 -18.21 14.53
N LEU B 215 -0.59 -18.11 13.20
CA LEU B 215 -1.76 -17.53 12.57
C LEU B 215 -2.95 -18.47 12.55
N ASP B 216 -2.73 -19.78 12.66
CA ASP B 216 -3.83 -20.73 12.67
C ASP B 216 -4.56 -20.78 14.01
N ALA B 217 -4.00 -20.21 15.06
CA ALA B 217 -4.63 -20.18 16.37
C ALA B 217 -5.41 -18.90 16.64
N LEU B 218 -4.85 -17.75 16.26
CA LEU B 218 -5.56 -16.49 16.45
C LEU B 218 -6.75 -16.35 15.51
N VAL B 219 -6.65 -16.92 14.30
CA VAL B 219 -7.74 -16.82 13.34
C VAL B 219 -8.96 -17.60 13.80
N ASP B 220 -8.75 -18.73 14.47
CA ASP B 220 -9.85 -19.61 14.86
C ASP B 220 -10.86 -18.87 15.73
N PRO B 221 -12.15 -18.89 15.37
CA PRO B 221 -13.17 -18.15 16.12
C PRO B 221 -13.81 -18.98 17.24
N LYS B 222 -12.97 -19.51 18.13
CA LYS B 222 -13.44 -20.27 19.29
C LYS B 222 -13.19 -19.55 20.61
N HIS B 223 -12.61 -18.35 20.57
CA HIS B 223 -12.34 -17.58 21.77
C HIS B 223 -12.76 -16.13 21.54
N SER B 224 -13.22 -15.48 22.62
CA SER B 224 -13.61 -14.07 22.52
C SER B 224 -12.41 -13.19 22.20
N SER B 225 -11.26 -13.47 22.80
CA SER B 225 -10.03 -12.71 22.58
C SER B 225 -8.98 -13.65 21.99
N VAL B 226 -7.82 -13.08 21.69
CA VAL B 226 -6.69 -13.83 21.17
C VAL B 226 -5.63 -13.92 22.24
N ASP B 227 -4.82 -14.98 22.16
CA ASP B 227 -3.74 -15.20 23.12
C ASP B 227 -2.71 -14.07 23.02
N ARG B 228 -2.60 -13.25 24.06
CA ARG B 228 -1.70 -12.11 24.02
C ARG B 228 -0.24 -12.54 24.02
N SER B 229 0.06 -13.76 24.49
CA SER B 229 1.43 -14.24 24.48
C SER B 229 1.91 -14.49 23.06
N LYS B 230 1.04 -14.98 22.18
CA LYS B 230 1.41 -15.29 20.80
C LYS B 230 1.54 -14.05 19.93
N LEU B 231 1.01 -12.90 20.37
CA LEU B 231 1.17 -11.68 19.60
C LEU B 231 2.64 -11.26 19.52
N HIS B 232 3.39 -11.39 20.61
CA HIS B 232 4.82 -11.09 20.57
C HIS B 232 5.56 -12.05 19.65
N ILE B 233 5.20 -13.33 19.66
CA ILE B 233 5.80 -14.29 18.76
C ILE B 233 5.52 -13.90 17.31
N LEU B 234 4.28 -13.50 17.02
CA LEU B 234 3.95 -13.05 15.67
C LEU B 234 4.75 -11.81 15.26
N LEU B 235 4.92 -10.86 16.19
CA LEU B 235 5.69 -9.66 15.87
C LEU B 235 7.15 -10.00 15.60
N GLN B 236 7.76 -10.86 16.43
CA GLN B 236 9.14 -11.24 16.19
C GLN B 236 9.29 -12.01 14.88
N ASN B 237 8.34 -12.88 14.58
CA ASN B 237 8.39 -13.61 13.31
C ASN B 237 8.24 -12.68 12.12
N GLY B 238 7.38 -11.67 12.23
CA GLY B 238 7.28 -10.68 11.17
C GLY B 238 8.55 -9.88 10.98
N LYS B 239 9.19 -9.49 12.07
CA LYS B 239 10.47 -8.78 11.95
C LYS B 239 11.53 -9.67 11.30
N SER B 240 11.59 -10.94 11.70
CA SER B 240 12.54 -11.86 11.09
C SER B 240 12.23 -12.07 9.60
N LEU B 241 10.95 -12.12 9.25
CA LEU B 241 10.56 -12.27 7.85
C LEU B 241 10.96 -11.03 7.04
N SER B 242 10.81 -9.85 7.62
CA SER B 242 11.25 -8.63 6.93
C SER B 242 12.76 -8.64 6.71
N GLU B 243 13.52 -9.04 7.74
CA GLU B 243 14.97 -9.13 7.58
C GLU B 243 15.35 -10.17 6.52
N LEU B 244 14.68 -11.32 6.51
CA LEU B 244 14.95 -12.34 5.50
C LEU B 244 14.62 -11.84 4.10
N GLU B 245 13.51 -11.12 3.96
CA GLU B 245 13.16 -10.53 2.67
C GLU B 245 14.22 -9.55 2.20
N THR B 246 14.73 -8.72 3.11
CA THR B 246 15.81 -7.80 2.74
C THR B 246 17.07 -8.57 2.32
N ASP B 247 17.41 -9.64 3.04
CA ASP B 247 18.58 -10.42 2.68
C ASP B 247 18.45 -11.04 1.30
N ILE B 248 17.28 -11.62 1.00
CA ILE B 248 17.08 -12.22 -0.32
C ILE B 248 17.06 -11.16 -1.40
N LYS B 249 16.49 -9.98 -1.11
CA LYS B 249 16.47 -8.90 -2.09
C LYS B 249 17.89 -8.43 -2.43
N ILE B 250 18.73 -8.24 -1.41
CA ILE B 250 20.10 -7.80 -1.68
C ILE B 250 20.93 -8.91 -2.34
N PHE B 251 20.67 -10.18 -2.03
CA PHE B 251 21.33 -11.27 -2.74
C PHE B 251 20.95 -11.27 -4.22
N LYS B 252 19.66 -11.10 -4.52
CA LYS B 252 19.21 -11.01 -5.90
C LYS B 252 19.83 -9.82 -6.61
N GLU B 253 19.90 -8.66 -5.94
CA GLU B 253 20.50 -7.49 -6.55
C GLU B 253 21.99 -7.72 -6.84
N SER B 254 22.70 -8.35 -5.90
CA SER B 254 24.13 -8.60 -6.11
C SER B 254 24.36 -9.55 -7.28
N ILE B 255 23.52 -10.58 -7.42
CA ILE B 255 23.68 -11.49 -8.56
C ILE B 255 23.30 -10.80 -9.86
N LEU B 256 22.22 -10.01 -9.85
CA LEU B 256 21.75 -9.37 -11.07
C LEU B 256 22.70 -8.29 -11.55
N GLU B 257 23.43 -7.64 -10.63
CA GLU B 257 24.42 -6.66 -11.06
C GLU B 257 25.52 -7.31 -11.90
N ILE B 258 25.96 -8.50 -11.50
CA ILE B 258 26.95 -9.23 -12.28
C ILE B 258 26.32 -9.74 -13.58
N LEU B 259 25.08 -10.23 -13.52
CA LEU B 259 24.45 -10.80 -14.70
C LEU B 259 24.23 -9.76 -15.79
N ASP B 260 23.80 -8.56 -15.42
CA ASP B 260 23.42 -7.56 -16.42
C ASP B 260 24.62 -7.03 -17.18
N GLU B 261 25.69 -6.66 -16.47
CA GLU B 261 26.89 -6.13 -17.09
C GLU B 261 27.78 -7.28 -17.54
N GLU B 262 28.12 -7.29 -18.84
CA GLU B 262 29.00 -8.33 -19.36
C GLU B 262 30.42 -8.16 -18.88
N GLU B 263 30.86 -6.93 -18.63
CA GLU B 263 32.21 -6.70 -18.12
C GLU B 263 32.38 -7.30 -16.74
N LEU B 264 31.39 -7.11 -15.87
CA LEU B 264 31.46 -7.68 -14.52
C LEU B 264 31.50 -9.21 -14.57
N LEU B 265 30.70 -9.82 -15.44
CA LEU B 265 30.70 -11.27 -15.57
C LEU B 265 32.03 -11.78 -16.13
N GLU B 266 32.59 -11.06 -17.11
CA GLU B 266 33.88 -11.44 -17.66
C GLU B 266 35.00 -11.29 -16.65
N GLU B 267 34.88 -10.34 -15.72
CA GLU B 267 35.88 -10.18 -14.66
C GLU B 267 35.95 -11.39 -13.74
N LEU B 268 34.88 -12.20 -13.67
CA LEU B 268 34.91 -13.40 -12.85
C LEU B 268 35.85 -14.46 -13.39
N CYS B 269 36.20 -14.39 -14.67
CA CYS B 269 37.14 -15.34 -15.25
C CYS B 269 38.55 -15.02 -14.79
N VAL B 270 38.85 -15.32 -13.53
CA VAL B 270 40.15 -14.97 -12.95
C VAL B 270 41.27 -15.72 -13.65
N SER B 271 41.08 -17.02 -13.91
CA SER B 271 42.11 -17.81 -14.54
C SER B 271 42.41 -17.35 -15.96
N LYS B 272 41.43 -16.74 -16.64
CA LYS B 272 41.67 -16.25 -17.99
C LYS B 272 42.66 -15.09 -18.00
N TRP B 273 42.47 -14.12 -17.12
CA TRP B 273 43.36 -12.97 -17.07
C TRP B 273 44.69 -13.30 -16.40
N SER B 274 44.67 -14.18 -15.39
CA SER B 274 45.91 -14.58 -14.73
C SER B 274 46.79 -15.39 -15.66
N ASP B 275 46.19 -16.29 -16.45
CA ASP B 275 46.92 -17.15 -17.38
C ASP B 275 46.28 -17.01 -18.76
N PRO B 276 46.65 -15.97 -19.51
CA PRO B 276 46.06 -15.78 -20.85
C PRO B 276 46.59 -16.73 -21.91
N GLN B 277 47.48 -17.66 -21.57
CA GLN B 277 48.01 -18.61 -22.53
C GLN B 277 47.43 -20.01 -22.41
N VAL B 278 46.77 -20.33 -21.28
CA VAL B 278 46.17 -21.64 -21.09
C VAL B 278 44.70 -21.57 -21.47
N PHE B 279 44.11 -20.37 -21.37
CA PHE B 279 42.70 -20.20 -21.68
C PHE B 279 42.41 -20.51 -23.15
N GLU B 280 43.26 -20.03 -24.06
CA GLU B 280 43.05 -20.29 -25.48
C GLU B 280 43.21 -21.78 -25.80
N LYS B 281 44.22 -22.42 -25.21
CA LYS B 281 44.43 -23.84 -25.46
C LYS B 281 43.31 -24.69 -24.89
N SER B 282 42.81 -24.33 -23.70
CA SER B 282 41.77 -25.07 -23.01
C SER B 282 40.40 -24.43 -23.19
N SER B 283 40.14 -23.83 -24.35
CA SER B 283 38.86 -23.18 -24.63
C SER B 283 37.83 -24.13 -25.22
N ALA B 284 38.00 -25.44 -25.02
CA ALA B 284 37.07 -26.43 -25.56
C ALA B 284 35.94 -26.70 -24.56
N GLY B 285 35.23 -25.63 -24.21
CA GLY B 285 34.11 -25.73 -23.29
C GLY B 285 34.48 -25.78 -21.83
N ILE B 286 35.76 -25.68 -21.48
CA ILE B 286 36.17 -25.76 -20.08
C ILE B 286 35.72 -24.52 -19.32
N ASP B 287 35.92 -23.35 -19.91
CA ASP B 287 35.57 -22.10 -19.26
C ASP B 287 35.12 -21.10 -20.31
N HIS B 288 33.87 -20.65 -20.19
CA HIS B 288 33.33 -19.64 -21.09
C HIS B 288 32.18 -18.93 -20.39
N ALA B 289 31.71 -17.85 -21.01
CA ALA B 289 30.67 -17.03 -20.40
C ALA B 289 29.34 -17.76 -20.24
N GLU B 290 29.08 -18.79 -21.07
CA GLU B 290 27.81 -19.50 -21.00
C GLU B 290 27.63 -20.19 -19.66
N GLU B 291 28.68 -20.87 -19.17
CA GLU B 291 28.55 -21.61 -17.92
C GLU B 291 28.31 -20.67 -16.73
N MET B 292 29.05 -19.57 -16.67
CA MET B 292 28.84 -18.60 -15.59
C MET B 292 27.46 -17.95 -15.70
N GLU B 293 27.02 -17.64 -16.92
CA GLU B 293 25.67 -17.10 -17.09
C GLU B 293 24.63 -18.07 -16.56
N LEU B 294 24.74 -19.35 -16.92
CA LEU B 294 23.78 -20.34 -16.42
C LEU B 294 23.85 -20.50 -14.91
N LEU B 295 25.05 -20.51 -14.33
CA LEU B 295 25.18 -20.67 -12.88
C LEU B 295 24.54 -19.50 -12.14
N LEU B 296 24.89 -18.27 -12.53
CA LEU B 296 24.32 -17.10 -11.87
C LEU B 296 22.81 -17.01 -12.12
N GLU B 297 22.33 -17.40 -13.29
CA GLU B 297 20.89 -17.41 -13.53
C GLU B 297 20.19 -18.43 -12.66
N ASN B 298 20.79 -19.62 -12.48
CA ASN B 298 20.20 -20.62 -11.60
C ASN B 298 20.08 -20.11 -10.18
N TYR B 299 21.15 -19.49 -9.66
CA TYR B 299 21.07 -18.99 -8.29
C TYR B 299 20.15 -17.78 -8.15
N TYR B 300 20.10 -16.91 -9.17
CA TYR B 300 19.15 -15.81 -9.14
C TYR B 300 17.71 -16.32 -9.18
N ARG B 301 17.45 -17.39 -9.93
CA ARG B 301 16.11 -17.96 -9.97
C ARG B 301 15.75 -18.64 -8.66
N LEU B 302 16.72 -19.28 -8.00
CA LEU B 302 16.46 -19.83 -6.67
C LEU B 302 16.13 -18.73 -5.68
N ALA B 303 16.89 -17.62 -5.71
CA ALA B 303 16.59 -16.50 -4.84
C ALA B 303 15.25 -15.86 -5.17
N ASP B 304 14.87 -15.84 -6.46
CA ASP B 304 13.56 -15.33 -6.84
C ASP B 304 12.43 -16.22 -6.32
N ASP B 305 12.62 -17.54 -6.36
CA ASP B 305 11.64 -18.44 -5.75
C ASP B 305 11.51 -18.17 -4.26
N LEU B 306 12.63 -17.98 -3.58
CA LEU B 306 12.57 -17.66 -2.16
C LEU B 306 11.86 -16.32 -1.91
N SER B 307 12.11 -15.33 -2.77
CA SER B 307 11.43 -14.05 -2.65
C SER B 307 9.93 -14.20 -2.82
N ASN B 308 9.50 -15.00 -3.81
CA ASN B 308 8.08 -15.24 -4.01
C ASN B 308 7.46 -15.91 -2.79
N ALA B 309 8.14 -16.91 -2.23
CA ALA B 309 7.61 -17.59 -1.05
C ALA B 309 7.50 -16.63 0.13
N ALA B 310 8.52 -15.79 0.35
CA ALA B 310 8.48 -14.86 1.46
C ALA B 310 7.39 -13.81 1.27
N ARG B 311 7.20 -13.33 0.04
CA ARG B 311 6.14 -12.37 -0.23
C ARG B 311 4.76 -13.00 -0.01
N GLU B 312 4.59 -14.26 -0.42
CA GLU B 312 3.34 -14.95 -0.14
C GLU B 312 3.10 -15.08 1.35
N LEU B 313 4.15 -15.39 2.12
CA LEU B 313 4.00 -15.50 3.56
C LEU B 313 3.62 -14.16 4.19
N ARG B 314 4.23 -13.07 3.73
CA ARG B 314 3.88 -11.75 4.27
C ARG B 314 2.44 -11.37 3.92
N VAL B 315 2.02 -11.66 2.68
CA VAL B 315 0.64 -11.39 2.30
C VAL B 315 -0.32 -12.21 3.14
N LEU B 316 0.05 -13.46 3.43
CA LEU B 316 -0.76 -14.31 4.30
C LEU B 316 -0.85 -13.72 5.71
N ILE B 317 0.27 -13.19 6.22
CA ILE B 317 0.25 -12.56 7.53
C ILE B 317 -0.72 -11.38 7.56
N ASP B 318 -0.65 -10.53 6.53
CA ASP B 318 -1.55 -9.37 6.46
C ASP B 318 -3.01 -9.80 6.36
N ASP B 319 -3.29 -10.80 5.52
CA ASP B 319 -4.67 -11.27 5.37
C ASP B 319 -5.19 -11.88 6.68
N SER B 320 -4.35 -12.65 7.37
CA SER B 320 -4.76 -13.23 8.64
C SER B 320 -5.00 -12.16 9.69
N GLN B 321 -4.18 -11.11 9.72
CA GLN B 321 -4.42 -10.01 10.64
C GLN B 321 -5.75 -9.31 10.32
N SER B 322 -6.04 -9.11 9.04
CA SER B 322 -7.32 -8.53 8.65
C SER B 322 -8.49 -9.42 9.05
N ILE B 323 -8.32 -10.75 9.00
CA ILE B 323 -9.37 -11.66 9.44
C ILE B 323 -9.54 -11.60 10.95
N ILE B 324 -8.44 -11.51 11.69
CA ILE B 324 -8.53 -11.38 13.15
C ILE B 324 -9.26 -10.10 13.51
N PHE B 325 -9.02 -9.02 12.76
CA PHE B 325 -9.73 -7.77 13.03
C PHE B 325 -11.24 -7.93 12.90
N ILE B 326 -11.70 -8.81 11.99
CA ILE B 326 -13.13 -9.09 11.91
C ILE B 326 -13.55 -10.05 13.01
N ASN B 327 -12.64 -10.93 13.45
CA ASN B 327 -12.98 -11.88 14.50
C ASN B 327 -13.22 -11.20 15.84
N LEU B 328 -12.42 -10.18 16.17
CA LEU B 328 -12.56 -9.47 17.42
C LEU B 328 -13.65 -8.41 17.40
N ASP B 329 -14.20 -8.11 16.22
CA ASP B 329 -15.29 -7.13 16.08
C ASP B 329 -16.64 -7.81 15.94
N SER B 330 -16.72 -8.94 15.25
CA SER B 330 -17.98 -9.65 15.13
C SER B 330 -18.33 -10.37 16.43
N HIS B 331 -17.34 -10.83 17.18
CA HIS B 331 -17.62 -11.45 18.46
C HIS B 331 -18.02 -10.43 19.52
N ARG B 332 -17.50 -9.20 19.41
CA ARG B 332 -17.91 -8.15 20.33
C ARG B 332 -19.39 -7.82 20.15
N ASN B 333 -19.89 -7.86 18.92
CA ASN B 333 -21.29 -7.56 18.66
C ASN B 333 -22.22 -8.59 19.29
N VAL B 334 -21.77 -9.83 19.41
CA VAL B 334 -22.59 -10.85 20.07
C VAL B 334 -22.82 -10.49 21.53
N MET B 335 -21.74 -10.13 22.24
CA MET B 335 -21.89 -9.69 23.61
C MET B 335 -22.66 -8.38 23.70
N MET B 336 -22.53 -7.52 22.69
CA MET B 336 -23.35 -6.31 22.65
C MET B 336 -24.83 -6.66 22.64
N ARG B 337 -25.23 -7.61 21.77
CA ARG B 337 -26.63 -8.00 21.68
C ARG B 337 -27.11 -8.66 22.96
N LEU B 338 -26.29 -9.53 23.56
CA LEU B 338 -26.69 -10.17 24.81
C LEU B 338 -26.84 -9.14 25.93
N ASN B 339 -25.89 -8.21 26.04
CA ASN B 339 -25.98 -7.17 27.06
C ASN B 339 -27.20 -6.29 26.83
N LEU B 340 -27.50 -5.96 25.58
CA LEU B 340 -28.68 -5.16 25.28
C LEU B 340 -29.96 -5.89 25.68
N GLN B 341 -30.04 -7.19 25.37
CA GLN B 341 -31.22 -7.96 25.75
C GLN B 341 -31.40 -8.01 27.25
N LEU B 342 -30.31 -8.25 27.98
CA LEU B 342 -30.39 -8.27 29.44
C LEU B 342 -30.72 -6.89 30.00
N THR B 343 -30.24 -5.82 29.36
CA THR B 343 -30.57 -4.48 29.79
C THR B 343 -32.06 -4.20 29.62
N MET B 344 -32.63 -4.62 28.49
CA MET B 344 -34.07 -4.51 28.31
C MET B 344 -34.83 -5.30 29.38
N GLY B 345 -34.37 -6.52 29.68
CA GLY B 345 -35.04 -7.32 30.69
C GLY B 345 -35.02 -6.65 32.05
N THR B 346 -33.86 -6.20 32.49
CA THR B 346 -33.76 -5.56 33.80
C THR B 346 -34.46 -4.20 33.84
N PHE B 347 -34.49 -3.48 32.72
CA PHE B 347 -35.25 -2.23 32.68
C PHE B 347 -36.74 -2.48 32.83
N SER B 348 -37.27 -3.50 32.15
CA SER B 348 -38.67 -3.85 32.34
C SER B 348 -38.94 -4.28 33.77
N LEU B 349 -38.04 -5.08 34.34
CA LEU B 349 -38.20 -5.51 35.73
C LEU B 349 -38.23 -4.34 36.70
N SER B 350 -37.31 -3.38 36.54
CA SER B 350 -37.31 -2.19 37.37
C SER B 350 -38.55 -1.33 37.15
N LEU B 351 -38.98 -1.17 35.89
CA LEU B 351 -40.15 -0.36 35.60
C LEU B 351 -41.40 -0.91 36.27
N PHE B 352 -41.55 -2.24 36.26
CA PHE B 352 -42.73 -2.81 36.89
C PHE B 352 -42.57 -3.03 38.39
N GLY B 353 -41.34 -3.10 38.90
CA GLY B 353 -41.14 -3.09 40.33
C GLY B 353 -41.25 -1.71 40.95
N LEU B 354 -41.22 -0.67 40.12
CA LEU B 354 -41.47 0.68 40.63
C LEU B 354 -42.85 0.79 41.28
N MET B 355 -43.87 0.19 40.68
CA MET B 355 -45.20 0.23 41.28
C MET B 355 -45.25 -0.58 42.56
N GLY B 356 -44.49 -1.68 42.64
CA GLY B 356 -44.42 -2.44 43.87
C GLY B 356 -43.75 -1.67 44.99
N VAL B 357 -42.70 -0.92 44.66
CA VAL B 357 -42.07 -0.05 45.63
C VAL B 357 -43.03 1.06 46.06
N ALA B 358 -43.78 1.61 45.11
CA ALA B 358 -44.75 2.66 45.43
C ALA B 358 -45.83 2.15 46.39
N PHE B 359 -46.31 0.93 46.16
CA PHE B 359 -47.28 0.32 47.07
C PHE B 359 -46.64 -0.25 48.33
N GLY B 360 -45.31 -0.33 48.37
CA GLY B 360 -44.61 -0.83 49.55
C GLY B 360 -44.29 0.20 50.61
N MET B 361 -44.63 1.47 50.38
CA MET B 361 -44.36 2.51 51.37
C MET B 361 -45.24 2.32 52.61
N ASN B 362 -44.71 2.77 53.75
CA ASN B 362 -45.45 2.68 55.00
C ASN B 362 -46.42 3.84 55.15
N LEU B 363 -47.30 4.00 54.17
CA LEU B 363 -48.30 5.06 54.15
C LEU B 363 -49.69 4.45 53.99
N GLU B 364 -50.69 5.30 53.87
CA GLU B 364 -52.08 4.88 53.72
C GLU B 364 -52.41 4.84 52.23
N SER B 365 -52.56 3.63 51.68
CA SER B 365 -52.90 3.46 50.27
C SER B 365 -54.40 3.31 50.04
N SER B 366 -55.19 3.29 51.10
CA SER B 366 -56.65 3.18 51.03
C SER B 366 -57.10 1.89 50.31
N LEU B 367 -56.22 0.90 50.22
CA LEU B 367 -56.56 -0.36 49.56
C LEU B 367 -56.10 -1.58 50.35
N GLU B 368 -55.63 -1.41 51.58
CA GLU B 368 -55.15 -2.55 52.36
C GLU B 368 -56.28 -3.47 52.79
N GLU B 369 -57.52 -2.99 52.81
CA GLU B 369 -58.64 -3.83 53.25
C GLU B 369 -59.02 -4.86 52.18
N ASP B 370 -58.80 -4.54 50.91
CA ASP B 370 -59.15 -5.47 49.85
C ASP B 370 -58.24 -6.68 49.86
N HIS B 371 -58.83 -7.86 49.65
CA HIS B 371 -58.10 -9.12 49.67
C HIS B 371 -57.67 -9.59 48.29
N ARG B 372 -57.93 -8.81 47.24
CA ARG B 372 -57.57 -9.19 45.88
C ARG B 372 -56.66 -8.19 45.18
N ILE B 373 -56.43 -7.01 45.77
CA ILE B 373 -55.61 -6.00 45.12
C ILE B 373 -54.15 -6.44 45.06
N PHE B 374 -53.67 -7.09 46.12
CA PHE B 374 -52.26 -7.50 46.16
C PHE B 374 -51.94 -8.51 45.07
N TRP B 375 -52.76 -9.56 44.96
CA TRP B 375 -52.53 -10.58 43.93
C TRP B 375 -52.69 -10.00 42.53
N LEU B 376 -53.67 -9.12 42.33
CA LEU B 376 -53.84 -8.49 41.03
C LEU B 376 -52.61 -7.66 40.66
N ILE B 377 -52.09 -6.88 41.61
CA ILE B 377 -50.91 -6.07 41.34
C ILE B 377 -49.70 -6.96 41.04
N THR B 378 -49.53 -8.04 41.80
CA THR B 378 -48.40 -8.94 41.57
C THR B 378 -48.49 -9.59 40.19
N GLY B 379 -49.69 -10.06 39.81
CA GLY B 379 -49.85 -10.66 38.50
C GLY B 379 -49.64 -9.66 37.38
N ILE B 380 -50.16 -8.45 37.53
CA ILE B 380 -49.93 -7.41 36.53
C ILE B 380 -48.44 -7.12 36.40
N MET B 381 -47.73 -7.01 37.52
CA MET B 381 -46.29 -6.76 37.48
C MET B 381 -45.57 -7.87 36.72
N PHE B 382 -45.82 -9.13 37.10
CA PHE B 382 -45.09 -10.24 36.49
C PHE B 382 -45.42 -10.38 35.01
N MET B 383 -46.67 -10.17 34.62
CA MET B 383 -47.03 -10.30 33.21
C MET B 383 -46.49 -9.14 32.39
N GLY B 384 -46.63 -7.90 32.90
CA GLY B 384 -46.18 -6.75 32.17
C GLY B 384 -44.67 -6.68 32.03
N SER B 385 -43.94 -7.24 32.99
CA SER B 385 -42.49 -7.34 32.84
C SER B 385 -42.13 -8.11 31.58
N GLY B 386 -42.72 -9.30 31.40
CA GLY B 386 -42.45 -10.07 30.20
C GLY B 386 -42.98 -9.41 28.94
N LEU B 387 -44.14 -8.76 29.03
CA LEU B 387 -44.70 -8.08 27.87
C LEU B 387 -43.78 -6.95 27.39
N ILE B 388 -43.31 -6.12 28.31
CA ILE B 388 -42.42 -5.03 27.95
C ILE B 388 -41.08 -5.57 27.48
N TRP B 389 -40.62 -6.67 28.09
CA TRP B 389 -39.38 -7.28 27.62
C TRP B 389 -39.49 -7.76 26.18
N ARG B 390 -40.62 -8.38 25.83
CA ARG B 390 -40.83 -8.83 24.46
C ARG B 390 -40.96 -7.64 23.50
N ARG B 391 -41.67 -6.59 23.92
CA ARG B 391 -41.82 -5.41 23.08
C ARG B 391 -40.47 -4.75 22.80
N LEU B 392 -39.61 -4.69 23.83
CA LEU B 392 -38.28 -4.14 23.63
C LEU B 392 -37.40 -5.08 22.82
N LEU B 393 -37.56 -6.39 22.97
CA LEU B 393 -36.82 -7.34 22.16
C LEU B 393 -37.18 -7.22 20.69
N SER B 394 -38.42 -6.87 20.38
CA SER B 394 -38.80 -6.55 19.01
C SER B 394 -38.10 -5.30 18.48
N PHE B 395 -37.70 -4.39 19.38
CA PHE B 395 -37.08 -3.14 18.94
C PHE B 395 -35.73 -3.39 18.26
N LEU B 396 -34.87 -4.22 18.87
CA LEU B 396 -33.58 -4.50 18.25
C LEU B 396 -33.72 -5.36 17.00
N GLY B 397 -34.78 -6.18 16.92
CA GLY B 397 -35.06 -6.90 15.69
C GLY B 397 -35.59 -6.04 14.57
N ARG B 398 -36.22 -4.91 14.91
CA ARG B 398 -36.69 -3.97 13.90
C ARG B 398 -35.60 -3.00 13.48
N GLN B 399 -34.91 -2.38 14.44
CA GLN B 399 -33.83 -1.44 14.16
C GLN B 399 -32.51 -2.20 14.17
N LEU B 400 -31.87 -2.28 13.00
CA LEU B 400 -30.60 -2.98 12.88
C LEU B 400 -29.43 -2.00 12.94
N ALA C 83 24.16 44.30 -0.27
CA ALA C 83 25.05 43.40 -0.98
C ALA C 83 25.18 42.07 -0.24
N PRO C 84 24.61 41.01 -0.81
CA PRO C 84 24.72 39.69 -0.18
C PRO C 84 26.17 39.23 -0.11
N VAL C 85 26.48 38.49 0.95
CA VAL C 85 27.85 38.09 1.23
C VAL C 85 27.90 36.60 1.57
N PHE C 86 29.09 36.03 1.45
CA PHE C 86 29.34 34.63 1.76
C PHE C 86 30.43 34.51 2.81
N THR C 87 30.27 33.55 3.71
CA THR C 87 31.30 33.19 4.68
C THR C 87 32.02 31.95 4.15
N VAL C 88 33.30 32.10 3.81
CA VAL C 88 34.05 31.08 3.08
C VAL C 88 35.15 30.55 3.98
N THR C 89 35.25 29.22 4.06
CA THR C 89 36.35 28.54 4.73
C THR C 89 37.16 27.80 3.67
N LYS C 90 38.40 28.23 3.45
CA LYS C 90 39.24 27.73 2.37
C LYS C 90 40.25 26.73 2.90
N PHE C 91 40.27 25.54 2.30
CA PHE C 91 41.24 24.50 2.62
C PHE C 91 42.18 24.32 1.44
N ASP C 92 43.48 24.47 1.69
CA ASP C 92 44.47 24.31 0.64
C ASP C 92 44.86 22.83 0.50
N LYS C 93 45.75 22.56 -0.46
CA LYS C 93 46.20 21.19 -0.68
C LYS C 93 47.03 20.66 0.48
N GLN C 94 47.60 21.54 1.29
CA GLN C 94 48.42 21.14 2.43
C GLN C 94 47.63 21.05 3.73
N GLY C 95 46.31 21.22 3.68
CA GLY C 95 45.49 21.17 4.86
C GLY C 95 45.37 22.46 5.62
N ASN C 96 45.97 23.54 5.13
CA ASN C 96 45.86 24.83 5.80
C ASN C 96 44.43 25.35 5.76
N VAL C 97 43.98 25.92 6.88
CA VAL C 97 42.62 26.43 7.01
C VAL C 97 42.69 27.95 7.12
N THR C 98 42.06 28.64 6.17
CA THR C 98 41.98 30.09 6.18
C THR C 98 40.53 30.50 6.04
N SER C 99 40.06 31.32 6.98
CA SER C 99 38.69 31.81 6.97
C SER C 99 38.71 33.32 6.74
N PHE C 100 37.98 33.76 5.73
CA PHE C 100 37.92 35.17 5.37
C PHE C 100 36.46 35.54 5.10
N GLU C 101 36.24 36.75 4.59
CA GLU C 101 34.90 37.31 4.46
C GLU C 101 34.83 38.04 3.12
N ARG C 102 34.20 37.42 2.13
CA ARG C 102 34.19 37.95 0.76
C ARG C 102 32.77 38.04 0.25
N LYS C 103 32.52 39.07 -0.56
CA LYS C 103 31.20 39.30 -1.12
C LYS C 103 30.90 38.29 -2.23
N LYS C 104 29.60 38.11 -2.49
CA LYS C 104 29.17 37.15 -3.51
C LYS C 104 29.64 37.58 -4.90
N THR C 105 29.50 38.87 -5.22
CA THR C 105 29.88 39.34 -6.55
C THR C 105 31.38 39.17 -6.79
N GLU C 106 32.20 39.47 -5.79
CA GLU C 106 33.64 39.25 -5.93
C GLU C 106 33.98 37.78 -5.94
N LEU C 107 33.24 36.96 -5.19
CA LEU C 107 33.47 35.52 -5.20
C LEU C 107 33.18 34.91 -6.55
N TYR C 108 32.16 35.42 -7.26
CA TYR C 108 31.86 34.92 -8.60
C TYR C 108 33.03 35.17 -9.55
N GLN C 109 33.62 36.36 -9.50
CA GLN C 109 34.78 36.67 -10.33
C GLN C 109 35.98 35.84 -9.93
N GLU C 110 36.20 35.66 -8.62
CA GLU C 110 37.35 34.88 -8.15
C GLU C 110 37.25 33.42 -8.59
N LEU C 111 36.05 32.84 -8.47
CA LEU C 111 35.85 31.44 -8.83
C LEU C 111 35.57 31.23 -10.31
N GLY C 112 35.38 32.29 -11.08
CA GLY C 112 35.02 32.15 -12.47
C GLY C 112 33.64 31.55 -12.69
N LEU C 113 32.66 31.97 -11.90
CA LEU C 113 31.30 31.46 -11.98
C LEU C 113 30.33 32.63 -12.11
N GLN C 114 29.05 32.31 -12.14
CA GLN C 114 27.99 33.30 -12.19
C GLN C 114 27.03 33.07 -11.03
N ALA C 115 26.16 34.06 -10.79
CA ALA C 115 25.25 33.99 -9.65
C ALA C 115 24.30 32.81 -9.75
N ARG C 116 23.96 32.38 -10.97
CA ARG C 116 23.02 31.27 -11.13
C ARG C 116 23.63 29.94 -10.68
N ASP C 117 24.96 29.81 -10.74
CA ASP C 117 25.60 28.58 -10.31
C ASP C 117 25.56 28.42 -8.80
N LEU C 118 25.90 29.49 -8.07
CA LEU C 118 25.95 29.46 -6.61
C LEU C 118 24.64 29.93 -5.99
N ARG C 119 23.53 29.31 -6.39
CA ARG C 119 22.23 29.64 -5.81
C ARG C 119 21.88 28.75 -4.63
N PHE C 120 22.28 27.48 -4.69
CA PHE C 120 22.07 26.51 -3.60
C PHE C 120 20.59 26.44 -3.22
N GLN C 121 19.74 26.21 -4.21
CA GLN C 121 18.30 26.08 -4.00
C GLN C 121 17.84 24.63 -3.87
N HIS C 122 18.75 23.67 -3.98
CA HIS C 122 18.43 22.25 -3.89
C HIS C 122 19.10 21.66 -2.66
N VAL C 123 18.33 20.86 -1.91
CA VAL C 123 18.86 20.27 -0.68
C VAL C 123 19.95 19.26 -0.99
N MET C 124 19.83 18.52 -2.09
CA MET C 124 20.83 17.55 -2.52
C MET C 124 21.14 17.78 -3.99
N SER C 125 22.34 18.27 -4.27
CA SER C 125 22.75 18.51 -5.64
C SER C 125 24.26 18.45 -5.73
N ILE C 126 24.76 17.79 -6.76
CA ILE C 126 26.19 17.70 -7.05
C ILE C 126 26.37 18.05 -8.52
N THR C 127 26.90 19.24 -8.80
CA THR C 127 27.05 19.73 -10.17
C THR C 127 28.47 20.24 -10.38
N VAL C 128 28.90 20.21 -11.64
CA VAL C 128 30.22 20.68 -12.04
C VAL C 128 29.99 21.80 -13.05
N ARG C 129 30.19 23.04 -12.64
CA ARG C 129 30.00 24.21 -13.50
C ARG C 129 31.32 24.94 -13.65
N ASN C 130 31.73 25.14 -14.91
CA ASN C 130 32.96 25.87 -15.23
C ASN C 130 34.17 25.29 -14.50
N ASN C 131 34.29 23.96 -14.57
CA ASN C 131 35.41 23.24 -13.96
C ASN C 131 35.48 23.44 -12.45
N ARG C 132 34.32 23.69 -11.82
CA ARG C 132 34.22 23.80 -10.38
C ARG C 132 33.10 22.90 -9.89
N ILE C 133 33.42 22.05 -8.91
CA ILE C 133 32.45 21.10 -8.39
C ILE C 133 31.63 21.80 -7.31
N ILE C 134 30.39 22.14 -7.66
CA ILE C 134 29.47 22.81 -6.73
C ILE C 134 28.51 21.75 -6.22
N MET C 135 28.59 21.43 -4.93
CA MET C 135 27.78 20.39 -4.34
C MET C 135 27.25 20.85 -2.99
N ARG C 136 26.00 20.48 -2.70
CA ARG C 136 25.31 20.96 -1.50
C ARG C 136 24.59 19.79 -0.85
N MET C 137 24.66 19.72 0.49
CA MET C 137 23.95 18.71 1.27
C MET C 137 23.24 19.44 2.42
N GLU C 138 21.98 19.80 2.20
CA GLU C 138 21.17 20.51 3.19
C GLU C 138 21.88 21.78 3.67
N TYR C 139 22.50 21.71 4.84
CA TYR C 139 23.20 22.86 5.41
C TYR C 139 24.67 22.92 5.01
N LEU C 140 25.16 21.92 4.28
CA LEU C 140 26.57 21.84 3.89
C LEU C 140 26.69 22.28 2.44
N LYS C 141 27.16 23.51 2.23
CA LYS C 141 27.38 24.05 0.90
C LYS C 141 28.88 24.20 0.69
N ALA C 142 29.39 23.56 -0.36
CA ALA C 142 30.82 23.56 -0.64
C ALA C 142 31.07 23.64 -2.13
N VAL C 143 32.19 24.26 -2.48
CA VAL C 143 32.65 24.35 -3.87
C VAL C 143 34.10 23.85 -3.91
N ILE C 144 34.37 22.92 -4.80
CA ILE C 144 35.67 22.27 -4.90
C ILE C 144 36.41 22.83 -6.10
N THR C 145 37.60 23.35 -5.88
CA THR C 145 38.47 23.91 -6.90
C THR C 145 39.71 23.03 -7.06
N PRO C 146 40.42 23.13 -8.19
CA PRO C 146 41.59 22.27 -8.41
C PRO C 146 42.63 22.36 -7.29
N GLU C 147 42.79 23.54 -6.70
CA GLU C 147 43.83 23.76 -5.70
C GLU C 147 43.29 24.07 -4.31
N CYS C 148 41.98 24.16 -4.12
CA CYS C 148 41.43 24.49 -2.82
C CYS C 148 40.00 24.01 -2.71
N LEU C 149 39.51 23.93 -1.47
CA LEU C 149 38.14 23.57 -1.17
C LEU C 149 37.53 24.68 -0.30
N LEU C 150 36.35 25.14 -0.68
CA LEU C 150 35.67 26.23 0.00
C LEU C 150 34.38 25.72 0.64
N ILE C 151 34.15 26.12 1.88
CA ILE C 151 32.91 25.83 2.60
C ILE C 151 32.16 27.14 2.79
N LEU C 152 30.92 27.18 2.31
CA LEU C 152 30.13 28.40 2.30
C LEU C 152 28.96 28.28 3.28
N ASP C 153 28.75 29.35 4.05
CA ASP C 153 27.67 29.43 5.04
C ASP C 153 27.76 28.29 6.05
N TYR C 154 28.87 28.31 6.82
CA TYR C 154 29.15 27.28 7.80
C TYR C 154 28.92 27.71 9.23
N ARG C 155 28.71 29.00 9.48
CA ARG C 155 28.61 29.50 10.84
C ARG C 155 27.30 29.09 11.49
N ASN C 156 27.37 28.81 12.80
CA ASN C 156 26.19 28.48 13.60
C ASN C 156 25.45 27.27 13.05
N LEU C 157 26.20 26.25 12.63
CA LEU C 157 25.60 25.02 12.12
C LEU C 157 26.32 23.79 12.65
N ASN C 158 26.98 23.91 13.81
CA ASN C 158 27.67 22.80 14.46
C ASN C 158 28.71 22.17 13.54
N LEU C 159 29.39 23.01 12.75
CA LEU C 159 30.47 22.58 11.88
C LEU C 159 31.83 23.08 12.35
N GLU C 160 31.93 23.53 13.59
CA GLU C 160 33.15 24.11 14.12
C GLU C 160 34.14 23.05 14.63
N GLN C 161 33.72 21.78 14.72
CA GLN C 161 34.58 20.70 15.16
C GLN C 161 35.17 19.91 14.00
N TRP C 162 34.33 19.45 13.06
CA TRP C 162 34.83 18.69 11.94
C TRP C 162 35.72 19.53 11.03
N LEU C 163 35.33 20.78 10.76
CA LEU C 163 36.03 21.61 9.78
C LEU C 163 37.47 21.88 10.19
N PHE C 164 37.73 22.08 11.49
CA PHE C 164 39.06 22.47 11.95
C PHE C 164 39.80 21.36 12.69
N ARG C 165 39.23 20.16 12.79
CA ARG C 165 39.90 19.07 13.48
C ARG C 165 39.85 17.73 12.76
N GLU C 166 38.98 17.56 11.77
CA GLU C 166 38.91 16.31 11.03
C GLU C 166 39.16 16.48 9.53
N LEU C 167 38.57 17.50 8.92
CA LEU C 167 38.77 17.74 7.49
C LEU C 167 40.22 18.00 7.12
N PRO C 168 40.99 18.84 7.84
CA PRO C 168 42.39 19.02 7.44
C PRO C 168 43.21 17.75 7.47
N SER C 169 42.94 16.85 8.42
CA SER C 169 43.68 15.59 8.47
C SER C 169 43.39 14.73 7.25
N GLN C 170 42.13 14.67 6.83
CA GLN C 170 41.78 13.87 5.65
C GLN C 170 42.30 14.52 4.36
N LEU C 171 42.28 15.85 4.29
CA LEU C 171 42.72 16.54 3.09
C LEU C 171 44.24 16.62 2.97
N SER C 172 44.96 16.46 4.07
CA SER C 172 46.42 16.54 4.03
C SER C 172 47.06 15.30 3.41
N GLY C 173 46.33 14.19 3.33
CA GLY C 173 46.88 12.98 2.75
C GLY C 173 47.86 12.24 3.62
N GLU C 174 47.91 12.54 4.91
CA GLU C 174 48.82 11.86 5.81
C GLU C 174 48.42 10.40 5.97
N GLY C 175 49.41 9.52 6.07
CA GLY C 175 49.14 8.11 6.18
C GLY C 175 48.56 7.53 4.90
N GLN C 176 47.72 6.51 5.07
CA GLN C 176 47.04 5.84 3.96
C GLN C 176 48.04 5.27 2.96
N LEU C 177 47.56 4.95 1.75
CA LEU C 177 48.41 4.39 0.72
C LEU C 177 49.07 5.52 -0.06
N VAL C 178 50.40 5.59 0.01
CA VAL C 178 51.14 6.63 -0.71
C VAL C 178 51.55 6.21 -2.11
N THR C 179 51.24 4.98 -2.52
CA THR C 179 51.63 4.49 -3.84
C THR C 179 50.74 5.02 -4.96
N TYR C 180 49.59 5.62 -4.62
CA TYR C 180 48.67 6.17 -5.63
C TYR C 180 47.92 7.34 -5.03
N PRO C 181 48.54 8.52 -4.99
CA PRO C 181 47.87 9.71 -4.45
C PRO C 181 46.98 10.34 -5.51
N LEU C 182 45.68 10.37 -5.24
CA LEU C 182 44.71 10.94 -6.16
C LEU C 182 44.68 12.46 -6.02
N PRO C 183 44.18 13.18 -7.04
CA PRO C 183 44.15 14.64 -6.96
C PRO C 183 43.28 15.15 -5.82
N PHE C 184 43.34 16.46 -5.61
CA PHE C 184 42.67 17.08 -4.47
C PHE C 184 41.15 16.95 -4.56
N GLU C 185 40.60 17.04 -5.77
CA GLU C 185 39.15 16.97 -5.92
C GLU C 185 38.59 15.63 -5.48
N PHE C 186 39.32 14.54 -5.75
CA PHE C 186 38.90 13.22 -5.29
C PHE C 186 38.82 13.15 -3.77
N ARG C 187 39.85 13.64 -3.08
CA ARG C 187 39.84 13.62 -1.62
C ARG C 187 38.75 14.52 -1.06
N ALA C 188 38.51 15.69 -1.67
CA ALA C 188 37.47 16.57 -1.19
C ALA C 188 36.08 15.93 -1.35
N ILE C 189 35.82 15.34 -2.52
CA ILE C 189 34.54 14.67 -2.73
C ILE C 189 34.36 13.52 -1.75
N GLU C 190 35.43 12.73 -1.56
CA GLU C 190 35.35 11.60 -0.62
C GLU C 190 35.06 12.08 0.79
N ALA C 191 35.74 13.15 1.22
CA ALA C 191 35.55 13.66 2.57
C ALA C 191 34.13 14.19 2.76
N LEU C 192 33.61 14.95 1.80
CA LEU C 192 32.25 15.48 1.94
C LEU C 192 31.22 14.36 1.93
N LEU C 193 31.37 13.39 1.03
CA LEU C 193 30.43 12.28 0.96
C LEU C 193 30.47 11.46 2.24
N GLN C 194 31.67 11.22 2.78
CA GLN C 194 31.80 10.48 4.04
C GLN C 194 31.19 11.25 5.19
N TYR C 195 31.36 12.57 5.23
CA TYR C 195 30.72 13.36 6.29
C TYR C 195 29.21 13.26 6.22
N TRP C 196 28.65 13.36 5.02
CA TRP C 196 27.19 13.26 4.91
C TRP C 196 26.69 11.86 5.26
N ILE C 197 27.41 10.82 4.83
CA ILE C 197 27.01 9.47 5.17
C ILE C 197 27.13 9.23 6.68
N ASN C 198 28.13 9.82 7.34
CA ASN C 198 28.26 9.73 8.79
C ASN C 198 27.12 10.45 9.51
N THR C 199 26.72 11.63 9.02
CA THR C 199 25.59 12.32 9.63
C THR C 199 24.30 11.52 9.46
N LEU C 200 24.09 10.93 8.28
CA LEU C 200 22.90 10.11 8.07
C LEU C 200 22.92 8.87 8.97
N GLN C 201 24.10 8.24 9.11
CA GLN C 201 24.22 7.09 9.99
C GLN C 201 23.95 7.47 11.44
N GLY C 202 24.43 8.65 11.87
CA GLY C 202 24.13 9.11 13.21
C GLY C 202 22.66 9.38 13.44
N LYS C 203 22.00 9.99 12.45
CA LYS C 203 20.56 10.20 12.55
C LYS C 203 19.81 8.88 12.68
N LEU C 204 20.18 7.89 11.85
CA LEU C 204 19.54 6.58 11.94
C LEU C 204 19.81 5.87 13.26
N SER C 205 21.05 5.93 13.75
CA SER C 205 21.41 5.27 15.00
C SER C 205 20.89 5.99 16.22
N ILE C 206 20.44 7.23 16.07
CA ILE C 206 19.71 7.93 17.13
C ILE C 206 18.22 7.62 17.06
N LEU C 207 17.65 7.53 15.85
CA LEU C 207 16.23 7.26 15.71
C LEU C 207 15.87 5.83 16.09
N GLN C 208 16.73 4.87 15.74
CA GLN C 208 16.37 3.47 15.92
C GLN C 208 16.16 3.08 17.38
N PRO C 209 17.05 3.37 18.32
CA PRO C 209 16.78 2.98 19.72
C PRO C 209 15.54 3.61 20.30
N LEU C 210 15.27 4.88 20.00
CA LEU C 210 14.06 5.52 20.52
C LEU C 210 12.81 4.86 19.99
N ILE C 211 12.77 4.57 18.68
CA ILE C 211 11.60 3.92 18.11
C ILE C 211 11.43 2.52 18.69
N LEU C 212 12.52 1.77 18.84
CA LEU C 212 12.43 0.44 19.40
C LEU C 212 11.92 0.46 20.83
N GLU C 213 12.44 1.39 21.66
CA GLU C 213 12.02 1.45 23.05
C GLU C 213 10.58 1.96 23.18
N THR C 214 10.12 2.78 22.23
CA THR C 214 8.74 3.23 22.27
C THR C 214 7.79 2.13 21.85
N LEU C 215 8.16 1.34 20.83
CA LEU C 215 7.30 0.28 20.35
C LEU C 215 7.33 -0.95 21.27
N ASP C 216 8.39 -1.11 22.07
CA ASP C 216 8.45 -2.25 22.98
C ASP C 216 7.59 -2.07 24.22
N ALA C 217 7.10 -0.87 24.48
CA ALA C 217 6.24 -0.61 25.63
C ALA C 217 4.76 -0.66 25.29
N LEU C 218 4.36 -0.10 24.15
CA LEU C 218 2.96 -0.14 23.75
C LEU C 218 2.53 -1.54 23.34
N VAL C 219 3.45 -2.31 22.75
CA VAL C 219 3.11 -3.66 22.29
C VAL C 219 2.83 -4.58 23.47
N ASP C 220 3.54 -4.39 24.58
CA ASP C 220 3.42 -5.29 25.73
C ASP C 220 1.98 -5.35 26.23
N PRO C 221 1.39 -6.55 26.37
CA PRO C 221 -0.01 -6.68 26.80
C PRO C 221 -0.17 -6.78 28.31
N LYS C 222 0.37 -5.81 29.04
CA LYS C 222 0.24 -5.76 30.48
C LYS C 222 -0.63 -4.61 30.96
N HIS C 223 -1.18 -3.82 30.05
CA HIS C 223 -2.04 -2.70 30.39
C HIS C 223 -3.25 -2.69 29.47
N SER C 224 -4.39 -2.24 30.01
CA SER C 224 -5.61 -2.15 29.22
C SER C 224 -5.46 -1.15 28.08
N SER C 225 -4.84 0.00 28.37
CA SER C 225 -4.61 1.04 27.38
C SER C 225 -3.11 1.23 27.18
N VAL C 226 -2.76 2.13 26.27
CA VAL C 226 -1.37 2.46 25.99
C VAL C 226 -1.10 3.87 26.53
N ASP C 227 0.17 4.11 26.85
CA ASP C 227 0.59 5.41 27.37
C ASP C 227 0.38 6.48 26.31
N ARG C 228 -0.54 7.41 26.57
CA ARG C 228 -0.85 8.43 25.58
C ARG C 228 0.28 9.42 25.39
N SER C 229 1.17 9.52 26.39
CA SER C 229 2.32 10.43 26.25
C SER C 229 3.30 9.93 25.20
N LYS C 230 3.48 8.61 25.11
CA LYS C 230 4.43 8.03 24.17
C LYS C 230 3.90 8.01 22.74
N LEU C 231 2.60 8.23 22.53
CA LEU C 231 2.07 8.29 21.17
C LEU C 231 2.62 9.50 20.42
N HIS C 232 2.74 10.64 21.09
CA HIS C 232 3.34 11.81 20.45
C HIS C 232 4.81 11.57 20.12
N ILE C 233 5.54 10.90 21.01
CA ILE C 233 6.94 10.55 20.73
C ILE C 233 7.02 9.65 19.50
N LEU C 234 6.13 8.67 19.42
CA LEU C 234 6.11 7.79 18.25
C LEU C 234 5.79 8.56 16.98
N LEU C 235 4.85 9.50 17.04
CA LEU C 235 4.51 10.28 15.85
C LEU C 235 5.69 11.15 15.41
N GLN C 236 6.36 11.81 16.35
CA GLN C 236 7.52 12.63 16.00
C GLN C 236 8.64 11.77 15.44
N ASN C 237 8.87 10.59 16.02
CA ASN C 237 9.90 9.70 15.51
C ASN C 237 9.56 9.20 14.12
N GLY C 238 8.29 8.92 13.85
CA GLY C 238 7.89 8.54 12.50
C GLY C 238 8.08 9.66 11.49
N LYS C 239 7.77 10.89 11.87
CA LYS C 239 8.01 12.02 10.98
C LYS C 239 9.51 12.20 10.70
N SER C 240 10.34 12.07 11.74
CA SER C 240 11.78 12.18 11.56
C SER C 240 12.30 11.05 10.69
N LEU C 241 11.74 9.83 10.83
CA LEU C 241 12.14 8.72 9.99
C LEU C 241 11.76 8.95 8.54
N SER C 242 10.58 9.53 8.30
CA SER C 242 10.19 9.85 6.93
C SER C 242 11.13 10.89 6.32
N GLU C 243 11.49 11.92 7.09
CA GLU C 243 12.43 12.91 6.59
C GLU C 243 13.80 12.30 6.31
N LEU C 244 14.27 11.41 7.20
CA LEU C 244 15.54 10.74 6.98
C LEU C 244 15.50 9.86 5.74
N GLU C 245 14.39 9.14 5.54
CA GLU C 245 14.25 8.33 4.34
C GLU C 245 14.29 9.19 3.09
N THR C 246 13.63 10.35 3.10
CA THR C 246 13.70 11.25 1.95
C THR C 246 15.13 11.74 1.73
N ASP C 247 15.85 12.07 2.80
CA ASP C 247 17.23 12.53 2.65
C ASP C 247 18.11 11.45 2.04
N ILE C 248 17.99 10.22 2.51
CA ILE C 248 18.80 9.14 1.97
C ILE C 248 18.40 8.85 0.52
N LYS C 249 17.11 8.95 0.21
CA LYS C 249 16.67 8.71 -1.16
C LYS C 249 17.24 9.75 -2.12
N ILE C 250 17.21 11.03 -1.73
CA ILE C 250 17.76 12.05 -2.61
C ILE C 250 19.28 11.97 -2.68
N PHE C 251 19.96 11.56 -1.61
CA PHE C 251 21.40 11.33 -1.68
C PHE C 251 21.72 10.21 -2.67
N LYS C 252 20.98 9.11 -2.60
CA LYS C 252 21.17 8.01 -3.55
C LYS C 252 20.90 8.46 -4.97
N GLU C 253 19.84 9.25 -5.19
CA GLU C 253 19.55 9.73 -6.53
C GLU C 253 20.65 10.63 -7.05
N SER C 254 21.19 11.51 -6.20
CA SER C 254 22.25 12.41 -6.63
C SER C 254 23.51 11.64 -6.99
N ILE C 255 23.85 10.60 -6.23
CA ILE C 255 25.03 9.81 -6.57
C ILE C 255 24.78 8.99 -7.83
N LEU C 256 23.59 8.41 -7.97
CA LEU C 256 23.29 7.56 -9.12
C LEU C 256 23.22 8.37 -10.42
N GLU C 257 22.82 9.63 -10.35
CA GLU C 257 22.81 10.47 -11.54
C GLU C 257 24.22 10.62 -12.10
N ILE C 258 25.20 10.83 -11.22
CA ILE C 258 26.59 10.91 -11.68
C ILE C 258 27.09 9.56 -12.13
N LEU C 259 26.71 8.48 -11.42
CA LEU C 259 27.21 7.16 -11.76
C LEU C 259 26.72 6.70 -13.14
N ASP C 260 25.45 6.95 -13.45
CA ASP C 260 24.88 6.40 -14.68
C ASP C 260 25.45 7.07 -15.92
N GLU C 261 25.52 8.40 -15.93
CA GLU C 261 26.03 9.14 -17.08
C GLU C 261 27.55 9.21 -17.00
N GLU C 262 28.22 8.74 -18.05
CA GLU C 262 29.68 8.79 -18.07
C GLU C 262 30.19 10.21 -18.24
N GLU C 263 29.44 11.07 -18.94
CA GLU C 263 29.85 12.46 -19.10
C GLU C 263 29.88 13.18 -17.76
N LEU C 264 28.86 12.96 -16.92
CA LEU C 264 28.83 13.61 -15.61
C LEU C 264 30.00 13.15 -14.75
N LEU C 265 30.31 11.84 -14.78
CA LEU C 265 31.43 11.33 -14.00
C LEU C 265 32.76 11.86 -14.52
N GLU C 266 32.90 11.97 -15.84
CA GLU C 266 34.12 12.54 -16.42
C GLU C 266 34.27 14.02 -16.10
N GLU C 267 33.15 14.73 -15.93
CA GLU C 267 33.22 16.14 -15.55
C GLU C 267 33.83 16.34 -14.16
N LEU C 268 33.78 15.31 -13.31
CA LEU C 268 34.37 15.42 -11.97
C LEU C 268 35.89 15.51 -12.02
N CYS C 269 36.51 15.08 -13.13
CA CYS C 269 37.97 15.18 -13.27
C CYS C 269 38.36 16.62 -13.54
N VAL C 270 38.28 17.47 -12.51
CA VAL C 270 38.54 18.89 -12.69
C VAL C 270 39.98 19.14 -13.09
N SER C 271 40.92 18.44 -12.44
CA SER C 271 42.34 18.63 -12.75
C SER C 271 42.69 18.20 -14.17
N LYS C 272 41.93 17.26 -14.74
CA LYS C 272 42.20 16.83 -16.12
C LYS C 272 41.92 17.95 -17.11
N TRP C 273 40.76 18.60 -16.98
CA TRP C 273 40.40 19.67 -17.91
C TRP C 273 41.16 20.96 -17.60
N SER C 274 41.41 21.24 -16.33
CA SER C 274 42.16 22.43 -15.97
C SER C 274 43.62 22.33 -16.45
N ASP C 275 44.23 21.16 -16.30
CA ASP C 275 45.62 20.93 -16.70
C ASP C 275 45.66 19.71 -17.61
N PRO C 276 45.40 19.88 -18.90
CA PRO C 276 45.40 18.74 -19.83
C PRO C 276 46.79 18.26 -20.21
N GLN C 277 47.85 18.84 -19.66
CA GLN C 277 49.21 18.43 -19.96
C GLN C 277 49.86 17.62 -18.85
N VAL C 278 49.32 17.64 -17.64
CA VAL C 278 49.87 16.88 -16.53
C VAL C 278 49.12 15.56 -16.40
N PHE C 279 47.87 15.54 -16.88
CA PHE C 279 47.06 14.33 -16.79
C PHE C 279 47.67 13.19 -17.59
N GLU C 280 48.12 13.48 -18.82
CA GLU C 280 48.72 12.44 -19.65
C GLU C 280 50.02 11.92 -19.05
N LYS C 281 50.85 12.83 -18.52
CA LYS C 281 52.12 12.41 -17.92
C LYS C 281 51.89 11.60 -16.65
N SER C 282 50.91 12.00 -15.84
CA SER C 282 50.61 11.35 -14.57
C SER C 282 49.43 10.41 -14.67
N SER C 283 49.26 9.74 -15.81
CA SER C 283 48.17 8.81 -16.03
C SER C 283 48.50 7.39 -15.58
N ALA C 284 49.48 7.22 -14.70
CA ALA C 284 49.89 5.90 -14.22
C ALA C 284 49.08 5.51 -12.98
N GLY C 285 47.76 5.50 -13.15
CA GLY C 285 46.86 5.13 -12.08
C GLY C 285 46.57 6.21 -11.07
N ILE C 286 47.10 7.42 -11.26
CA ILE C 286 46.88 8.50 -10.30
C ILE C 286 45.43 8.96 -10.35
N ASP C 287 44.89 9.15 -11.55
CA ASP C 287 43.52 9.63 -11.70
C ASP C 287 42.91 9.00 -12.95
N HIS C 288 41.83 8.25 -12.76
CA HIS C 288 41.12 7.64 -13.87
C HIS C 288 39.68 7.37 -13.43
N ALA C 289 38.84 6.99 -14.40
CA ALA C 289 37.43 6.79 -14.12
C ALA C 289 37.17 5.64 -13.17
N GLU C 290 38.08 4.66 -13.09
CA GLU C 290 37.85 3.51 -12.23
C GLU C 290 37.77 3.91 -10.76
N GLU C 291 38.68 4.77 -10.31
CA GLU C 291 38.70 5.15 -8.90
C GLU C 291 37.44 5.93 -8.51
N MET C 292 37.02 6.87 -9.35
CA MET C 292 35.79 7.61 -9.07
C MET C 292 34.57 6.70 -9.13
N GLU C 293 34.53 5.77 -10.08
CA GLU C 293 33.44 4.80 -10.13
C GLU C 293 33.36 4.00 -8.84
N LEU C 294 34.49 3.49 -8.37
CA LEU C 294 34.51 2.73 -7.12
C LEU C 294 34.11 3.57 -5.93
N LEU C 295 34.58 4.81 -5.85
CA LEU C 295 34.24 5.67 -4.72
C LEU C 295 32.74 5.97 -4.68
N LEU C 296 32.18 6.40 -5.81
CA LEU C 296 30.75 6.68 -5.85
C LEU C 296 29.91 5.43 -5.64
N GLU C 297 30.37 4.28 -6.13
CA GLU C 297 29.65 3.04 -5.87
C GLU C 297 29.69 2.67 -4.40
N ASN C 298 30.83 2.87 -3.74
CA ASN C 298 30.92 2.60 -2.30
C ASN C 298 29.94 3.46 -1.53
N TYR C 299 29.90 4.77 -1.82
CA TYR C 299 28.99 5.63 -1.08
C TYR C 299 27.53 5.37 -1.44
N TYR C 300 27.23 5.04 -2.69
CA TYR C 300 25.86 4.66 -3.05
C TYR C 300 25.44 3.38 -2.34
N ARG C 301 26.36 2.43 -2.18
CA ARG C 301 26.03 1.20 -1.47
C ARG C 301 25.84 1.45 0.03
N LEU C 302 26.62 2.36 0.61
CA LEU C 302 26.40 2.74 2.01
C LEU C 302 25.03 3.38 2.18
N ALA C 303 24.66 4.29 1.26
CA ALA C 303 23.34 4.90 1.32
C ALA C 303 22.24 3.88 1.09
N ASP C 304 22.48 2.87 0.25
CA ASP C 304 21.50 1.81 0.05
C ASP C 304 21.32 0.96 1.30
N ASP C 305 22.42 0.67 2.01
CA ASP C 305 22.32 -0.01 3.30
C ASP C 305 21.49 0.80 4.28
N LEU C 306 21.73 2.11 4.34
CA LEU C 306 20.93 2.96 5.22
C LEU C 306 19.46 2.97 4.81
N SER C 307 19.18 2.99 3.50
CA SER C 307 17.80 2.93 3.03
C SER C 307 17.13 1.63 3.44
N ASN C 308 17.84 0.51 3.32
CA ASN C 308 17.29 -0.77 3.73
C ASN C 308 16.98 -0.78 5.22
N ALA C 309 17.90 -0.25 6.04
CA ALA C 309 17.66 -0.20 7.48
C ALA C 309 16.46 0.67 7.82
N ALA C 310 16.34 1.84 7.17
CA ALA C 310 15.22 2.73 7.45
C ALA C 310 13.89 2.10 7.01
N ARG C 311 13.89 1.42 5.86
CA ARG C 311 12.67 0.75 5.41
C ARG C 311 12.28 -0.37 6.35
N GLU C 312 13.27 -1.13 6.86
CA GLU C 312 12.96 -2.16 7.85
C GLU C 312 12.37 -1.53 9.11
N LEU C 313 12.92 -0.39 9.54
CA LEU C 313 12.38 0.27 10.73
C LEU C 313 10.95 0.74 10.51
N ARG C 314 10.66 1.29 9.33
CA ARG C 314 9.29 1.73 9.04
C ARG C 314 8.32 0.55 8.98
N VAL C 315 8.74 -0.55 8.37
CA VAL C 315 7.91 -1.75 8.34
C VAL C 315 7.66 -2.27 9.75
N LEU C 316 8.69 -2.21 10.60
CA LEU C 316 8.53 -2.61 12.00
C LEU C 316 7.54 -1.70 12.71
N ILE C 317 7.58 -0.40 12.44
CA ILE C 317 6.62 0.53 13.04
C ILE C 317 5.20 0.16 12.63
N ASP C 318 4.99 -0.10 11.34
CA ASP C 318 3.66 -0.46 10.87
C ASP C 318 3.18 -1.77 11.49
N ASP C 319 4.06 -2.77 11.56
CA ASP C 319 3.69 -4.06 12.15
C ASP C 319 3.36 -3.91 13.63
N SER C 320 4.16 -3.12 14.35
CA SER C 320 3.89 -2.90 15.77
C SER C 320 2.57 -2.16 15.97
N GLN C 321 2.25 -1.18 15.11
CA GLN C 321 0.95 -0.52 15.21
C GLN C 321 -0.19 -1.50 14.95
N SER C 322 -0.03 -2.38 13.97
CA SER C 322 -1.04 -3.41 13.72
C SER C 322 -1.19 -4.35 14.91
N ILE C 323 -0.10 -4.67 15.61
CA ILE C 323 -0.18 -5.51 16.79
C ILE C 323 -0.88 -4.76 17.94
N ILE C 324 -0.60 -3.48 18.11
CA ILE C 324 -1.28 -2.68 19.12
C ILE C 324 -2.77 -2.64 18.85
N PHE C 325 -3.15 -2.55 17.58
CA PHE C 325 -4.58 -2.55 17.23
C PHE C 325 -5.26 -3.83 17.69
N ILE C 326 -4.55 -4.97 17.68
CA ILE C 326 -5.12 -6.20 18.21
C ILE C 326 -5.06 -6.21 19.74
N ASN C 327 -4.06 -5.54 20.32
CA ASN C 327 -3.94 -5.50 21.77
C ASN C 327 -5.07 -4.72 22.43
N LEU C 328 -5.48 -3.60 21.82
CA LEU C 328 -6.55 -2.78 22.37
C LEU C 328 -7.93 -3.31 22.04
N ASP C 329 -8.04 -4.29 21.15
CA ASP C 329 -9.31 -4.90 20.79
C ASP C 329 -9.55 -6.23 21.49
N SER C 330 -8.49 -7.04 21.68
CA SER C 330 -8.64 -8.29 22.41
C SER C 330 -8.79 -8.06 23.89
N HIS C 331 -8.15 -7.00 24.43
CA HIS C 331 -8.33 -6.69 25.84
C HIS C 331 -9.69 -6.09 26.12
N ARG C 332 -10.26 -5.38 25.16
CA ARG C 332 -11.62 -4.85 25.32
C ARG C 332 -12.63 -5.99 25.45
N ASN C 333 -12.43 -7.07 24.70
CA ASN C 333 -13.36 -8.20 24.75
C ASN C 333 -13.36 -8.88 26.12
N VAL C 334 -12.22 -8.85 26.83
CA VAL C 334 -12.18 -9.44 28.17
C VAL C 334 -13.10 -8.67 29.10
N MET C 335 -13.02 -7.34 29.09
CA MET C 335 -13.94 -6.53 29.88
C MET C 335 -15.37 -6.67 29.40
N MET C 336 -15.57 -6.87 28.08
CA MET C 336 -16.91 -7.16 27.57
C MET C 336 -17.48 -8.41 28.23
N ARG C 337 -16.69 -9.48 28.27
CA ARG C 337 -17.16 -10.73 28.86
C ARG C 337 -17.42 -10.59 30.35
N LEU C 338 -16.52 -9.90 31.07
CA LEU C 338 -16.74 -9.70 32.50
C LEU C 338 -18.00 -8.87 32.76
N ASN C 339 -18.19 -7.79 32.00
CA ASN C 339 -19.38 -6.96 32.16
C ASN C 339 -20.64 -7.74 31.82
N LEU C 340 -20.59 -8.59 30.78
CA LEU C 340 -21.75 -9.40 30.45
C LEU C 340 -22.07 -10.39 31.56
N GLN C 341 -21.05 -11.03 32.14
CA GLN C 341 -21.29 -11.97 33.23
C GLN C 341 -21.91 -11.27 34.43
N LEU C 342 -21.37 -10.10 34.79
CA LEU C 342 -21.95 -9.35 35.90
C LEU C 342 -23.36 -8.86 35.60
N THR C 343 -23.62 -8.52 34.34
CA THR C 343 -24.97 -8.12 33.94
C THR C 343 -25.96 -9.26 34.09
N MET C 344 -25.56 -10.48 33.68
CA MET C 344 -26.40 -11.65 33.92
C MET C 344 -26.63 -11.87 35.41
N GLY C 345 -25.58 -11.73 36.22
CA GLY C 345 -25.74 -11.92 37.65
C GLY C 345 -26.73 -10.94 38.26
N THR C 346 -26.56 -9.65 37.96
CA THR C 346 -27.46 -8.65 38.52
C THR C 346 -28.86 -8.73 37.94
N PHE C 347 -29.01 -9.17 36.69
CA PHE C 347 -30.34 -9.38 36.14
C PHE C 347 -31.06 -10.52 36.85
N SER C 348 -30.35 -11.62 37.12
CA SER C 348 -30.97 -12.71 37.89
C SER C 348 -31.33 -12.25 39.29
N LEU C 349 -30.43 -11.48 39.92
CA LEU C 349 -30.71 -10.96 41.26
C LEU C 349 -31.95 -10.07 41.27
N SER C 350 -32.08 -9.16 40.31
CA SER C 350 -33.27 -8.32 40.22
C SER C 350 -34.52 -9.13 39.90
N LEU C 351 -34.42 -10.11 39.02
CA LEU C 351 -35.58 -10.92 38.65
C LEU C 351 -36.11 -11.67 39.86
N PHE C 352 -35.23 -12.21 40.70
CA PHE C 352 -35.71 -12.95 41.86
C PHE C 352 -36.00 -12.05 43.05
N GLY C 353 -35.44 -10.84 43.10
CA GLY C 353 -35.85 -9.87 44.10
C GLY C 353 -37.16 -9.18 43.76
N LEU C 354 -37.62 -9.31 42.52
CA LEU C 354 -38.93 -8.79 42.16
C LEU C 354 -40.03 -9.44 42.99
N MET C 355 -39.95 -10.76 43.21
CA MET C 355 -40.96 -11.43 44.03
C MET C 355 -40.87 -11.00 45.49
N GLY C 356 -39.65 -10.71 45.96
CA GLY C 356 -39.50 -10.20 47.31
C GLY C 356 -40.10 -8.82 47.48
N VAL C 357 -39.93 -7.97 46.47
CA VAL C 357 -40.58 -6.66 46.48
C VAL C 357 -42.09 -6.81 46.42
N ALA C 358 -42.57 -7.77 45.62
CA ALA C 358 -44.01 -8.00 45.52
C ALA C 358 -44.60 -8.45 46.85
N PHE C 359 -43.90 -9.32 47.57
CA PHE C 359 -44.33 -9.75 48.89
C PHE C 359 -44.01 -8.72 49.98
N GLY C 360 -43.22 -7.70 49.66
CA GLY C 360 -42.88 -6.66 50.61
C GLY C 360 -43.85 -5.51 50.69
N MET C 361 -44.90 -5.50 49.86
CA MET C 361 -45.86 -4.41 49.89
C MET C 361 -46.67 -4.44 51.18
N ASN C 362 -47.14 -3.26 51.60
CA ASN C 362 -47.94 -3.15 52.80
C ASN C 362 -49.41 -3.46 52.51
N LEU C 363 -49.66 -4.65 51.96
CA LEU C 363 -51.00 -5.08 51.60
C LEU C 363 -51.28 -6.42 52.28
N GLU C 364 -52.44 -7.01 51.98
CA GLU C 364 -52.84 -8.28 52.53
C GLU C 364 -52.46 -9.39 51.55
N SER C 365 -51.46 -10.18 51.90
CA SER C 365 -51.01 -11.28 51.07
C SER C 365 -51.66 -12.61 51.43
N SER C 366 -52.49 -12.63 52.48
CA SER C 366 -53.20 -13.83 52.93
C SER C 366 -52.25 -14.97 53.29
N LEU C 367 -50.98 -14.65 53.57
CA LEU C 367 -50.01 -15.67 53.93
C LEU C 367 -49.13 -15.26 55.11
N GLU C 368 -49.45 -14.16 55.79
CA GLU C 368 -48.62 -13.69 56.90
C GLU C 368 -48.74 -14.62 58.11
N GLU C 369 -49.81 -15.40 58.21
CA GLU C 369 -49.97 -16.27 59.37
C GLU C 369 -49.04 -17.48 59.32
N ASP C 370 -48.69 -17.93 58.12
CA ASP C 370 -47.81 -19.09 57.98
C ASP C 370 -46.40 -18.75 58.46
N HIS C 371 -45.79 -19.69 59.17
CA HIS C 371 -44.45 -19.51 59.74
C HIS C 371 -43.35 -20.10 58.86
N ARG C 372 -43.69 -20.65 57.69
CA ARG C 372 -42.71 -21.25 56.81
C ARG C 372 -42.68 -20.64 55.42
N ILE C 373 -43.63 -19.76 55.07
CA ILE C 373 -43.67 -19.20 53.74
C ILE C 373 -42.50 -18.24 53.52
N PHE C 374 -42.13 -17.47 54.55
CA PHE C 374 -41.06 -16.50 54.41
C PHE C 374 -39.72 -17.18 54.11
N TRP C 375 -39.38 -18.20 54.90
CA TRP C 375 -38.12 -18.91 54.68
C TRP C 375 -38.11 -19.64 53.35
N LEU C 376 -39.25 -20.24 52.96
CA LEU C 376 -39.33 -20.90 51.67
C LEU C 376 -39.11 -19.91 50.53
N ILE C 377 -39.74 -18.73 50.61
CA ILE C 377 -39.57 -17.73 49.57
C ILE C 377 -38.12 -17.25 49.52
N THR C 378 -37.51 -17.01 50.68
CA THR C 378 -36.12 -16.57 50.70
C THR C 378 -35.18 -17.61 50.10
N GLY C 379 -35.38 -18.88 50.46
CA GLY C 379 -34.54 -19.93 49.90
C GLY C 379 -34.74 -20.10 48.41
N ILE C 380 -35.99 -20.03 47.94
CA ILE C 380 -36.26 -20.09 46.51
C ILE C 380 -35.58 -18.95 45.79
N MET C 381 -35.67 -17.73 46.34
CA MET C 381 -35.03 -16.57 45.74
C MET C 381 -33.53 -16.78 45.61
N PHE C 382 -32.88 -17.15 46.73
CA PHE C 382 -31.42 -17.28 46.73
C PHE C 382 -30.95 -18.40 45.81
N MET C 383 -31.67 -19.53 45.77
CA MET C 383 -31.26 -20.63 44.92
C MET C 383 -31.52 -20.32 43.44
N GLY C 384 -32.69 -19.75 43.13
CA GLY C 384 -33.01 -19.46 41.76
C GLY C 384 -32.16 -18.36 41.16
N SER C 385 -31.69 -17.43 42.00
CA SER C 385 -30.74 -16.43 41.50
C SER C 385 -29.50 -17.11 40.92
N GLY C 386 -28.89 -18.02 41.68
CA GLY C 386 -27.73 -18.73 41.18
C GLY C 386 -28.05 -19.64 40.00
N LEU C 387 -29.23 -20.28 40.03
CA LEU C 387 -29.62 -21.15 38.92
C LEU C 387 -29.76 -20.37 37.62
N ILE C 388 -30.44 -19.22 37.66
CA ILE C 388 -30.61 -18.41 36.47
C ILE C 388 -29.27 -17.81 36.04
N TRP C 389 -28.42 -17.45 37.01
CA TRP C 389 -27.10 -16.95 36.66
C TRP C 389 -26.29 -18.01 35.91
N ARG C 390 -26.33 -19.26 36.37
CA ARG C 390 -25.62 -20.33 35.68
C ARG C 390 -26.22 -20.60 34.30
N ARG C 391 -27.55 -20.58 34.19
CA ARG C 391 -28.19 -20.81 32.90
C ARG C 391 -27.81 -19.72 31.90
N LEU C 392 -27.75 -18.47 32.36
CA LEU C 392 -27.33 -17.38 31.48
C LEU C 392 -25.84 -17.46 31.18
N LEU C 393 -25.02 -17.89 32.13
CA LEU C 393 -23.60 -18.08 31.88
C LEU C 393 -23.35 -19.13 30.82
N SER C 394 -24.19 -20.17 30.76
CA SER C 394 -24.14 -21.12 29.67
C SER C 394 -24.49 -20.50 28.32
N PHE C 395 -25.25 -19.40 28.31
CA PHE C 395 -25.66 -18.79 27.05
C PHE C 395 -24.46 -18.21 26.29
N LEU C 396 -23.59 -17.48 26.98
CA LEU C 396 -22.43 -16.91 26.31
C LEU C 396 -21.41 -17.99 25.94
N GLY C 397 -21.37 -19.10 26.69
CA GLY C 397 -20.54 -20.22 26.29
C GLY C 397 -21.08 -20.99 25.10
N ARG C 398 -22.38 -20.94 24.87
CA ARG C 398 -22.97 -21.58 23.70
C ARG C 398 -22.92 -20.67 22.47
N GLN C 399 -23.34 -19.41 22.62
CA GLN C 399 -23.32 -18.45 21.51
C GLN C 399 -22.01 -17.68 21.57
N LEU C 400 -21.17 -17.85 20.57
CA LEU C 400 -19.88 -17.17 20.51
C LEU C 400 -19.97 -15.93 19.61
N ALA D 83 -18.88 32.11 -34.05
CA ALA D 83 -17.45 32.11 -34.30
C ALA D 83 -16.67 32.21 -33.00
N PRO D 84 -16.00 31.13 -32.61
CA PRO D 84 -15.20 31.16 -31.39
C PRO D 84 -14.06 32.17 -31.50
N VAL D 85 -13.72 32.78 -30.37
CA VAL D 85 -12.76 33.87 -30.32
C VAL D 85 -11.76 33.62 -29.20
N PHE D 86 -10.62 34.30 -29.30
CA PHE D 86 -9.56 34.23 -28.30
C PHE D 86 -9.24 35.61 -27.77
N THR D 87 -8.94 35.70 -26.48
CA THR D 87 -8.45 36.92 -25.86
C THR D 87 -6.94 36.80 -25.72
N VAL D 88 -6.20 37.63 -26.45
CA VAL D 88 -4.76 37.48 -26.61
C VAL D 88 -4.07 38.67 -25.95
N THR D 89 -3.07 38.39 -25.12
CA THR D 89 -2.18 39.39 -24.55
C THR D 89 -0.79 39.19 -25.14
N LYS D 90 -0.33 40.15 -25.92
CA LYS D 90 0.91 40.02 -26.68
C LYS D 90 2.03 40.79 -25.99
N PHE D 91 3.14 40.11 -25.73
CA PHE D 91 4.34 40.71 -25.15
C PHE D 91 5.44 40.71 -26.20
N ASP D 92 5.97 41.89 -26.49
CA ASP D 92 7.04 42.01 -27.48
C ASP D 92 8.39 41.76 -26.82
N LYS D 93 9.45 41.83 -27.63
CA LYS D 93 10.81 41.62 -27.11
C LYS D 93 11.24 42.76 -26.18
N GLN D 94 10.61 43.92 -26.27
CA GLN D 94 10.95 45.07 -25.44
C GLN D 94 10.10 45.17 -24.18
N GLY D 95 9.25 44.18 -23.92
CA GLY D 95 8.38 44.19 -22.77
C GLY D 95 7.08 44.93 -22.95
N ASN D 96 6.80 45.44 -24.14
CA ASN D 96 5.55 46.14 -24.38
C ASN D 96 4.37 45.17 -24.30
N VAL D 97 3.28 45.64 -23.68
CA VAL D 97 2.09 44.83 -23.47
C VAL D 97 0.97 45.41 -24.32
N THR D 98 0.45 44.61 -25.25
CA THR D 98 -0.67 45.00 -26.10
C THR D 98 -1.75 43.94 -26.01
N SER D 99 -2.96 44.36 -25.66
CA SER D 99 -4.10 43.46 -25.55
C SER D 99 -5.11 43.80 -26.64
N PHE D 100 -5.49 42.81 -27.44
CA PHE D 100 -6.43 43.00 -28.53
C PHE D 100 -7.43 41.85 -28.51
N GLU D 101 -8.24 41.76 -29.55
CA GLU D 101 -9.38 40.84 -29.58
C GLU D 101 -9.46 40.27 -30.99
N ARG D 102 -8.99 39.04 -31.17
CA ARG D 102 -8.89 38.42 -32.49
C ARG D 102 -9.57 37.06 -32.50
N LYS D 103 -10.18 36.74 -33.64
CA LYS D 103 -10.88 35.48 -33.81
C LYS D 103 -9.91 34.32 -33.93
N LYS D 104 -10.41 33.12 -33.62
CA LYS D 104 -9.58 31.93 -33.68
C LYS D 104 -9.11 31.63 -35.10
N THR D 105 -10.02 31.74 -36.07
CA THR D 105 -9.66 31.43 -37.46
C THR D 105 -8.60 32.40 -37.98
N GLU D 106 -8.73 33.69 -37.67
CA GLU D 106 -7.71 34.64 -38.06
C GLU D 106 -6.42 34.44 -37.29
N LEU D 107 -6.52 34.03 -36.02
CA LEU D 107 -5.32 33.76 -35.23
C LEU D 107 -4.53 32.58 -35.78
N TYR D 108 -5.22 31.57 -36.31
CA TYR D 108 -4.52 30.44 -36.92
C TYR D 108 -3.70 30.88 -38.12
N GLN D 109 -4.28 31.72 -38.97
CA GLN D 109 -3.53 32.24 -40.12
C GLN D 109 -2.38 33.13 -39.68
N GLU D 110 -2.61 33.98 -38.67
CA GLU D 110 -1.56 34.88 -38.21
C GLU D 110 -0.39 34.11 -37.62
N LEU D 111 -0.67 33.07 -36.83
CA LEU D 111 0.38 32.29 -36.19
C LEU D 111 0.91 31.17 -37.07
N GLY D 112 0.31 30.93 -38.22
CA GLY D 112 0.72 29.82 -39.07
C GLY D 112 0.47 28.46 -38.45
N LEU D 113 -0.69 28.28 -37.82
CA LEU D 113 -1.05 27.03 -37.16
C LEU D 113 -2.42 26.58 -37.68
N GLN D 114 -2.91 25.48 -37.12
CA GLN D 114 -4.22 24.94 -37.43
C GLN D 114 -5.02 24.78 -36.15
N ALA D 115 -6.32 24.56 -36.30
CA ALA D 115 -7.21 24.48 -35.15
C ALA D 115 -6.84 23.33 -34.22
N ARG D 116 -6.26 22.26 -34.77
CA ARG D 116 -5.93 21.10 -33.94
C ARG D 116 -4.77 21.41 -33.00
N ASP D 117 -3.90 22.36 -33.36
CA ASP D 117 -2.78 22.70 -32.49
C ASP D 117 -3.25 23.48 -31.26
N LEU D 118 -4.10 24.47 -31.46
CA LEU D 118 -4.59 25.32 -30.38
C LEU D 118 -5.91 24.82 -29.81
N ARG D 119 -5.93 23.54 -29.40
CA ARG D 119 -7.12 22.98 -28.79
C ARG D 119 -7.09 23.10 -27.27
N PHE D 120 -5.91 22.97 -26.66
CA PHE D 120 -5.73 23.12 -25.22
C PHE D 120 -6.64 22.18 -24.43
N GLN D 121 -6.59 20.90 -24.78
CA GLN D 121 -7.39 19.88 -24.12
C GLN D 121 -6.63 19.15 -23.02
N HIS D 122 -5.36 19.50 -22.80
CA HIS D 122 -4.54 18.85 -21.78
C HIS D 122 -4.18 19.87 -20.71
N VAL D 123 -4.29 19.46 -19.44
CA VAL D 123 -4.01 20.37 -18.34
C VAL D 123 -2.54 20.73 -18.30
N MET D 124 -1.65 19.78 -18.63
CA MET D 124 -0.22 20.01 -18.65
C MET D 124 0.32 19.49 -19.98
N SER D 125 0.77 20.40 -20.84
CA SER D 125 1.31 20.02 -22.13
C SER D 125 2.24 21.12 -22.61
N ILE D 126 3.40 20.72 -23.13
CA ILE D 126 4.38 21.62 -23.73
C ILE D 126 4.76 21.04 -25.08
N THR D 127 4.29 21.66 -26.16
CA THR D 127 4.52 21.16 -27.51
C THR D 127 5.02 22.29 -28.39
N VAL D 128 5.75 21.90 -29.44
CA VAL D 128 6.29 22.83 -30.42
C VAL D 128 5.72 22.43 -31.78
N ARG D 129 4.76 23.21 -32.27
CA ARG D 129 4.10 22.94 -33.55
C ARG D 129 4.38 24.09 -34.50
N ASN D 130 4.92 23.77 -35.68
CA ASN D 130 5.19 24.74 -36.72
C ASN D 130 6.04 25.90 -36.20
N ASN D 131 7.11 25.55 -35.48
CA ASN D 131 8.06 26.53 -34.93
C ASN D 131 7.40 27.48 -33.95
N ARG D 132 6.33 27.03 -33.29
CA ARG D 132 5.65 27.81 -32.26
C ARG D 132 5.51 26.94 -31.02
N ILE D 133 5.95 27.47 -29.88
CA ILE D 133 5.91 26.73 -28.63
C ILE D 133 4.54 26.91 -28.01
N ILE D 134 3.70 25.88 -28.10
CA ILE D 134 2.35 25.90 -27.54
C ILE D 134 2.40 25.11 -26.23
N MET D 135 2.21 25.81 -25.11
CA MET D 135 2.31 25.20 -23.80
C MET D 135 1.17 25.70 -22.92
N ARG D 136 0.62 24.78 -22.11
CA ARG D 136 -0.55 25.07 -21.30
C ARG D 136 -0.35 24.53 -19.90
N MET D 137 -0.75 25.30 -18.88
CA MET D 137 -0.70 24.88 -17.49
C MET D 137 -2.06 25.22 -16.86
N GLU D 138 -2.96 24.23 -16.86
CA GLU D 138 -4.30 24.40 -16.31
C GLU D 138 -5.01 25.59 -16.93
N TYR D 139 -5.04 26.71 -16.21
CA TYR D 139 -5.69 27.92 -16.68
C TYR D 139 -4.76 28.84 -17.45
N LEU D 140 -3.48 28.51 -17.55
CA LEU D 140 -2.48 29.35 -18.21
C LEU D 140 -2.20 28.76 -19.58
N LYS D 141 -2.77 29.38 -20.62
CA LYS D 141 -2.55 28.97 -22.00
C LYS D 141 -1.73 30.05 -22.69
N ALA D 142 -0.58 29.65 -23.24
CA ALA D 142 0.33 30.60 -23.87
C ALA D 142 0.96 29.97 -25.11
N VAL D 143 1.26 30.82 -26.08
CA VAL D 143 1.96 30.43 -27.30
C VAL D 143 3.16 31.36 -27.46
N ILE D 144 4.34 30.77 -27.64
CA ILE D 144 5.59 31.52 -27.72
C ILE D 144 6.04 31.57 -29.17
N THR D 145 6.25 32.79 -29.67
CA THR D 145 6.71 33.04 -31.02
C THR D 145 8.12 33.64 -30.98
N PRO D 146 8.86 33.59 -32.10
CA PRO D 146 10.24 34.09 -32.10
C PRO D 146 10.35 35.54 -31.64
N GLU D 147 9.36 36.36 -31.95
CA GLU D 147 9.41 37.79 -31.66
C GLU D 147 8.37 38.26 -30.65
N CYS D 148 7.49 37.38 -30.18
CA CYS D 148 6.45 37.80 -29.24
C CYS D 148 5.96 36.61 -28.44
N LEU D 149 5.28 36.91 -27.32
CA LEU D 149 4.66 35.91 -26.47
C LEU D 149 3.18 36.27 -26.31
N LEU D 150 2.31 35.28 -26.52
CA LEU D 150 0.87 35.49 -26.46
C LEU D 150 0.28 34.71 -25.30
N ILE D 151 -0.61 35.35 -24.55
CA ILE D 151 -1.35 34.71 -23.46
C ILE D 151 -2.81 34.65 -23.89
N LEU D 152 -3.37 33.44 -23.90
CA LEU D 152 -4.72 33.21 -24.39
C LEU D 152 -5.65 32.83 -23.24
N ASP D 153 -6.84 33.43 -23.25
CA ASP D 153 -7.88 33.17 -22.24
C ASP D 153 -7.35 33.47 -20.84
N TYR D 154 -7.02 34.74 -20.62
CA TYR D 154 -6.46 35.20 -19.36
C TYR D 154 -7.44 35.96 -18.48
N ARG D 155 -8.61 36.34 -19.01
CA ARG D 155 -9.53 37.19 -18.27
C ARG D 155 -10.21 36.42 -17.15
N ASN D 156 -10.45 37.11 -16.04
CA ASN D 156 -11.17 36.56 -14.88
C ASN D 156 -10.49 35.30 -14.34
N LEU D 157 -9.15 35.33 -14.27
CA LEU D 157 -8.41 34.20 -13.73
C LEU D 157 -7.28 34.67 -12.82
N ASN D 158 -7.42 35.86 -12.23
CA ASN D 158 -6.45 36.42 -11.29
C ASN D 158 -5.06 36.51 -11.90
N LEU D 159 -5.00 36.85 -13.19
CA LEU D 159 -3.75 37.05 -13.90
C LEU D 159 -3.52 38.51 -14.27
N GLU D 160 -4.26 39.43 -13.65
CA GLU D 160 -4.18 40.85 -13.96
C GLU D 160 -3.03 41.55 -13.25
N GLN D 161 -2.37 40.89 -12.30
CA GLN D 161 -1.24 41.46 -11.58
C GLN D 161 0.10 41.02 -12.14
N TRP D 162 0.30 39.71 -12.30
CA TRP D 162 1.57 39.21 -12.84
C TRP D 162 1.77 39.66 -14.28
N LEU D 163 0.74 39.59 -15.11
CA LEU D 163 0.89 39.84 -16.54
C LEU D 163 1.35 41.26 -16.84
N PHE D 164 0.88 42.24 -16.08
CA PHE D 164 1.17 43.64 -16.37
C PHE D 164 2.14 44.29 -15.38
N ARG D 165 2.66 43.53 -14.41
CA ARG D 165 3.59 44.10 -13.44
C ARG D 165 4.81 43.24 -13.16
N GLU D 166 4.81 41.97 -13.53
CA GLU D 166 5.97 41.10 -13.31
C GLU D 166 6.53 40.51 -14.59
N LEU D 167 5.67 40.03 -15.48
CA LEU D 167 6.13 39.45 -16.74
C LEU D 167 6.90 40.43 -17.61
N PRO D 168 6.45 41.69 -17.81
CA PRO D 168 7.25 42.61 -18.64
C PRO D 168 8.65 42.85 -18.10
N SER D 169 8.81 42.90 -16.77
CA SER D 169 10.14 43.10 -16.19
C SER D 169 11.06 41.93 -16.50
N GLN D 170 10.54 40.70 -16.40
CA GLN D 170 11.37 39.54 -16.69
C GLN D 170 11.67 39.41 -18.18
N LEU D 171 10.69 39.76 -19.04
CA LEU D 171 10.87 39.63 -20.47
C LEU D 171 11.71 40.75 -21.06
N SER D 172 11.84 41.89 -20.37
CA SER D 172 12.62 43.00 -20.89
C SER D 172 14.12 42.76 -20.80
N GLY D 173 14.56 41.81 -19.98
CA GLY D 173 15.98 41.53 -19.85
C GLY D 173 16.76 42.54 -19.04
N GLU D 174 16.08 43.40 -18.28
CA GLU D 174 16.77 44.40 -17.47
C GLU D 174 17.57 43.72 -16.36
N GLY D 175 18.75 44.28 -16.06
CA GLY D 175 19.59 43.69 -15.04
C GLY D 175 20.16 42.35 -15.47
N GLN D 176 20.38 41.48 -14.49
CA GLN D 176 20.90 40.13 -14.70
C GLN D 176 22.25 40.15 -15.41
N LEU D 177 22.66 39.01 -15.95
CA LEU D 177 23.94 38.91 -16.65
C LEU D 177 23.75 39.32 -18.10
N VAL D 178 24.43 40.41 -18.50
CA VAL D 178 24.35 40.90 -19.87
C VAL D 178 25.42 40.30 -20.78
N THR D 179 26.30 39.45 -20.25
CA THR D 179 27.36 38.85 -21.05
C THR D 179 26.86 37.70 -21.93
N TYR D 180 25.65 37.19 -21.70
CA TYR D 180 25.10 36.09 -22.49
C TYR D 180 23.58 36.21 -22.53
N PRO D 181 23.06 37.08 -23.39
CA PRO D 181 21.60 37.24 -23.51
C PRO D 181 21.02 36.15 -24.40
N LEU D 182 20.16 35.32 -23.83
CA LEU D 182 19.53 34.23 -24.57
C LEU D 182 18.35 34.77 -25.37
N PRO D 183 17.91 34.03 -26.39
CA PRO D 183 16.78 34.50 -27.21
C PRO D 183 15.49 34.62 -26.41
N PHE D 184 14.48 35.20 -27.06
CA PHE D 184 13.22 35.52 -26.37
C PHE D 184 12.50 34.27 -25.92
N GLU D 185 12.56 33.19 -26.70
CA GLU D 185 11.84 31.97 -26.33
C GLU D 185 12.37 31.38 -25.03
N PHE D 186 13.68 31.45 -24.80
CA PHE D 186 14.24 30.96 -23.55
C PHE D 186 13.67 31.74 -22.35
N ARG D 187 13.66 33.07 -22.44
CA ARG D 187 13.13 33.87 -21.35
C ARG D 187 11.64 33.64 -21.14
N ALA D 188 10.87 33.48 -22.22
CA ALA D 188 9.45 33.21 -22.08
C ALA D 188 9.19 31.87 -21.41
N ILE D 189 9.90 30.82 -21.83
CA ILE D 189 9.74 29.52 -21.20
C ILE D 189 10.15 29.57 -19.74
N GLU D 190 11.27 30.25 -19.43
CA GLU D 190 11.70 30.37 -18.04
C GLU D 190 10.67 31.10 -17.20
N ALA D 191 10.11 32.19 -17.73
CA ALA D 191 9.12 32.96 -16.98
C ALA D 191 7.85 32.13 -16.72
N LEU D 192 7.35 31.43 -17.74
CA LEU D 192 6.15 30.63 -17.54
C LEU D 192 6.39 29.48 -16.58
N LEU D 193 7.52 28.79 -16.70
CA LEU D 193 7.83 27.69 -15.80
C LEU D 193 7.99 28.20 -14.37
N GLN D 194 8.65 29.34 -14.19
CA GLN D 194 8.80 29.92 -12.86
C GLN D 194 7.46 30.34 -12.27
N TYR D 195 6.56 30.90 -13.09
CA TYR D 195 5.24 31.26 -12.59
C TYR D 195 4.49 30.03 -12.13
N TRP D 196 4.53 28.94 -12.90
CA TRP D 196 3.83 27.73 -12.49
C TRP D 196 4.45 27.12 -11.24
N ILE D 197 5.77 27.11 -11.15
CA ILE D 197 6.42 26.57 -9.96
C ILE D 197 6.11 27.43 -8.74
N ASN D 198 6.00 28.75 -8.90
CA ASN D 198 5.60 29.63 -7.82
C ASN D 198 4.17 29.39 -7.37
N THR D 199 3.25 29.17 -8.32
CA THR D 199 1.87 28.86 -7.94
C THR D 199 1.79 27.53 -7.20
N LEU D 200 2.54 26.53 -7.66
CA LEU D 200 2.55 25.24 -6.97
C LEU D 200 3.15 25.38 -5.57
N GLN D 201 4.22 26.16 -5.43
CA GLN D 201 4.82 26.40 -4.12
C GLN D 201 3.85 27.12 -3.20
N GLY D 202 3.10 28.09 -3.73
CA GLY D 202 2.10 28.77 -2.93
C GLY D 202 0.98 27.84 -2.48
N LYS D 203 0.52 26.97 -3.38
CA LYS D 203 -0.49 25.99 -3.00
C LYS D 203 0.02 25.08 -1.89
N LEU D 204 1.26 24.60 -2.02
CA LEU D 204 1.82 23.74 -0.98
C LEU D 204 2.02 24.48 0.35
N SER D 205 2.50 25.72 0.31
CA SER D 205 2.73 26.49 1.52
C SER D 205 1.45 27.01 2.14
N ILE D 206 0.33 26.95 1.43
CA ILE D 206 -0.98 27.20 2.01
C ILE D 206 -1.57 25.92 2.60
N LEU D 207 -1.38 24.79 1.92
CA LEU D 207 -1.94 23.53 2.40
C LEU D 207 -1.23 23.04 3.65
N GLN D 208 0.10 23.19 3.72
CA GLN D 208 0.86 22.58 4.81
C GLN D 208 0.48 23.11 6.18
N PRO D 209 0.43 24.42 6.44
CA PRO D 209 0.06 24.88 7.79
C PRO D 209 -1.33 24.45 8.22
N LEU D 210 -2.30 24.46 7.30
CA LEU D 210 -3.65 24.03 7.67
C LEU D 210 -3.68 22.56 8.05
N ILE D 211 -3.01 21.72 7.28
CA ILE D 211 -2.98 20.29 7.58
C ILE D 211 -2.26 20.05 8.91
N LEU D 212 -1.15 20.75 9.13
CA LEU D 212 -0.42 20.58 10.38
C LEU D 212 -1.25 21.01 11.59
N GLU D 213 -1.94 22.15 11.49
CA GLU D 213 -2.74 22.62 12.61
C GLU D 213 -3.97 21.76 12.82
N THR D 214 -4.49 21.13 11.76
CA THR D 214 -5.62 20.23 11.93
C THR D 214 -5.19 18.92 12.58
N LEU D 215 -4.03 18.39 12.17
CA LEU D 215 -3.55 17.13 12.72
C LEU D 215 -2.97 17.29 14.13
N ASP D 216 -2.54 18.49 14.50
CA ASP D 216 -2.00 18.71 15.84
C ASP D 216 -3.08 18.80 16.91
N ALA D 217 -4.35 18.94 16.53
CA ALA D 217 -5.44 19.01 17.49
C ALA D 217 -6.12 17.66 17.72
N LEU D 218 -6.34 16.89 16.64
CA LEU D 218 -6.96 15.58 16.80
C LEU D 218 -6.02 14.58 17.46
N VAL D 219 -4.71 14.72 17.21
CA VAL D 219 -3.74 13.79 17.78
C VAL D 219 -3.66 13.94 19.30
N ASP D 220 -3.80 15.17 19.80
CA ASP D 220 -3.63 15.45 21.22
C ASP D 220 -4.59 14.61 22.06
N PRO D 221 -4.09 13.86 23.05
CA PRO D 221 -4.94 12.98 23.87
C PRO D 221 -5.51 13.68 25.10
N LYS D 222 -6.19 14.80 24.89
CA LYS D 222 -6.84 15.53 25.98
C LYS D 222 -8.35 15.49 25.90
N HIS D 223 -8.91 14.80 24.91
CA HIS D 223 -10.35 14.68 24.75
C HIS D 223 -10.70 13.22 24.44
N SER D 224 -11.88 12.81 24.91
CA SER D 224 -12.34 11.45 24.64
C SER D 224 -12.59 11.24 23.14
N SER D 225 -13.16 12.22 22.48
CA SER D 225 -13.45 12.18 21.05
C SER D 225 -12.67 13.28 20.34
N VAL D 226 -12.80 13.30 19.01
CA VAL D 226 -12.15 14.31 18.19
C VAL D 226 -13.23 15.27 17.67
N ASP D 227 -12.82 16.50 17.39
CA ASP D 227 -13.72 17.51 16.87
C ASP D 227 -14.24 17.09 15.50
N ARG D 228 -15.55 16.81 15.41
CA ARG D 228 -16.11 16.33 14.16
C ARG D 228 -16.13 17.41 13.08
N SER D 229 -16.06 18.68 13.48
CA SER D 229 -16.04 19.77 12.50
C SER D 229 -14.72 19.77 11.72
N LYS D 230 -13.62 19.45 12.39
CA LYS D 230 -12.30 19.47 11.76
C LYS D 230 -12.07 18.25 10.86
N LEU D 231 -12.89 17.21 10.98
CA LEU D 231 -12.73 16.06 10.08
C LEU D 231 -13.03 16.43 8.65
N HIS D 232 -14.05 17.26 8.41
CA HIS D 232 -14.34 17.72 7.06
C HIS D 232 -13.21 18.59 6.52
N ILE D 233 -12.62 19.44 7.36
CA ILE D 233 -11.48 20.24 6.94
C ILE D 233 -10.32 19.34 6.56
N LEU D 234 -10.07 18.29 7.35
CA LEU D 234 -9.00 17.36 7.02
C LEU D 234 -9.27 16.64 5.70
N LEU D 235 -10.52 16.23 5.47
CA LEU D 235 -10.86 15.56 4.22
C LEU D 235 -10.67 16.48 3.01
N GLN D 236 -11.12 17.73 3.11
CA GLN D 236 -10.94 18.67 2.02
C GLN D 236 -9.46 18.96 1.78
N ASN D 237 -8.67 19.09 2.85
CA ASN D 237 -7.25 19.32 2.70
C ASN D 237 -6.56 18.12 2.06
N GLY D 238 -6.98 16.91 2.42
CA GLY D 238 -6.43 15.73 1.76
C GLY D 238 -6.77 15.65 0.29
N LYS D 239 -8.00 16.01 -0.08
CA LYS D 239 -8.37 16.05 -1.49
C LYS D 239 -7.54 17.09 -2.25
N SER D 240 -7.37 18.27 -1.64
CA SER D 240 -6.55 19.31 -2.28
C SER D 240 -5.10 18.87 -2.41
N LEU D 241 -4.59 18.15 -1.41
CA LEU D 241 -3.22 17.65 -1.48
C LEU D 241 -3.08 16.59 -2.58
N SER D 242 -4.09 15.74 -2.75
CA SER D 242 -4.04 14.77 -3.84
C SER D 242 -4.05 15.47 -5.19
N GLU D 243 -4.89 16.49 -5.36
CA GLU D 243 -4.90 17.24 -6.61
C GLU D 243 -3.57 17.95 -6.85
N LEU D 244 -2.98 18.54 -5.80
CA LEU D 244 -1.68 19.18 -5.95
C LEU D 244 -0.60 18.18 -6.32
N GLU D 245 -0.63 16.99 -5.71
CA GLU D 245 0.33 15.95 -6.07
C GLU D 245 0.19 15.55 -7.52
N THR D 246 -1.05 15.41 -8.01
CA THR D 246 -1.25 15.11 -9.42
C THR D 246 -0.72 16.21 -10.31
N ASP D 247 -0.95 17.47 -9.93
CA ASP D 247 -0.46 18.60 -10.74
C ASP D 247 1.06 18.59 -10.81
N ILE D 248 1.72 18.38 -9.67
CA ILE D 248 3.19 18.36 -9.68
C ILE D 248 3.71 17.16 -10.46
N LYS D 249 3.02 16.02 -10.36
CA LYS D 249 3.44 14.83 -11.11
C LYS D 249 3.36 15.06 -12.60
N ILE D 250 2.26 15.65 -13.07
CA ILE D 250 2.13 15.90 -14.51
C ILE D 250 3.08 17.00 -14.97
N PHE D 251 3.37 18.00 -14.13
CA PHE D 251 4.39 18.99 -14.48
C PHE D 251 5.76 18.34 -14.64
N LYS D 252 6.12 17.46 -13.70
CA LYS D 252 7.39 16.74 -13.79
C LYS D 252 7.43 15.87 -15.05
N GLU D 253 6.33 15.19 -15.36
CA GLU D 253 6.30 14.35 -16.56
C GLU D 253 6.45 15.19 -17.82
N SER D 254 5.80 16.34 -17.87
CA SER D 254 5.89 17.20 -19.05
C SER D 254 7.31 17.72 -19.23
N ILE D 255 7.99 18.09 -18.15
CA ILE D 255 9.37 18.55 -18.27
C ILE D 255 10.29 17.40 -18.65
N LEU D 256 10.09 16.23 -18.05
CA LEU D 256 10.97 15.10 -18.30
C LEU D 256 10.82 14.56 -19.72
N GLU D 257 9.63 14.68 -20.31
CA GLU D 257 9.45 14.27 -21.69
C GLU D 257 10.33 15.08 -22.63
N ILE D 258 10.42 16.39 -22.39
CA ILE D 258 11.31 17.22 -23.20
C ILE D 258 12.76 16.94 -22.87
N LEU D 259 13.07 16.72 -21.59
CA LEU D 259 14.46 16.50 -21.19
C LEU D 259 15.03 15.21 -21.79
N ASP D 260 14.24 14.13 -21.79
CA ASP D 260 14.76 12.83 -22.19
C ASP D 260 15.06 12.77 -23.68
N GLU D 261 14.12 13.24 -24.51
CA GLU D 261 14.29 13.21 -25.96
C GLU D 261 15.06 14.45 -26.40
N GLU D 262 16.18 14.23 -27.10
CA GLU D 262 16.98 15.35 -27.58
C GLU D 262 16.28 16.09 -28.72
N GLU D 263 15.48 15.39 -29.52
CA GLU D 263 14.75 16.04 -30.61
C GLU D 263 13.73 17.03 -30.06
N LEU D 264 13.01 16.66 -29.00
CA LEU D 264 12.04 17.57 -28.40
C LEU D 264 12.73 18.80 -27.83
N LEU D 265 13.87 18.62 -27.17
CA LEU D 265 14.60 19.76 -26.62
C LEU D 265 15.15 20.65 -27.72
N GLU D 266 15.64 20.07 -28.81
CA GLU D 266 16.12 20.85 -29.93
C GLU D 266 15.00 21.60 -30.64
N GLU D 267 13.78 21.06 -30.61
CA GLU D 267 12.63 21.76 -31.19
C GLU D 267 12.33 23.06 -30.46
N LEU D 268 12.75 23.19 -29.20
CA LEU D 268 12.51 24.43 -28.45
C LEU D 268 13.32 25.59 -29.00
N CYS D 269 14.40 25.32 -29.75
CA CYS D 269 15.20 26.37 -30.35
C CYS D 269 14.46 26.98 -31.54
N VAL D 270 13.41 27.75 -31.26
CA VAL D 270 12.57 28.30 -32.32
C VAL D 270 13.36 29.26 -33.20
N SER D 271 14.17 30.13 -32.59
CA SER D 271 14.94 31.10 -33.36
C SER D 271 15.97 30.43 -34.25
N LYS D 272 16.45 29.23 -33.88
CA LYS D 272 17.43 28.54 -34.73
C LYS D 272 16.81 28.11 -36.05
N TRP D 273 15.62 27.50 -35.99
CA TRP D 273 14.98 27.04 -37.22
C TRP D 273 14.34 28.19 -37.99
N SER D 274 13.82 29.19 -37.29
CA SER D 274 13.23 30.33 -37.97
C SER D 274 14.30 31.15 -38.70
N ASP D 275 15.46 31.33 -38.07
CA ASP D 275 16.56 32.11 -38.64
C ASP D 275 17.82 31.25 -38.59
N PRO D 276 18.01 30.37 -39.58
CA PRO D 276 19.19 29.50 -39.59
C PRO D 276 20.48 30.21 -40.00
N GLN D 277 20.45 31.51 -40.25
CA GLN D 277 21.63 32.26 -40.64
C GLN D 277 22.20 33.13 -39.53
N VAL D 278 21.42 33.39 -38.47
CA VAL D 278 21.89 34.21 -37.35
C VAL D 278 22.40 33.30 -36.25
N PHE D 279 21.87 32.07 -36.21
CA PHE D 279 22.27 31.12 -35.17
C PHE D 279 23.75 30.78 -35.27
N GLU D 280 24.25 30.53 -36.49
CA GLU D 280 25.66 30.20 -36.66
C GLU D 280 26.56 31.37 -36.30
N LYS D 281 26.17 32.59 -36.70
CA LYS D 281 26.97 33.76 -36.39
C LYS D 281 26.97 34.06 -34.89
N SER D 282 25.82 33.89 -34.24
CA SER D 282 25.67 34.17 -32.81
C SER D 282 25.73 32.91 -31.97
N SER D 283 26.55 31.93 -32.36
CA SER D 283 26.69 30.69 -31.64
C SER D 283 27.77 30.75 -30.55
N ALA D 284 28.12 31.95 -30.10
CA ALA D 284 29.14 32.12 -29.07
C ALA D 284 28.52 32.08 -27.68
N GLY D 285 27.85 30.97 -27.40
CA GLY D 285 27.22 30.76 -26.11
C GLY D 285 25.88 31.44 -25.92
N ILE D 286 25.36 32.11 -26.95
CA ILE D 286 24.08 32.82 -26.82
C ILE D 286 22.93 31.82 -26.69
N ASP D 287 22.94 30.79 -27.53
CA ASP D 287 21.86 29.80 -27.53
C ASP D 287 22.45 28.44 -27.89
N HIS D 288 22.32 27.49 -26.98
CA HIS D 288 22.76 26.12 -27.21
C HIS D 288 21.99 25.19 -26.30
N ALA D 289 22.15 23.88 -26.54
CA ALA D 289 21.39 22.89 -25.79
C ALA D 289 21.75 22.87 -24.31
N GLU D 290 22.94 23.31 -23.94
CA GLU D 290 23.36 23.26 -22.55
C GLU D 290 22.48 24.14 -21.67
N GLU D 291 22.18 25.36 -22.12
CA GLU D 291 21.40 26.29 -21.31
C GLU D 291 19.98 25.78 -21.11
N MET D 292 19.35 25.28 -22.18
CA MET D 292 18.00 24.72 -22.04
C MET D 292 18.00 23.48 -21.18
N GLU D 293 19.02 22.63 -21.31
CA GLU D 293 19.12 21.46 -20.43
C GLU D 293 19.20 21.87 -18.98
N LEU D 294 20.05 22.85 -18.66
CA LEU D 294 20.16 23.33 -17.29
C LEU D 294 18.87 23.95 -16.78
N LEU D 295 18.19 24.74 -17.61
CA LEU D 295 16.95 25.38 -17.18
C LEU D 295 15.86 24.35 -16.88
N LEU D 296 15.65 23.41 -17.81
CA LEU D 296 14.65 22.39 -17.59
C LEU D 296 15.02 21.48 -16.43
N GLU D 297 16.30 21.18 -16.24
CA GLU D 297 16.72 20.40 -15.08
C GLU D 297 16.47 21.14 -13.77
N ASN D 298 16.72 22.45 -13.75
CA ASN D 298 16.45 23.24 -12.55
C ASN D 298 14.97 23.20 -12.20
N TYR D 299 14.10 23.40 -13.19
CA TYR D 299 12.67 23.38 -12.89
C TYR D 299 12.16 21.99 -12.56
N TYR D 300 12.70 20.94 -13.19
CA TYR D 300 12.34 19.58 -12.83
C TYR D 300 12.78 19.26 -11.40
N ARG D 301 13.95 19.75 -10.99
CA ARG D 301 14.40 19.53 -9.62
C ARG D 301 13.56 20.30 -8.61
N LEU D 302 13.12 21.51 -8.96
CA LEU D 302 12.20 22.23 -8.09
C LEU D 302 10.88 21.48 -7.94
N ALA D 303 10.34 20.97 -9.04
CA ALA D 303 9.12 20.18 -8.97
C ALA D 303 9.33 18.88 -8.20
N ASP D 304 10.52 18.28 -8.29
CA ASP D 304 10.83 17.09 -7.50
C ASP D 304 10.89 17.40 -6.01
N ASP D 305 11.46 18.55 -5.65
CA ASP D 305 11.44 18.97 -4.25
C ASP D 305 10.01 19.15 -3.76
N LEU D 306 9.16 19.77 -4.58
CA LEU D 306 7.75 19.91 -4.20
C LEU D 306 7.07 18.56 -4.07
N SER D 307 7.37 17.61 -4.96
CA SER D 307 6.81 16.27 -4.87
C SER D 307 7.24 15.59 -3.58
N ASN D 308 8.51 15.71 -3.21
CA ASN D 308 8.99 15.12 -1.96
C ASN D 308 8.27 15.73 -0.76
N ALA D 309 8.10 17.06 -0.75
CA ALA D 309 7.40 17.69 0.36
C ALA D 309 5.95 17.24 0.45
N ALA D 310 5.27 17.14 -0.69
CA ALA D 310 3.87 16.70 -0.69
C ALA D 310 3.75 15.25 -0.25
N ARG D 311 4.67 14.40 -0.68
CA ARG D 311 4.63 13.00 -0.25
C ARG D 311 4.90 12.88 1.25
N GLU D 312 5.83 13.68 1.77
CA GLU D 312 6.04 13.70 3.21
C GLU D 312 4.78 14.14 3.96
N LEU D 313 4.09 15.16 3.43
CA LEU D 313 2.86 15.62 4.07
C LEU D 313 1.79 14.54 4.05
N ARG D 314 1.65 13.83 2.94
CA ARG D 314 0.66 12.75 2.86
C ARG D 314 1.00 11.62 3.82
N VAL D 315 2.28 11.25 3.91
CA VAL D 315 2.70 10.21 4.85
C VAL D 315 2.43 10.67 6.28
N LEU D 316 2.65 11.95 6.57
CA LEU D 316 2.34 12.48 7.89
C LEU D 316 0.85 12.41 8.17
N ILE D 317 0.02 12.69 7.18
CA ILE D 317 -1.43 12.58 7.35
C ILE D 317 -1.82 11.15 7.70
N ASP D 318 -1.27 10.18 6.97
CA ASP D 318 -1.60 8.78 7.24
C ASP D 318 -1.12 8.36 8.62
N ASP D 319 0.10 8.76 9.01
CA ASP D 319 0.61 8.39 10.33
C ASP D 319 -0.22 9.03 11.43
N SER D 320 -0.63 10.29 11.26
CA SER D 320 -1.47 10.94 12.25
C SER D 320 -2.83 10.27 12.36
N GLN D 321 -3.41 9.86 11.24
CA GLN D 321 -4.67 9.12 11.30
C GLN D 321 -4.50 7.80 12.04
N SER D 322 -3.40 7.09 11.78
CA SER D 322 -3.13 5.87 12.53
C SER D 322 -2.95 6.12 14.02
N ILE D 323 -2.36 7.26 14.39
CA ILE D 323 -2.23 7.60 15.81
C ILE D 323 -3.58 7.93 16.42
N ILE D 324 -4.43 8.65 15.68
CA ILE D 324 -5.79 8.94 16.17
C ILE D 324 -6.56 7.66 16.39
N PHE D 325 -6.37 6.67 15.50
CA PHE D 325 -7.05 5.38 15.68
C PHE D 325 -6.66 4.72 17.00
N ILE D 326 -5.42 4.91 17.45
CA ILE D 326 -5.03 4.40 18.75
C ILE D 326 -5.55 5.29 19.87
N ASN D 327 -5.70 6.59 19.60
CA ASN D 327 -6.19 7.52 20.61
C ASN D 327 -7.64 7.25 20.97
N LEU D 328 -8.48 6.94 19.98
CA LEU D 328 -9.88 6.69 20.21
C LEU D 328 -10.17 5.27 20.70
N ASP D 329 -9.17 4.39 20.66
CA ASP D 329 -9.32 3.03 21.15
C ASP D 329 -8.72 2.83 22.53
N SER D 330 -7.60 3.49 22.83
CA SER D 330 -7.03 3.40 24.17
C SER D 330 -7.83 4.20 25.19
N HIS D 331 -8.45 5.30 24.76
CA HIS D 331 -9.30 6.07 25.67
C HIS D 331 -10.62 5.36 25.93
N ARG D 332 -11.12 4.59 24.96
CA ARG D 332 -12.32 3.82 25.18
C ARG D 332 -12.11 2.76 26.25
N ASN D 333 -10.92 2.16 26.28
CA ASN D 333 -10.63 1.13 27.28
C ASN D 333 -10.63 1.69 28.69
N VAL D 334 -10.27 2.95 28.86
CA VAL D 334 -10.31 3.56 30.19
C VAL D 334 -11.74 3.62 30.72
N MET D 335 -12.68 4.09 29.88
CA MET D 335 -14.08 4.08 30.26
C MET D 335 -14.61 2.65 30.41
N MET D 336 -14.09 1.71 29.62
CA MET D 336 -14.46 0.31 29.81
C MET D 336 -14.10 -0.15 31.22
N ARG D 337 -12.87 0.15 31.66
CA ARG D 337 -12.43 -0.27 32.98
C ARG D 337 -13.23 0.42 34.09
N LEU D 338 -13.50 1.71 33.94
CA LEU D 338 -14.30 2.42 34.95
C LEU D 338 -15.71 1.86 35.02
N ASN D 339 -16.33 1.61 33.85
CA ASN D 339 -17.68 1.05 33.83
C ASN D 339 -17.70 -0.35 34.43
N LEU D 340 -16.67 -1.15 34.15
CA LEU D 340 -16.59 -2.48 34.74
C LEU D 340 -16.46 -2.42 36.26
N GLN D 341 -15.62 -1.51 36.76
CA GLN D 341 -15.47 -1.37 38.20
C GLN D 341 -16.77 -0.95 38.86
N LEU D 342 -17.47 0.02 38.27
CA LEU D 342 -18.75 0.44 38.81
C LEU D 342 -19.80 -0.66 38.72
N THR D 343 -19.75 -1.47 37.66
CA THR D 343 -20.66 -2.60 37.53
C THR D 343 -20.42 -3.62 38.63
N MET D 344 -19.16 -3.92 38.92
CA MET D 344 -18.85 -4.80 40.06
C MET D 344 -19.37 -4.20 41.37
N GLY D 345 -19.17 -2.90 41.57
CA GLY D 345 -19.65 -2.28 42.79
C GLY D 345 -21.16 -2.38 42.95
N THR D 346 -21.91 -2.04 41.91
CA THR D 346 -23.35 -2.09 41.99
C THR D 346 -23.88 -3.53 42.03
N PHE D 347 -23.18 -4.47 41.41
CA PHE D 347 -23.57 -5.87 41.53
C PHE D 347 -23.39 -6.38 42.95
N SER D 348 -22.29 -6.03 43.61
CA SER D 348 -22.12 -6.40 45.00
C SER D 348 -23.18 -5.74 45.88
N LEU D 349 -23.47 -4.46 45.62
CA LEU D 349 -24.50 -3.78 46.38
C LEU D 349 -25.86 -4.43 46.23
N SER D 350 -26.25 -4.80 45.00
CA SER D 350 -27.51 -5.50 44.79
C SER D 350 -27.52 -6.88 45.42
N LEU D 351 -26.40 -7.62 45.32
CA LEU D 351 -26.32 -8.96 45.89
C LEU D 351 -26.53 -8.92 47.40
N PHE D 352 -25.93 -7.94 48.07
CA PHE D 352 -26.09 -7.88 49.52
C PHE D 352 -27.36 -7.17 49.94
N GLY D 353 -27.95 -6.33 49.09
CA GLY D 353 -29.26 -5.79 49.37
C GLY D 353 -30.38 -6.76 49.11
N LEU D 354 -30.10 -7.85 48.39
CA LEU D 354 -31.09 -8.90 48.22
C LEU D 354 -31.54 -9.48 49.56
N MET D 355 -30.61 -9.70 50.48
CA MET D 355 -30.98 -10.22 51.79
C MET D 355 -31.78 -9.19 52.58
N GLY D 356 -31.47 -7.91 52.41
CA GLY D 356 -32.27 -6.87 53.06
C GLY D 356 -33.68 -6.82 52.52
N VAL D 357 -33.85 -6.99 51.21
CA VAL D 357 -35.19 -7.08 50.63
C VAL D 357 -35.90 -8.32 51.13
N ALA D 358 -35.18 -9.44 51.26
CA ALA D 358 -35.79 -10.67 51.76
C ALA D 358 -36.28 -10.50 53.19
N PHE D 359 -35.50 -9.84 54.04
CA PHE D 359 -35.92 -9.56 55.40
C PHE D 359 -36.89 -8.39 55.49
N GLY D 360 -37.08 -7.64 54.40
CA GLY D 360 -38.00 -6.53 54.39
C GLY D 360 -39.44 -6.86 54.05
N MET D 361 -39.73 -8.12 53.74
CA MET D 361 -41.09 -8.52 53.40
C MET D 361 -42.00 -8.42 54.62
N ASN D 362 -43.28 -8.17 54.36
CA ASN D 362 -44.28 -8.08 55.42
C ASN D 362 -44.76 -9.47 55.83
N LEU D 363 -43.83 -10.34 56.21
CA LEU D 363 -44.13 -11.71 56.61
C LEU D 363 -43.55 -11.95 58.00
N GLU D 364 -43.67 -13.20 58.47
CA GLU D 364 -43.17 -13.60 59.78
C GLU D 364 -41.77 -14.20 59.59
N SER D 365 -40.75 -13.47 60.02
CA SER D 365 -39.37 -13.93 59.94
C SER D 365 -38.90 -14.64 61.21
N SER D 366 -39.74 -14.69 62.24
CA SER D 366 -39.42 -15.35 63.51
C SER D 366 -38.18 -14.77 64.18
N LEU D 367 -37.79 -13.55 63.81
CA LEU D 367 -36.62 -12.91 64.40
C LEU D 367 -36.87 -11.45 64.77
N GLU D 368 -38.10 -10.97 64.69
CA GLU D 368 -38.39 -9.58 65.00
C GLU D 368 -38.22 -9.26 66.48
N GLU D 369 -38.28 -10.28 67.35
CA GLU D 369 -38.16 -10.02 68.79
C GLU D 369 -36.72 -9.71 69.18
N ASP D 370 -35.74 -10.25 68.46
CA ASP D 370 -34.34 -10.01 68.79
C ASP D 370 -33.97 -8.56 68.52
N HIS D 371 -33.19 -7.98 69.43
CA HIS D 371 -32.78 -6.59 69.33
C HIS D 371 -31.40 -6.41 68.71
N ARG D 372 -30.76 -7.50 68.28
CA ARG D 372 -29.43 -7.43 67.69
C ARG D 372 -29.35 -8.00 66.28
N ILE D 373 -30.41 -8.64 65.79
CA ILE D 373 -30.36 -9.26 64.46
C ILE D 373 -30.33 -8.18 63.38
N PHE D 374 -31.06 -7.08 63.58
CA PHE D 374 -31.11 -6.04 62.56
C PHE D 374 -29.75 -5.40 62.35
N TRP D 375 -29.10 -5.00 63.44
CA TRP D 375 -27.78 -4.38 63.33
C TRP D 375 -26.74 -5.34 62.78
N LEU D 376 -26.80 -6.62 63.20
CA LEU D 376 -25.89 -7.62 62.65
C LEU D 376 -26.07 -7.78 61.15
N ILE D 377 -27.32 -7.85 60.69
CA ILE D 377 -27.58 -7.99 59.27
C ILE D 377 -27.10 -6.76 58.51
N THR D 378 -27.35 -5.56 59.04
CA THR D 378 -26.91 -4.35 58.37
C THR D 378 -25.39 -4.30 58.27
N GLY D 379 -24.68 -4.63 59.36
CA GLY D 379 -23.23 -4.63 59.32
C GLY D 379 -22.68 -5.67 58.37
N ILE D 380 -23.27 -6.87 58.37
CA ILE D 380 -22.85 -7.90 57.43
C ILE D 380 -23.04 -7.43 56.00
N MET D 381 -24.19 -6.81 55.71
CA MET D 381 -24.45 -6.30 54.37
C MET D 381 -23.41 -5.28 53.95
N PHE D 382 -23.18 -4.27 54.80
CA PHE D 382 -22.26 -3.20 54.44
C PHE D 382 -20.82 -3.70 54.29
N MET D 383 -20.39 -4.62 55.16
CA MET D 383 -19.02 -5.13 55.06
C MET D 383 -18.87 -6.06 53.86
N GLY D 384 -19.82 -6.96 53.65
CA GLY D 384 -19.72 -7.89 52.54
C GLY D 384 -19.83 -7.23 51.19
N SER D 385 -20.56 -6.10 51.10
CA SER D 385 -20.57 -5.35 49.86
C SER D 385 -19.15 -4.94 49.45
N GLY D 386 -18.42 -4.33 50.39
CA GLY D 386 -17.05 -3.95 50.09
C GLY D 386 -16.14 -5.14 49.87
N LEU D 387 -16.34 -6.21 50.62
CA LEU D 387 -15.50 -7.40 50.44
C LEU D 387 -15.69 -8.00 49.05
N ILE D 388 -16.94 -8.14 48.60
CA ILE D 388 -17.19 -8.69 47.27
C ILE D 388 -16.72 -7.72 46.19
N TRP D 389 -16.84 -6.41 46.44
CA TRP D 389 -16.34 -5.43 45.49
C TRP D 389 -14.83 -5.56 45.31
N ARG D 390 -14.10 -5.73 46.43
CA ARG D 390 -12.66 -5.90 46.34
C ARG D 390 -12.29 -7.21 45.66
N ARG D 391 -13.02 -8.30 45.97
CA ARG D 391 -12.74 -9.58 45.35
C ARG D 391 -12.97 -9.52 43.84
N LEU D 392 -14.01 -8.82 43.41
CA LEU D 392 -14.26 -8.66 41.98
C LEU D 392 -13.24 -7.71 41.34
N LEU D 393 -12.81 -6.68 42.07
CA LEU D 393 -11.77 -5.79 41.57
C LEU D 393 -10.46 -6.52 41.34
N SER D 394 -10.16 -7.51 42.17
CA SER D 394 -9.02 -8.39 41.92
C SER D 394 -9.18 -9.22 40.64
N PHE D 395 -10.42 -9.47 40.21
CA PHE D 395 -10.63 -10.30 39.03
C PHE D 395 -10.11 -9.63 37.77
N LEU D 396 -10.42 -8.34 37.58
CA LEU D 396 -9.92 -7.65 36.38
C LEU D 396 -8.42 -7.41 36.46
N GLY D 397 -7.85 -7.31 37.67
CA GLY D 397 -6.41 -7.25 37.80
C GLY D 397 -5.71 -8.57 37.54
N ARG D 398 -6.40 -9.68 37.73
CA ARG D 398 -5.83 -11.00 37.41
C ARG D 398 -6.02 -11.35 35.95
N GLN D 399 -7.23 -11.21 35.42
CA GLN D 399 -7.53 -11.51 34.03
C GLN D 399 -7.38 -10.23 33.21
N LEU D 400 -6.40 -10.21 32.32
CA LEU D 400 -6.16 -9.04 31.47
C LEU D 400 -6.78 -9.22 30.10
N ALA E 83 -21.88 -23.66 -38.86
CA ALA E 83 -20.97 -22.69 -39.47
C ALA E 83 -21.08 -21.33 -38.80
N PRO E 84 -20.04 -20.93 -38.07
CA PRO E 84 -20.06 -19.62 -37.42
C PRO E 84 -20.12 -18.50 -38.44
N VAL E 85 -20.80 -17.41 -38.07
CA VAL E 85 -21.07 -16.32 -38.99
C VAL E 85 -20.74 -14.99 -38.30
N PHE E 86 -20.55 -13.96 -39.12
CA PHE E 86 -20.26 -12.61 -38.66
C PHE E 86 -21.29 -11.64 -39.20
N THR E 87 -21.66 -10.66 -38.38
CA THR E 87 -22.52 -9.55 -38.81
C THR E 87 -21.62 -8.36 -39.08
N VAL E 88 -21.54 -7.95 -40.34
CA VAL E 88 -20.57 -6.97 -40.80
C VAL E 88 -21.29 -5.70 -41.24
N THR E 89 -20.81 -4.55 -40.75
CA THR E 89 -21.26 -3.25 -41.20
C THR E 89 -20.11 -2.57 -41.92
N LYS E 90 -20.28 -2.36 -43.23
CA LYS E 90 -19.20 -1.87 -44.08
C LYS E 90 -19.38 -0.39 -44.37
N PHE E 91 -18.34 0.40 -44.10
CA PHE E 91 -18.32 1.83 -44.38
C PHE E 91 -17.31 2.08 -45.50
N ASP E 92 -17.77 2.69 -46.59
CA ASP E 92 -16.89 2.99 -47.71
C ASP E 92 -16.19 4.33 -47.48
N LYS E 93 -15.33 4.71 -48.43
CA LYS E 93 -14.61 5.97 -48.34
C LYS E 93 -15.53 7.18 -48.46
N GLN E 94 -16.72 7.01 -49.04
CA GLN E 94 -17.68 8.09 -49.21
C GLN E 94 -18.69 8.18 -48.08
N GLY E 95 -18.54 7.35 -47.04
CA GLY E 95 -19.47 7.35 -45.92
C GLY E 95 -20.69 6.47 -46.11
N ASN E 96 -20.79 5.75 -47.23
CA ASN E 96 -21.93 4.87 -47.44
C ASN E 96 -21.91 3.72 -46.44
N VAL E 97 -23.08 3.37 -45.94
CA VAL E 97 -23.24 2.32 -44.94
C VAL E 97 -24.00 1.16 -45.58
N THR E 98 -23.36 0.00 -45.64
CA THR E 98 -23.97 -1.22 -46.17
C THR E 98 -23.83 -2.32 -45.14
N SER E 99 -24.96 -2.92 -44.76
CA SER E 99 -24.99 -4.02 -43.80
C SER E 99 -25.41 -5.30 -44.52
N PHE E 100 -24.60 -6.34 -44.40
CA PHE E 100 -24.88 -7.61 -45.04
C PHE E 100 -24.60 -8.73 -44.03
N GLU E 101 -24.62 -9.97 -44.50
CA GLU E 101 -24.56 -11.14 -43.64
C GLU E 101 -23.67 -12.18 -44.31
N ARG E 102 -22.43 -12.30 -43.84
CA ARG E 102 -21.44 -13.15 -44.49
C ARG E 102 -20.82 -14.11 -43.47
N LYS E 103 -20.51 -15.30 -43.95
CA LYS E 103 -19.92 -16.33 -43.09
C LYS E 103 -18.46 -16.01 -42.78
N LYS E 104 -17.97 -16.59 -41.68
CA LYS E 104 -16.59 -16.36 -41.26
C LYS E 104 -15.60 -16.89 -42.27
N THR E 105 -15.84 -18.10 -42.79
CA THR E 105 -14.91 -18.70 -43.74
C THR E 105 -14.82 -17.88 -45.02
N GLU E 106 -15.95 -17.41 -45.52
CA GLU E 106 -15.93 -16.55 -46.71
C GLU E 106 -15.32 -15.18 -46.40
N LEU E 107 -15.56 -14.67 -45.19
CA LEU E 107 -14.97 -13.39 -44.80
C LEU E 107 -13.45 -13.47 -44.73
N TYR E 108 -12.90 -14.60 -44.31
CA TYR E 108 -11.45 -14.76 -44.28
C TYR E 108 -10.87 -14.66 -45.69
N GLN E 109 -11.50 -15.33 -46.66
CA GLN E 109 -11.03 -15.24 -48.04
C GLN E 109 -11.20 -13.84 -48.60
N GLU E 110 -12.33 -13.19 -48.29
CA GLU E 110 -12.57 -11.84 -48.80
C GLU E 110 -11.55 -10.85 -48.26
N LEU E 111 -11.24 -10.94 -46.96
CA LEU E 111 -10.31 -10.02 -46.33
C LEU E 111 -8.85 -10.45 -46.48
N GLY E 112 -8.59 -11.64 -47.00
CA GLY E 112 -7.23 -12.14 -47.09
C GLY E 112 -6.60 -12.40 -45.74
N LEU E 113 -7.35 -13.00 -44.81
CA LEU E 113 -6.88 -13.29 -43.47
C LEU E 113 -7.13 -14.78 -43.17
N GLN E 114 -6.79 -15.17 -41.94
CA GLN E 114 -7.04 -16.53 -41.46
C GLN E 114 -7.85 -16.46 -40.18
N ALA E 115 -8.36 -17.61 -39.76
CA ALA E 115 -9.23 -17.68 -38.59
C ALA E 115 -8.51 -17.24 -37.33
N ARG E 116 -7.19 -17.43 -37.25
CA ARG E 116 -6.45 -17.06 -36.05
C ARG E 116 -6.37 -15.54 -35.88
N ASP E 117 -6.45 -14.79 -36.98
CA ASP E 117 -6.38 -13.33 -36.89
C ASP E 117 -7.66 -12.77 -36.30
N LEU E 118 -8.82 -13.23 -36.79
CA LEU E 118 -10.12 -12.72 -36.35
C LEU E 118 -10.69 -13.58 -35.23
N ARG E 119 -9.92 -13.76 -34.16
CA ARG E 119 -10.41 -14.51 -33.00
C ARG E 119 -11.05 -13.59 -31.96
N PHE E 120 -10.50 -12.39 -31.78
CA PHE E 120 -11.03 -11.38 -30.86
C PHE E 120 -11.15 -11.94 -29.45
N GLN E 121 -10.04 -12.49 -28.95
CA GLN E 121 -9.99 -13.05 -27.60
C GLN E 121 -9.42 -12.07 -26.58
N HIS E 122 -9.04 -10.87 -27.00
CA HIS E 122 -8.47 -9.87 -26.11
C HIS E 122 -9.42 -8.67 -26.03
N VAL E 123 -9.64 -8.17 -24.82
CA VAL E 123 -10.55 -7.06 -24.62
C VAL E 123 -10.00 -5.79 -25.25
N MET E 124 -8.69 -5.60 -25.19
CA MET E 124 -8.02 -4.44 -25.78
C MET E 124 -6.85 -4.92 -26.61
N SER E 125 -6.96 -4.79 -27.93
CA SER E 125 -5.89 -5.21 -28.83
C SER E 125 -5.99 -4.42 -30.12
N ILE E 126 -4.85 -3.95 -30.61
CA ILE E 126 -4.75 -3.26 -31.90
C ILE E 126 -3.61 -3.90 -32.66
N THR E 127 -3.94 -4.68 -33.68
CA THR E 127 -2.94 -5.42 -34.45
C THR E 127 -3.15 -5.18 -35.94
N VAL E 128 -2.07 -5.33 -36.71
CA VAL E 128 -2.09 -5.17 -38.15
C VAL E 128 -1.62 -6.50 -38.74
N ARG E 129 -2.56 -7.27 -39.29
CA ARG E 129 -2.27 -8.57 -39.87
C ARG E 129 -2.61 -8.54 -41.36
N ASN E 130 -1.63 -8.89 -42.19
CA ASN E 130 -1.82 -8.96 -43.65
C ASN E 130 -2.38 -7.66 -44.20
N ASN E 131 -1.77 -6.54 -43.79
CA ASN E 131 -2.16 -5.21 -44.24
C ASN E 131 -3.60 -4.87 -43.90
N ARG E 132 -4.11 -5.46 -42.81
CA ARG E 132 -5.45 -5.16 -42.32
C ARG E 132 -5.35 -4.84 -40.83
N ILE E 133 -5.90 -3.70 -40.44
CA ILE E 133 -5.84 -3.25 -39.05
C ILE E 133 -6.98 -3.91 -38.29
N ILE E 134 -6.67 -4.91 -37.49
CA ILE E 134 -7.64 -5.63 -36.67
C ILE E 134 -7.53 -5.11 -35.25
N MET E 135 -8.55 -4.41 -34.78
CA MET E 135 -8.53 -3.78 -33.47
C MET E 135 -9.86 -4.01 -32.77
N ARG E 136 -9.80 -4.26 -31.47
CA ARG E 136 -10.98 -4.61 -30.68
C ARG E 136 -10.97 -3.83 -29.37
N MET E 137 -12.14 -3.33 -28.97
CA MET E 137 -12.33 -2.64 -27.69
C MET E 137 -13.56 -3.22 -27.03
N GLU E 138 -13.35 -4.22 -26.17
CA GLU E 138 -14.43 -4.90 -25.45
C GLU E 138 -15.50 -5.41 -26.41
N TYR E 139 -16.59 -4.69 -26.54
CA TYR E 139 -17.69 -5.08 -27.43
C TYR E 139 -17.55 -4.50 -28.83
N LEU E 140 -16.55 -3.68 -29.08
CA LEU E 140 -16.36 -3.03 -30.37
C LEU E 140 -15.26 -3.76 -31.12
N LYS E 141 -15.66 -4.58 -32.10
CA LYS E 141 -14.73 -5.32 -32.94
C LYS E 141 -14.79 -4.75 -34.34
N ALA E 142 -13.65 -4.30 -34.86
CA ALA E 142 -13.61 -3.66 -36.16
C ALA E 142 -12.34 -4.07 -36.89
N VAL E 143 -12.43 -4.12 -38.22
CA VAL E 143 -11.30 -4.38 -39.10
C VAL E 143 -11.24 -3.28 -40.13
N ILE E 144 -10.08 -2.65 -40.27
CA ILE E 144 -9.89 -1.51 -41.16
C ILE E 144 -9.15 -1.96 -42.40
N THR E 145 -9.73 -1.69 -43.56
CA THR E 145 -9.16 -2.03 -44.86
C THR E 145 -8.82 -0.75 -45.60
N PRO E 146 -7.95 -0.81 -46.62
CA PRO E 146 -7.54 0.40 -47.34
C PRO E 146 -8.72 1.20 -47.89
N GLU E 147 -9.78 0.51 -48.33
CA GLU E 147 -10.90 1.15 -48.98
C GLU E 147 -12.20 1.07 -48.20
N CYS E 148 -12.23 0.39 -47.06
CA CYS E 148 -13.47 0.25 -46.31
C CYS E 148 -13.17 -0.05 -44.85
N LEU E 149 -14.18 0.16 -44.01
CA LEU E 149 -14.12 -0.16 -42.58
C LEU E 149 -15.28 -1.09 -42.24
N LEU E 150 -14.98 -2.18 -41.54
CA LEU E 150 -15.96 -3.19 -41.19
C LEU E 150 -16.14 -3.23 -39.68
N ILE E 151 -17.40 -3.28 -39.24
CA ILE E 151 -17.75 -3.45 -37.83
C ILE E 151 -18.37 -4.83 -37.66
N LEU E 152 -17.80 -5.63 -36.78
CA LEU E 152 -18.19 -7.03 -36.60
C LEU E 152 -18.87 -7.21 -35.25
N ASP E 153 -19.99 -7.94 -35.26
CA ASP E 153 -20.76 -8.25 -34.05
C ASP E 153 -21.19 -6.96 -33.34
N TYR E 154 -22.03 -6.19 -34.04
CA TYR E 154 -22.50 -4.91 -33.54
C TYR E 154 -23.95 -4.94 -33.06
N ARG E 155 -24.69 -6.01 -33.33
CA ARG E 155 -26.11 -6.04 -33.01
C ARG E 155 -26.33 -6.16 -31.51
N ASN E 156 -27.39 -5.51 -31.03
CA ASN E 156 -27.82 -5.58 -29.64
C ASN E 156 -26.72 -5.15 -28.68
N LEU E 157 -25.99 -4.08 -29.05
CA LEU E 157 -24.95 -3.55 -28.19
C LEU E 157 -24.99 -2.02 -28.13
N ASN E 158 -26.16 -1.43 -28.38
CA ASN E 158 -26.36 0.01 -28.30
C ASN E 158 -25.41 0.77 -29.23
N LEU E 159 -25.16 0.18 -30.40
CA LEU E 159 -24.34 0.82 -31.43
C LEU E 159 -25.15 1.24 -32.64
N GLU E 160 -26.47 1.30 -32.51
CA GLU E 160 -27.35 1.63 -33.62
C GLU E 160 -27.49 3.13 -33.86
N GLN E 161 -26.97 3.95 -32.96
CA GLN E 161 -27.02 5.40 -33.11
C GLN E 161 -25.73 5.98 -33.66
N TRP E 162 -24.59 5.64 -33.05
CA TRP E 162 -23.31 6.15 -33.53
C TRP E 162 -22.99 5.65 -34.94
N LEU E 163 -23.22 4.36 -35.19
CA LEU E 163 -22.79 3.75 -36.45
C LEU E 163 -23.47 4.38 -37.66
N PHE E 164 -24.74 4.74 -37.55
CA PHE E 164 -25.50 5.24 -38.69
C PHE E 164 -25.79 6.73 -38.63
N ARG E 165 -25.30 7.45 -37.61
CA ARG E 165 -25.55 8.88 -37.52
C ARG E 165 -24.33 9.72 -37.16
N GLU E 166 -23.24 9.11 -36.67
CA GLU E 166 -22.03 9.85 -36.34
C GLU E 166 -20.81 9.38 -37.10
N LEU E 167 -20.61 8.06 -37.22
CA LEU E 167 -19.46 7.53 -37.94
C LEU E 167 -19.43 7.94 -39.41
N PRO E 168 -20.53 7.87 -40.17
CA PRO E 168 -20.46 8.31 -41.58
C PRO E 168 -20.05 9.76 -41.74
N SER E 169 -20.47 10.65 -40.84
CA SER E 169 -20.08 12.05 -40.93
C SER E 169 -18.59 12.22 -40.73
N GLN E 170 -18.00 11.50 -39.76
CA GLN E 170 -16.57 11.61 -39.53
C GLN E 170 -15.77 10.96 -40.64
N LEU E 171 -16.27 9.84 -41.19
CA LEU E 171 -15.54 9.14 -42.24
C LEU E 171 -15.67 9.79 -43.60
N SER E 172 -16.69 10.64 -43.81
CA SER E 172 -16.87 11.29 -45.10
C SER E 172 -15.89 12.42 -45.34
N GLY E 173 -15.24 12.93 -44.29
CA GLY E 173 -14.28 14.00 -44.45
C GLY E 173 -14.87 15.36 -44.70
N GLU E 174 -16.17 15.53 -44.44
CA GLU E 174 -16.81 16.83 -44.65
C GLU E 174 -16.26 17.85 -43.65
N GLY E 175 -16.12 19.09 -44.12
CA GLY E 175 -15.58 20.14 -43.26
C GLY E 175 -14.12 19.90 -42.95
N GLN E 176 -13.70 20.37 -41.76
CA GLN E 176 -12.34 20.22 -41.27
C GLN E 176 -11.33 20.87 -42.21
N LEU E 177 -10.06 20.52 -42.05
CA LEU E 177 -9.00 21.08 -42.89
C LEU E 177 -8.88 20.25 -44.17
N VAL E 178 -9.14 20.89 -45.31
CA VAL E 178 -9.05 20.21 -46.60
C VAL E 178 -7.66 20.32 -47.23
N THR E 179 -6.74 21.04 -46.59
CA THR E 179 -5.40 21.21 -47.15
C THR E 179 -4.51 19.98 -46.96
N TYR E 180 -4.91 19.02 -46.12
CA TYR E 180 -4.12 17.82 -45.88
C TYR E 180 -5.06 16.68 -45.53
N PRO E 181 -5.68 16.06 -46.53
CA PRO E 181 -6.57 14.92 -46.27
C PRO E 181 -5.77 13.63 -46.12
N LEU E 182 -5.86 13.03 -44.93
CA LEU E 182 -5.15 11.80 -44.64
C LEU E 182 -5.91 10.61 -45.20
N PRO E 183 -5.24 9.47 -45.38
CA PRO E 183 -5.93 8.29 -45.92
C PRO E 183 -7.05 7.79 -45.01
N PHE E 184 -7.81 6.83 -45.54
CA PHE E 184 -9.00 6.35 -44.85
C PHE E 184 -8.65 5.66 -43.54
N GLU E 185 -7.54 4.93 -43.49
CA GLU E 185 -7.19 4.21 -42.29
C GLU E 185 -6.93 5.15 -41.11
N PHE E 186 -6.32 6.31 -41.37
CA PHE E 186 -6.12 7.30 -40.32
C PHE E 186 -7.43 7.78 -39.73
N ARG E 187 -8.39 8.13 -40.60
CA ARG E 187 -9.69 8.58 -40.11
C ARG E 187 -10.43 7.49 -39.37
N ALA E 188 -10.36 6.24 -39.85
CA ALA E 188 -11.03 5.15 -39.15
C ALA E 188 -10.43 4.91 -37.77
N ILE E 189 -9.09 4.90 -37.67
CA ILE E 189 -8.45 4.72 -36.37
C ILE E 189 -8.81 5.87 -35.44
N GLU E 190 -8.78 7.11 -35.95
CA GLU E 190 -9.13 8.25 -35.13
C GLU E 190 -10.56 8.17 -34.64
N ALA E 191 -11.49 7.78 -35.51
CA ALA E 191 -12.90 7.68 -35.11
C ALA E 191 -13.10 6.60 -34.05
N LEU E 192 -12.49 5.44 -34.23
CA LEU E 192 -12.66 4.36 -33.25
C LEU E 192 -12.04 4.74 -31.91
N LEU E 193 -10.83 5.32 -31.93
CA LEU E 193 -10.17 5.73 -30.70
C LEU E 193 -10.98 6.81 -29.99
N GLN E 194 -11.52 7.76 -30.74
CA GLN E 194 -12.35 8.81 -30.14
C GLN E 194 -13.63 8.24 -29.56
N TYR E 195 -14.25 7.28 -30.23
CA TYR E 195 -15.45 6.65 -29.68
C TYR E 195 -15.14 5.94 -28.36
N TRP E 196 -14.03 5.20 -28.30
CA TRP E 196 -13.70 4.52 -27.06
C TRP E 196 -13.34 5.51 -25.95
N ILE E 197 -12.61 6.57 -26.28
CA ILE E 197 -12.30 7.57 -25.27
C ILE E 197 -13.55 8.29 -24.79
N ASN E 198 -14.53 8.52 -25.66
CA ASN E 198 -15.80 9.10 -25.26
C ASN E 198 -16.60 8.17 -24.36
N THR E 199 -16.61 6.87 -24.66
CA THR E 199 -17.30 5.93 -23.78
C THR E 199 -16.63 5.87 -22.41
N LEU E 200 -15.30 5.87 -22.38
CA LEU E 200 -14.60 5.88 -21.09
C LEU E 200 -14.88 7.17 -20.32
N GLN E 201 -14.90 8.31 -21.01
CA GLN E 201 -15.22 9.57 -20.36
C GLN E 201 -16.64 9.57 -19.81
N GLY E 202 -17.58 9.00 -20.56
CA GLY E 202 -18.95 8.90 -20.07
C GLY E 202 -19.06 8.01 -18.85
N LYS E 203 -18.35 6.87 -18.86
CA LYS E 203 -18.34 6.01 -17.69
C LYS E 203 -17.78 6.74 -16.47
N LEU E 204 -16.68 7.47 -16.65
CA LEU E 204 -16.11 8.22 -15.53
C LEU E 204 -17.03 9.33 -15.05
N SER E 205 -17.66 10.07 -15.97
CA SER E 205 -18.54 11.17 -15.59
C SER E 205 -19.88 10.70 -15.07
N ILE E 206 -20.21 9.42 -15.23
CA ILE E 206 -21.34 8.82 -14.55
C ILE E 206 -20.96 8.30 -13.17
N LEU E 207 -19.76 7.71 -13.05
CA LEU E 207 -19.34 7.16 -11.76
C LEU E 207 -19.02 8.26 -10.76
N GLN E 208 -18.41 9.36 -11.21
CA GLN E 208 -17.93 10.37 -10.26
C GLN E 208 -19.03 11.03 -9.44
N PRO E 209 -20.13 11.53 -10.03
CA PRO E 209 -21.18 12.15 -9.19
C PRO E 209 -21.80 11.18 -8.20
N LEU E 210 -22.03 9.93 -8.58
CA LEU E 210 -22.61 8.97 -7.66
C LEU E 210 -21.68 8.70 -6.47
N ILE E 211 -20.39 8.51 -6.75
CA ILE E 211 -19.43 8.28 -5.67
C ILE E 211 -19.34 9.49 -4.76
N LEU E 212 -19.30 10.70 -5.35
CA LEU E 212 -19.22 11.90 -4.54
C LEU E 212 -20.45 12.07 -3.65
N GLU E 213 -21.64 11.84 -4.20
CA GLU E 213 -22.87 12.00 -3.42
C GLU E 213 -23.00 10.91 -2.37
N THR E 214 -22.44 9.72 -2.63
CA THR E 214 -22.48 8.66 -1.62
C THR E 214 -21.50 8.96 -0.48
N LEU E 215 -20.31 9.46 -0.81
CA LEU E 215 -19.32 9.74 0.22
C LEU E 215 -19.61 11.02 0.98
N ASP E 216 -20.40 11.93 0.40
CA ASP E 216 -20.74 13.16 1.10
C ASP E 216 -21.81 12.98 2.17
N ALA E 217 -22.50 11.83 2.18
CA ALA E 217 -23.52 11.55 3.18
C ALA E 217 -23.00 10.74 4.36
N LEU E 218 -22.16 9.73 4.10
CA LEU E 218 -21.60 8.93 5.18
C LEU E 218 -20.57 9.72 5.99
N VAL E 219 -19.83 10.62 5.33
CA VAL E 219 -18.82 11.40 6.03
C VAL E 219 -19.44 12.36 7.03
N ASP E 220 -20.61 12.91 6.71
CA ASP E 220 -21.24 13.93 7.54
C ASP E 220 -21.48 13.41 8.96
N PRO E 221 -21.00 14.12 10.00
CA PRO E 221 -21.14 13.66 11.38
C PRO E 221 -22.42 14.12 12.05
N LYS E 222 -23.56 13.84 11.42
CA LYS E 222 -24.87 14.18 11.98
C LYS E 222 -25.67 12.95 12.41
N HIS E 223 -25.11 11.76 12.24
CA HIS E 223 -25.78 10.52 12.63
C HIS E 223 -24.80 9.62 13.38
N SER E 224 -25.32 8.85 14.34
CA SER E 224 -24.49 7.93 15.08
C SER E 224 -23.92 6.84 14.18
N SER E 225 -24.73 6.33 13.27
CA SER E 225 -24.33 5.29 12.33
C SER E 225 -24.44 5.83 10.90
N VAL E 226 -24.05 5.00 9.94
CA VAL E 226 -24.13 5.34 8.54
C VAL E 226 -25.24 4.52 7.90
N ASP E 227 -25.82 5.06 6.82
CA ASP E 227 -26.88 4.38 6.11
C ASP E 227 -26.36 3.08 5.50
N ARG E 228 -26.86 1.95 5.99
CA ARG E 228 -26.37 0.66 5.53
C ARG E 228 -26.78 0.39 4.09
N SER E 229 -27.83 1.05 3.60
CA SER E 229 -28.25 0.85 2.22
C SER E 229 -27.24 1.43 1.24
N LYS E 230 -26.62 2.56 1.59
CA LYS E 230 -25.65 3.21 0.72
C LYS E 230 -24.29 2.52 0.71
N LEU E 231 -24.02 1.63 1.67
CA LEU E 231 -22.77 0.89 1.66
C LEU E 231 -22.68 -0.03 0.45
N HIS E 232 -23.77 -0.69 0.09
CA HIS E 232 -23.78 -1.53 -1.10
C HIS E 232 -23.59 -0.70 -2.37
N ILE E 233 -24.19 0.49 -2.42
CA ILE E 233 -23.98 1.38 -3.56
C ILE E 233 -22.51 1.77 -3.65
N LEU E 234 -21.90 2.09 -2.52
CA LEU E 234 -20.47 2.42 -2.52
C LEU E 234 -19.62 1.26 -2.99
N LEU E 235 -19.94 0.04 -2.54
CA LEU E 235 -19.18 -1.13 -2.97
C LEU E 235 -19.31 -1.38 -4.47
N GLN E 236 -20.52 -1.28 -5.00
CA GLN E 236 -20.71 -1.46 -6.44
C GLN E 236 -20.00 -0.37 -7.23
N ASN E 237 -20.04 0.87 -6.74
CA ASN E 237 -19.34 1.95 -7.42
C ASN E 237 -17.83 1.75 -7.39
N GLY E 238 -17.31 1.26 -6.27
CA GLY E 238 -15.89 0.94 -6.21
C GLY E 238 -15.49 -0.17 -7.16
N LYS E 239 -16.31 -1.21 -7.27
CA LYS E 239 -16.03 -2.27 -8.24
C LYS E 239 -16.06 -1.74 -9.66
N SER E 240 -17.05 -0.91 -9.98
CA SER E 240 -17.12 -0.32 -11.31
C SER E 240 -15.92 0.60 -11.58
N LEU E 241 -15.47 1.33 -10.56
CA LEU E 241 -14.29 2.18 -10.72
C LEU E 241 -13.04 1.35 -10.96
N SER E 242 -12.91 0.21 -10.27
CA SER E 242 -11.77 -0.67 -10.51
C SER E 242 -11.79 -1.22 -11.93
N GLU E 243 -12.97 -1.64 -12.40
CA GLU E 243 -13.07 -2.12 -13.78
C GLU E 243 -12.75 -1.01 -14.79
N LEU E 244 -13.22 0.21 -14.54
CA LEU E 244 -12.91 1.32 -15.43
C LEU E 244 -11.42 1.64 -15.43
N GLU E 245 -10.79 1.59 -14.25
CA GLU E 245 -9.35 1.80 -14.18
C GLU E 245 -8.59 0.74 -14.97
N THR E 246 -9.02 -0.52 -14.88
CA THR E 246 -8.38 -1.56 -15.69
C THR E 246 -8.58 -1.31 -17.18
N ASP E 247 -9.77 -0.88 -17.58
CA ASP E 247 -10.03 -0.61 -18.99
C ASP E 247 -9.14 0.51 -19.50
N ILE E 248 -9.02 1.59 -18.73
CA ILE E 248 -8.18 2.71 -19.17
C ILE E 248 -6.71 2.29 -19.18
N LYS E 249 -6.29 1.47 -18.21
CA LYS E 249 -4.91 1.01 -18.17
C LYS E 249 -4.57 0.17 -19.41
N ILE E 250 -5.47 -0.76 -19.77
CA ILE E 250 -5.19 -1.58 -20.95
C ILE E 250 -5.29 -0.77 -22.24
N PHE E 251 -6.16 0.23 -22.30
CA PHE E 251 -6.19 1.12 -23.46
C PHE E 251 -4.88 1.90 -23.60
N LYS E 252 -4.38 2.42 -22.48
CA LYS E 252 -3.08 3.12 -22.50
C LYS E 252 -1.96 2.18 -22.92
N GLU E 253 -1.96 0.95 -22.41
CA GLU E 253 -0.93 -0.01 -22.78
C GLU E 253 -0.99 -0.35 -24.27
N SER E 254 -2.21 -0.52 -24.80
CA SER E 254 -2.36 -0.84 -26.22
C SER E 254 -1.86 0.30 -27.10
N ILE E 255 -2.15 1.55 -26.71
CA ILE E 255 -1.66 2.68 -27.51
C ILE E 255 -0.14 2.82 -27.37
N LEU E 256 0.39 2.64 -26.16
CA LEU E 256 1.81 2.82 -25.94
C LEU E 256 2.64 1.74 -26.61
N GLU E 257 2.09 0.53 -26.76
CA GLU E 257 2.81 -0.51 -27.49
C GLU E 257 3.05 -0.10 -28.93
N ILE E 258 2.05 0.51 -29.58
CA ILE E 258 2.23 1.00 -30.94
C ILE E 258 3.15 2.20 -30.96
N LEU E 259 3.02 3.09 -29.97
CA LEU E 259 3.82 4.31 -29.97
C LEU E 259 5.31 4.02 -29.80
N ASP E 260 5.66 3.07 -28.92
CA ASP E 260 7.07 2.85 -28.59
C ASP E 260 7.81 2.22 -29.76
N GLU E 261 7.25 1.17 -30.37
CA GLU E 261 7.90 0.48 -31.48
C GLU E 261 7.58 1.21 -32.78
N GLU E 262 8.64 1.61 -33.50
CA GLU E 262 8.44 2.29 -34.78
C GLU E 262 7.92 1.35 -35.85
N GLU E 263 8.27 0.06 -35.77
CA GLU E 263 7.77 -0.90 -36.75
C GLU E 263 6.27 -1.06 -36.64
N LEU E 264 5.74 -1.14 -35.42
CA LEU E 264 4.30 -1.26 -35.22
C LEU E 264 3.57 -0.04 -35.74
N LEU E 265 4.11 1.16 -35.50
CA LEU E 265 3.49 2.38 -35.99
C LEU E 265 3.54 2.46 -37.51
N GLU E 266 4.66 2.05 -38.11
CA GLU E 266 4.76 2.02 -39.56
C GLU E 266 3.83 1.00 -40.19
N GLU E 267 3.53 -0.09 -39.48
CA GLU E 267 2.57 -1.08 -39.99
C GLU E 267 1.18 -0.50 -40.13
N LEU E 268 0.85 0.57 -39.40
CA LEU E 268 -0.46 1.19 -39.52
C LEU E 268 -0.66 1.87 -40.87
N CYS E 269 0.42 2.19 -41.58
CA CYS E 269 0.31 2.80 -42.90
C CYS E 269 -0.11 1.74 -43.92
N VAL E 270 -1.38 1.34 -43.87
CA VAL E 270 -1.87 0.27 -44.73
C VAL E 270 -1.80 0.69 -46.19
N SER E 271 -2.21 1.91 -46.51
CA SER E 271 -2.20 2.38 -47.88
C SER E 271 -0.80 2.46 -48.46
N LYS E 272 0.22 2.66 -47.62
CA LYS E 272 1.58 2.72 -48.12
C LYS E 272 2.04 1.37 -48.65
N TRP E 273 1.81 0.30 -47.89
CA TRP E 273 2.22 -1.03 -48.32
C TRP E 273 1.30 -1.59 -49.40
N SER E 274 0.00 -1.30 -49.31
CA SER E 274 -0.92 -1.78 -50.34
C SER E 274 -0.65 -1.11 -51.68
N ASP E 275 -0.36 0.19 -51.68
CA ASP E 275 -0.09 0.96 -52.90
C ASP E 275 1.23 1.68 -52.73
N PRO E 276 2.35 1.00 -52.98
CA PRO E 276 3.67 1.64 -52.83
C PRO E 276 4.03 2.61 -53.93
N GLN E 277 3.14 2.85 -54.91
CA GLN E 277 3.41 3.77 -55.99
C GLN E 277 2.67 5.10 -55.85
N VAL E 278 1.65 5.19 -55.01
CA VAL E 278 0.90 6.41 -54.81
C VAL E 278 1.46 7.14 -53.60
N PHE E 279 2.06 6.38 -52.67
CA PHE E 279 2.60 6.98 -51.46
C PHE E 279 3.73 7.95 -51.77
N GLU E 280 4.64 7.57 -52.67
CA GLU E 280 5.75 8.45 -53.01
C GLU E 280 5.26 9.71 -53.72
N LYS E 281 4.29 9.56 -54.63
CA LYS E 281 3.76 10.73 -55.35
C LYS E 281 2.99 11.65 -54.42
N SER E 282 2.22 11.08 -53.48
CA SER E 282 1.41 11.86 -52.55
C SER E 282 2.07 11.99 -51.19
N SER E 283 3.40 12.09 -51.14
CA SER E 283 4.13 12.23 -49.90
C SER E 283 4.29 13.68 -49.46
N ALA E 284 3.44 14.57 -49.94
CA ALA E 284 3.52 15.99 -49.59
C ALA E 284 2.68 16.29 -48.34
N GLY E 285 3.01 15.58 -47.26
CA GLY E 285 2.34 15.75 -46.00
C GLY E 285 1.01 15.04 -45.87
N ILE E 286 0.61 14.27 -46.88
CA ILE E 286 -0.69 13.60 -46.81
C ILE E 286 -0.66 12.47 -45.79
N ASP E 287 0.41 11.68 -45.79
CA ASP E 287 0.54 10.55 -44.87
C ASP E 287 2.00 10.38 -44.50
N HIS E 288 2.29 10.49 -43.21
CA HIS E 288 3.64 10.28 -42.70
C HIS E 288 3.55 9.91 -41.23
N ALA E 289 4.69 9.49 -40.67
CA ALA E 289 4.72 9.02 -39.29
C ALA E 289 4.40 10.12 -38.28
N GLU E 290 4.62 11.39 -38.64
CA GLU E 290 4.37 12.47 -37.69
C GLU E 290 2.91 12.56 -37.31
N GLU E 291 2.00 12.47 -38.30
CA GLU E 291 0.58 12.60 -38.01
C GLU E 291 0.07 11.47 -37.13
N MET E 292 0.47 10.23 -37.44
CA MET E 292 0.07 9.10 -36.60
C MET E 292 0.67 9.20 -35.19
N GLU E 293 1.92 9.64 -35.09
CA GLU E 293 2.52 9.85 -33.78
C GLU E 293 1.73 10.85 -32.96
N LEU E 294 1.37 11.99 -33.58
CA LEU E 294 0.59 12.99 -32.88
C LEU E 294 -0.80 12.48 -32.49
N LEU E 295 -1.45 11.73 -33.37
CA LEU E 295 -2.80 11.22 -33.08
C LEU E 295 -2.76 10.24 -31.90
N LEU E 296 -1.85 9.27 -31.97
CA LEU E 296 -1.75 8.30 -30.88
C LEU E 296 -1.29 8.96 -29.59
N GLU E 297 -0.41 9.96 -29.66
CA GLU E 297 -0.02 10.68 -28.45
C GLU E 297 -1.19 11.46 -27.86
N ASN E 298 -2.02 12.07 -28.70
CA ASN E 298 -3.20 12.77 -28.20
C ASN E 298 -4.14 11.82 -27.48
N TYR E 299 -4.42 10.67 -28.07
CA TYR E 299 -5.32 9.73 -27.41
C TYR E 299 -4.70 9.09 -26.17
N TYR E 300 -3.39 8.83 -26.17
CA TYR E 300 -2.73 8.35 -24.97
C TYR E 300 -2.77 9.37 -23.86
N ARG E 301 -2.63 10.66 -24.20
CA ARG E 301 -2.70 11.71 -23.18
C ARG E 301 -4.11 11.87 -22.65
N LEU E 302 -5.13 11.71 -23.51
CA LEU E 302 -6.51 11.71 -23.01
C LEU E 302 -6.75 10.56 -22.06
N ALA E 303 -6.27 9.36 -22.41
CA ALA E 303 -6.41 8.22 -21.51
C ALA E 303 -5.62 8.41 -20.22
N ASP E 304 -4.47 9.09 -20.29
CA ASP E 304 -3.71 9.40 -19.09
C ASP E 304 -4.45 10.38 -18.18
N ASP E 305 -5.11 11.38 -18.77
CA ASP E 305 -5.94 12.28 -17.98
C ASP E 305 -7.06 11.51 -17.29
N LEU E 306 -7.71 10.59 -18.02
CA LEU E 306 -8.74 9.77 -17.41
C LEU E 306 -8.18 8.90 -16.29
N SER E 307 -6.98 8.34 -16.48
CA SER E 307 -6.36 7.54 -15.43
C SER E 307 -6.08 8.38 -14.18
N ASN E 308 -5.59 9.61 -14.38
CA ASN E 308 -5.34 10.49 -13.24
C ASN E 308 -6.63 10.81 -12.49
N ALA E 309 -7.71 11.09 -13.24
CA ALA E 309 -8.98 11.38 -12.59
C ALA E 309 -9.50 10.17 -11.81
N ALA E 310 -9.40 8.97 -12.39
CA ALA E 310 -9.86 7.77 -11.71
C ALA E 310 -9.03 7.47 -10.47
N ARG E 311 -7.71 7.67 -10.56
CA ARG E 311 -6.86 7.45 -9.39
C ARG E 311 -7.18 8.46 -8.29
N GLU E 312 -7.44 9.72 -8.66
CA GLU E 312 -7.85 10.70 -7.66
C GLU E 312 -9.16 10.29 -7.00
N LEU E 313 -10.12 9.78 -7.80
CA LEU E 313 -11.38 9.34 -7.23
C LEU E 313 -11.19 8.17 -6.27
N ARG E 314 -10.33 7.21 -6.62
CA ARG E 314 -10.09 6.08 -5.74
C ARG E 314 -9.41 6.52 -4.45
N VAL E 315 -8.43 7.44 -4.55
CA VAL E 315 -7.78 7.97 -3.36
C VAL E 315 -8.80 8.70 -2.49
N LEU E 316 -9.72 9.44 -3.11
CA LEU E 316 -10.78 10.10 -2.36
C LEU E 316 -11.68 9.10 -1.65
N ILE E 317 -11.98 7.98 -2.31
CA ILE E 317 -12.79 6.94 -1.68
C ILE E 317 -12.08 6.40 -0.44
N ASP E 318 -10.79 6.10 -0.57
CA ASP E 318 -10.03 5.57 0.57
C ASP E 318 -9.96 6.58 1.70
N ASP E 319 -9.72 7.86 1.38
CA ASP E 319 -9.64 8.88 2.42
C ASP E 319 -10.99 9.06 3.12
N SER E 320 -12.08 9.05 2.35
CA SER E 320 -13.40 9.16 2.95
C SER E 320 -13.73 7.97 3.84
N GLN E 321 -13.34 6.76 3.43
CA GLN E 321 -13.52 5.60 4.29
C GLN E 321 -12.72 5.73 5.59
N SER E 322 -11.48 6.22 5.49
CA SER E 322 -10.70 6.46 6.70
C SER E 322 -11.33 7.51 7.60
N ILE E 323 -11.98 8.53 7.02
CA ILE E 323 -12.67 9.53 7.82
C ILE E 323 -13.91 8.94 8.48
N ILE E 324 -14.65 8.10 7.76
CA ILE E 324 -15.81 7.43 8.34
C ILE E 324 -15.38 6.55 9.51
N PHE E 325 -14.22 5.90 9.39
CA PHE E 325 -13.73 5.07 10.50
C PHE E 325 -13.50 5.91 11.76
N ILE E 326 -13.11 7.17 11.60
CA ILE E 326 -12.99 8.05 12.77
C ILE E 326 -14.35 8.55 13.21
N ASN E 327 -15.29 8.69 12.27
CA ASN E 327 -16.62 9.18 12.62
C ASN E 327 -17.38 8.18 13.48
N LEU E 328 -17.27 6.89 13.18
CA LEU E 328 -17.96 5.84 13.93
C LEU E 328 -17.26 5.48 15.22
N ASP E 329 -16.03 5.94 15.42
CA ASP E 329 -15.28 5.68 16.65
C ASP E 329 -15.30 6.86 17.62
N SER E 330 -15.28 8.09 17.11
CA SER E 330 -15.37 9.25 17.97
C SER E 330 -16.78 9.45 18.50
N HIS E 331 -17.79 9.08 17.70
CA HIS E 331 -19.17 9.18 18.17
C HIS E 331 -19.49 8.10 19.19
N ARG E 332 -18.86 6.92 19.07
CA ARG E 332 -19.05 5.88 20.07
C ARG E 332 -18.54 6.31 21.42
N ASN E 333 -17.44 7.06 21.46
CA ASN E 333 -16.88 7.53 22.73
C ASN E 333 -17.81 8.50 23.45
N VAL E 334 -18.60 9.26 22.70
CA VAL E 334 -19.56 10.16 23.32
C VAL E 334 -20.60 9.37 24.12
N MET E 335 -21.17 8.34 23.49
CA MET E 335 -22.10 7.47 24.20
C MET E 335 -21.40 6.71 25.33
N MET E 336 -20.13 6.37 25.16
CA MET E 336 -19.37 5.76 26.25
C MET E 336 -19.35 6.69 27.45
N ARG E 337 -19.03 7.96 27.24
CA ARG E 337 -18.96 8.92 28.33
C ARG E 337 -20.33 9.13 28.98
N LEU E 338 -21.38 9.25 28.17
CA LEU E 338 -22.72 9.42 28.74
C LEU E 338 -23.14 8.20 29.55
N ASN E 339 -22.89 6.99 29.03
CA ASN E 339 -23.23 5.77 29.75
C ASN E 339 -22.42 5.67 31.04
N LEU E 340 -21.14 6.05 31.01
CA LEU E 340 -20.33 6.03 32.21
C LEU E 340 -20.87 7.00 33.26
N GLN E 341 -21.25 8.21 32.83
CA GLN E 341 -21.79 9.18 33.77
C GLN E 341 -23.08 8.68 34.41
N LEU E 342 -23.97 8.11 33.59
CA LEU E 342 -25.21 7.56 34.13
C LEU E 342 -24.96 6.36 35.03
N THR E 343 -23.94 5.56 34.72
CA THR E 343 -23.58 4.43 35.58
C THR E 343 -23.10 4.92 36.94
N MET E 344 -22.27 5.97 36.95
CA MET E 344 -21.87 6.56 38.22
C MET E 344 -23.08 7.08 38.99
N GLY E 345 -23.99 7.75 38.30
CA GLY E 345 -25.18 8.27 38.98
C GLY E 345 -26.01 7.16 39.62
N THR E 346 -26.31 6.12 38.86
CA THR E 346 -27.12 5.02 39.39
C THR E 346 -26.38 4.21 40.44
N PHE E 347 -25.05 4.10 40.33
CA PHE E 347 -24.28 3.43 41.39
C PHE E 347 -24.34 4.21 42.69
N SER E 348 -24.21 5.53 42.63
CA SER E 348 -24.34 6.34 43.84
C SER E 348 -25.75 6.22 44.41
N LEU E 349 -26.77 6.24 43.54
CA LEU E 349 -28.14 6.10 44.00
C LEU E 349 -28.37 4.77 44.69
N SER E 350 -27.88 3.66 44.12
CA SER E 350 -28.00 2.36 44.76
C SER E 350 -27.21 2.29 46.06
N LEU E 351 -26.00 2.86 46.08
CA LEU E 351 -25.18 2.82 47.30
C LEU E 351 -25.86 3.52 48.45
N PHE E 352 -26.50 4.66 48.18
CA PHE E 352 -27.17 5.36 49.26
C PHE E 352 -28.58 4.85 49.54
N GLY E 353 -29.21 4.18 48.56
CA GLY E 353 -30.47 3.51 48.86
C GLY E 353 -30.28 2.19 49.59
N LEU E 354 -29.05 1.68 49.62
CA LEU E 354 -28.78 0.49 50.42
C LEU E 354 -29.09 0.72 51.89
N MET E 355 -28.74 1.88 52.43
CA MET E 355 -29.06 2.17 53.83
C MET E 355 -30.55 2.31 54.03
N GLY E 356 -31.26 2.86 53.04
CA GLY E 356 -32.72 2.93 53.14
C GLY E 356 -33.37 1.56 53.14
N VAL E 357 -32.84 0.65 52.32
CA VAL E 357 -33.32 -0.73 52.34
C VAL E 357 -33.00 -1.38 53.68
N ALA E 358 -31.81 -1.11 54.22
CA ALA E 358 -31.44 -1.68 55.51
C ALA E 358 -32.36 -1.20 56.62
N PHE E 359 -32.72 0.08 56.61
CA PHE E 359 -33.67 0.62 57.58
C PHE E 359 -35.11 0.28 57.24
N GLY E 360 -35.37 -0.24 56.05
CA GLY E 360 -36.71 -0.62 55.63
C GLY E 360 -37.15 -2.01 56.01
N MET E 361 -36.27 -2.80 56.63
CA MET E 361 -36.63 -4.15 57.03
C MET E 361 -37.67 -4.14 58.15
N ASN E 362 -38.48 -5.20 58.20
CA ASN E 362 -39.49 -5.33 59.23
C ASN E 362 -38.90 -5.90 60.51
N LEU E 363 -37.87 -5.24 61.03
CA LEU E 363 -37.19 -5.67 62.24
C LEU E 363 -37.18 -4.52 63.24
N GLU E 364 -36.51 -4.74 64.37
CA GLU E 364 -36.41 -3.73 65.43
C GLU E 364 -35.11 -2.96 65.24
N SER E 365 -35.22 -1.71 64.81
CA SER E 365 -34.06 -0.84 64.61
C SER E 365 -33.74 0.01 65.83
N SER E 366 -34.55 -0.07 66.88
CA SER E 366 -34.36 0.69 68.13
C SER E 366 -34.33 2.19 67.90
N LEU E 367 -34.87 2.66 66.77
CA LEU E 367 -34.89 4.09 66.48
C LEU E 367 -36.24 4.56 65.95
N GLU E 368 -37.27 3.72 65.98
CA GLU E 368 -38.57 4.11 65.45
C GLU E 368 -39.26 5.16 66.31
N GLU E 369 -38.87 5.29 67.58
CA GLU E 369 -39.51 6.27 68.46
C GLU E 369 -39.07 7.69 68.14
N ASP E 370 -37.85 7.87 67.63
CA ASP E 370 -37.36 9.20 67.30
C ASP E 370 -38.12 9.79 66.12
N HIS E 371 -38.43 11.07 66.22
CA HIS E 371 -39.19 11.77 65.18
C HIS E 371 -38.32 12.53 64.21
N ARG E 372 -36.99 12.44 64.35
CA ARG E 372 -36.07 13.15 63.47
C ARG E 372 -35.09 12.24 62.74
N ILE E 373 -35.03 10.96 63.09
CA ILE E 373 -34.06 10.06 62.45
C ILE E 373 -34.44 9.82 61.00
N PHE E 374 -35.74 9.70 60.70
CA PHE E 374 -36.17 9.41 59.33
C PHE E 374 -35.79 10.54 58.38
N TRP E 375 -36.11 11.78 58.76
CA TRP E 375 -35.78 12.91 57.90
C TRP E 375 -34.27 13.10 57.77
N LEU E 376 -33.53 12.89 58.86
CA LEU E 376 -32.08 12.99 58.78
C LEU E 376 -31.51 11.95 57.82
N ILE E 377 -31.99 10.71 57.90
CA ILE E 377 -31.52 9.66 57.00
C ILE E 377 -31.87 9.99 55.56
N THR E 378 -33.09 10.47 55.31
CA THR E 378 -33.49 10.81 53.95
C THR E 378 -32.63 11.94 53.39
N GLY E 379 -32.39 12.98 54.19
CA GLY E 379 -31.55 14.08 53.73
C GLY E 379 -30.11 13.64 53.47
N ILE E 380 -29.56 12.82 54.37
CA ILE E 380 -28.21 12.29 54.17
C ILE E 380 -28.15 11.48 52.88
N MET E 381 -29.15 10.63 52.64
CA MET E 381 -29.18 9.84 51.42
C MET E 381 -29.19 10.73 50.19
N PHE E 382 -30.12 11.69 50.14
CA PHE E 382 -30.26 12.53 48.95
C PHE E 382 -29.02 13.38 48.72
N MET E 383 -28.41 13.91 49.78
CA MET E 383 -27.23 14.75 49.61
C MET E 383 -26.01 13.92 49.22
N GLY E 384 -25.81 12.78 49.89
CA GLY E 384 -24.66 11.94 49.60
C GLY E 384 -24.71 11.31 48.24
N SER E 385 -25.92 11.06 47.71
CA SER E 385 -26.03 10.58 46.34
C SER E 385 -25.39 11.56 45.37
N GLY E 386 -25.76 12.84 45.47
CA GLY E 386 -25.15 13.85 44.61
C GLY E 386 -23.68 14.05 44.88
N LEU E 387 -23.27 13.99 46.15
CA LEU E 387 -21.86 14.15 46.48
C LEU E 387 -21.01 13.05 45.86
N ILE E 388 -21.44 11.80 45.99
CA ILE E 388 -20.70 10.68 45.41
C ILE E 388 -20.75 10.74 43.89
N TRP E 389 -21.89 11.18 43.33
CA TRP E 389 -21.96 11.34 41.88
C TRP E 389 -20.96 12.37 41.39
N ARG E 390 -20.82 13.49 42.08
CA ARG E 390 -19.84 14.50 41.68
C ARG E 390 -18.42 14.00 41.86
N ARG E 391 -18.15 13.27 42.96
CA ARG E 391 -16.81 12.74 43.18
C ARG E 391 -16.43 11.75 42.10
N LEU E 392 -17.38 10.90 41.68
CA LEU E 392 -17.12 9.97 40.59
C LEU E 392 -17.00 10.68 39.24
N LEU E 393 -17.79 11.74 39.03
CA LEU E 393 -17.68 12.53 37.82
C LEU E 393 -16.31 13.19 37.70
N SER E 394 -15.71 13.57 38.82
CA SER E 394 -14.32 14.03 38.81
C SER E 394 -13.33 12.94 38.41
N PHE E 395 -13.69 11.67 38.62
CA PHE E 395 -12.77 10.58 38.31
C PHE E 395 -12.50 10.48 36.81
N LEU E 396 -13.56 10.53 35.98
CA LEU E 396 -13.34 10.47 34.54
C LEU E 396 -12.69 11.73 34.00
N GLY E 397 -12.89 12.88 34.67
CA GLY E 397 -12.17 14.08 34.29
C GLY E 397 -10.71 14.06 34.67
N ARG E 398 -10.35 13.29 35.69
CA ARG E 398 -8.95 13.15 36.08
C ARG E 398 -8.24 12.06 35.26
N GLN E 399 -8.85 10.88 35.14
CA GLN E 399 -8.28 9.78 34.38
C GLN E 399 -8.84 9.83 32.97
N LEU E 400 -7.97 10.09 31.99
CA LEU E 400 -8.38 10.16 30.61
C LEU E 400 -8.09 8.85 29.87
MG MG F . -22.25 -1.28 28.81
MG MG G . -29.79 -1.72 38.57
MG MG H . -41.91 -2.41 54.25
#